data_3FT7
# 
_entry.id   3FT7 
# 
_audit_conform.dict_name       mmcif_pdbx.dic 
_audit_conform.dict_version    5.380 
_audit_conform.dict_location   http://mmcif.pdb.org/dictionaries/ascii/mmcif_pdbx.dic 
# 
loop_
_database_2.database_id 
_database_2.database_code 
_database_2.pdbx_database_accession 
_database_2.pdbx_DOI 
PDB   3FT7         pdb_00003ft7 10.2210/pdb3ft7/pdb 
RCSB  RCSB051012   ?            ?                   
WWPDB D_1000051012 ?            ?                   
# 
_pdbx_database_related.db_name        PDB 
_pdbx_database_related.db_id          2K9I 
_pdbx_database_related.details        'NMR structure' 
_pdbx_database_related.content_type   unspecified 
# 
_pdbx_database_status.entry_id                        3FT7 
_pdbx_database_status.deposit_site                    RCSB 
_pdbx_database_status.process_site                    PDBJ 
_pdbx_database_status.recvd_initial_deposition_date   2009-01-12 
_pdbx_database_status.status_code                     REL 
_pdbx_database_status.status_code_sf                  REL 
_pdbx_database_status.status_code_mr                  ? 
_pdbx_database_status.SG_entry                        ? 
_pdbx_database_status.status_code_cs                  ? 
_pdbx_database_status.pdb_format_compatible           Y 
_pdbx_database_status.methods_development_category    ? 
_pdbx_database_status.status_code_nmr_data            ? 
# 
loop_
_audit_author.name 
_audit_author.pdbx_ordinal 
'Neumann, P.'   1 
'Loew, C.'      2 
'Weininger, U.' 3 
'Stubbs, M.T.'  4 
# 
_citation.id                        primary 
_citation.title                     
'Structure-Based Stability Analysis of an Extremely Stable Dimeric DNA Binding Protein from Sulfolobus islandicus' 
_citation.journal_abbrev            Biochemistry 
_citation.journal_volume            48 
_citation.page_first                10030 
_citation.page_last                 10037 
_citation.year                      2009 
_citation.journal_id_ASTM           BICHAW 
_citation.country                   US 
_citation.journal_id_ISSN           0006-2960 
_citation.journal_id_CSD            0033 
_citation.book_publisher            ? 
_citation.pdbx_database_id_PubMed   19788170 
_citation.pdbx_database_id_DOI      10.1021/bi900760n 
# 
loop_
_citation_author.citation_id 
_citation_author.name 
_citation_author.ordinal 
_citation_author.identifier_ORCID 
primary 'Weininger, U.' 1 ? 
primary 'Zeeb, M.'      2 ? 
primary 'Neumann, P.'   3 ? 
primary 'Low, C.'       4 ? 
primary 'Stubbs, M.T.'  5 ? 
primary 'Lipps, G.'     6 ? 
primary 'Balbach, J.'   7 ? 
# 
_cell.entry_id           3FT7 
_cell.length_a           33.030 
_cell.length_b           33.030 
_cell.length_c           85.690 
_cell.angle_alpha        90.00 
_cell.angle_beta         90.00 
_cell.angle_gamma        90.00 
_cell.Z_PDB              8 
_cell.pdbx_unique_axis   ? 
_cell.length_a_esd       ? 
_cell.length_b_esd       ? 
_cell.length_c_esd       ? 
_cell.angle_alpha_esd    ? 
_cell.angle_beta_esd     ? 
_cell.angle_gamma_esd    ? 
# 
_symmetry.entry_id                         3FT7 
_symmetry.space_group_name_H-M             'P 43' 
_symmetry.pdbx_full_space_group_name_H-M   ? 
_symmetry.cell_setting                     ? 
_symmetry.Int_Tables_number                78 
_symmetry.space_group_name_Hall            ? 
# 
loop_
_entity.id 
_entity.type 
_entity.src_method 
_entity.pdbx_description 
_entity.formula_weight 
_entity.pdbx_number_of_molecules 
_entity.pdbx_ec 
_entity.pdbx_mutation 
_entity.pdbx_fragment 
_entity.details 
1 polymer     man 'Uncharacterized protein ORF56' 6536.647 2  ? ? ? ? 
2 non-polymer syn GLYCEROL                        92.094   1  ? ? ? ? 
3 water       nat water                           18.015   41 ? ? ? ? 
# 
_entity_poly.entity_id                      1 
_entity_poly.type                           'polypeptide(L)' 
_entity_poly.nstd_linkage                   no 
_entity_poly.nstd_monomer                   no 
_entity_poly.pdbx_seq_one_letter_code       GRPYKLLNGIKLGVYIPQEWHDRLMEIAKEKNLTLSDVCRLAIKEYLDNHDKQKK 
_entity_poly.pdbx_seq_one_letter_code_can   GRPYKLLNGIKLGVYIPQEWHDRLMEIAKEKNLTLSDVCRLAIKEYLDNHDKQKK 
_entity_poly.pdbx_strand_id                 A,B 
_entity_poly.pdbx_target_identifier         ? 
# 
loop_
_entity_poly_seq.entity_id 
_entity_poly_seq.num 
_entity_poly_seq.mon_id 
_entity_poly_seq.hetero 
1 1  GLY n 
1 2  ARG n 
1 3  PRO n 
1 4  TYR n 
1 5  LYS n 
1 6  LEU n 
1 7  LEU n 
1 8  ASN n 
1 9  GLY n 
1 10 ILE n 
1 11 LYS n 
1 12 LEU n 
1 13 GLY n 
1 14 VAL n 
1 15 TYR n 
1 16 ILE n 
1 17 PRO n 
1 18 GLN n 
1 19 GLU n 
1 20 TRP n 
1 21 HIS n 
1 22 ASP n 
1 23 ARG n 
1 24 LEU n 
1 25 MET n 
1 26 GLU n 
1 27 ILE n 
1 28 ALA n 
1 29 LYS n 
1 30 GLU n 
1 31 LYS n 
1 32 ASN n 
1 33 LEU n 
1 34 THR n 
1 35 LEU n 
1 36 SER n 
1 37 ASP n 
1 38 VAL n 
1 39 CYS n 
1 40 ARG n 
1 41 LEU n 
1 42 ALA n 
1 43 ILE n 
1 44 LYS n 
1 45 GLU n 
1 46 TYR n 
1 47 LEU n 
1 48 ASP n 
1 49 ASN n 
1 50 HIS n 
1 51 ASP n 
1 52 LYS n 
1 53 GLN n 
1 54 LYS n 
1 55 LYS n 
# 
_entity_src_gen.entity_id                          1 
_entity_src_gen.pdbx_src_id                        1 
_entity_src_gen.pdbx_alt_source_flag               sample 
_entity_src_gen.pdbx_seq_type                      ? 
_entity_src_gen.pdbx_beg_seq_num                   ? 
_entity_src_gen.pdbx_end_seq_num                   ? 
_entity_src_gen.gene_src_common_name               ? 
_entity_src_gen.gene_src_genus                     ? 
_entity_src_gen.pdbx_gene_src_gene                 'PLASMID PRN1' 
_entity_src_gen.gene_src_species                   ? 
_entity_src_gen.gene_src_strain                    ? 
_entity_src_gen.gene_src_tissue                    ? 
_entity_src_gen.gene_src_tissue_fraction           ? 
_entity_src_gen.gene_src_details                   ? 
_entity_src_gen.pdbx_gene_src_fragment             ? 
_entity_src_gen.pdbx_gene_src_scientific_name      'Sulfolobus islandicus' 
_entity_src_gen.pdbx_gene_src_ncbi_taxonomy_id     43080 
_entity_src_gen.pdbx_gene_src_variant              ? 
_entity_src_gen.pdbx_gene_src_cell_line            ? 
_entity_src_gen.pdbx_gene_src_atcc                 ? 
_entity_src_gen.pdbx_gene_src_organ                ? 
_entity_src_gen.pdbx_gene_src_organelle            ? 
_entity_src_gen.pdbx_gene_src_cell                 ? 
_entity_src_gen.pdbx_gene_src_cellular_location    ? 
_entity_src_gen.host_org_common_name               ? 
_entity_src_gen.pdbx_host_org_scientific_name      'Escherichia coli' 
_entity_src_gen.pdbx_host_org_ncbi_taxonomy_id     562 
_entity_src_gen.host_org_genus                     ? 
_entity_src_gen.pdbx_host_org_gene                 ? 
_entity_src_gen.pdbx_host_org_organ                ? 
_entity_src_gen.host_org_species                   ? 
_entity_src_gen.pdbx_host_org_tissue               ? 
_entity_src_gen.pdbx_host_org_tissue_fraction      ? 
_entity_src_gen.pdbx_host_org_strain               BL21 
_entity_src_gen.pdbx_host_org_variant              ? 
_entity_src_gen.pdbx_host_org_cell_line            ? 
_entity_src_gen.pdbx_host_org_atcc                 ? 
_entity_src_gen.pdbx_host_org_culture_collection   ? 
_entity_src_gen.pdbx_host_org_cell                 ? 
_entity_src_gen.pdbx_host_org_organelle            ? 
_entity_src_gen.pdbx_host_org_cellular_location    ? 
_entity_src_gen.pdbx_host_org_vector_type          plasmid 
_entity_src_gen.pdbx_host_org_vector               ? 
_entity_src_gen.host_org_details                   ? 
_entity_src_gen.expression_system_id               ? 
_entity_src_gen.plasmid_name                       PET28C? 
_entity_src_gen.plasmid_details                    ? 
_entity_src_gen.pdbx_description                   ? 
# 
_struct_ref.id                         1 
_struct_ref.db_name                    UNP 
_struct_ref.db_code                    Q54323_SULIS 
_struct_ref.pdbx_db_accession          Q54323 
_struct_ref.entity_id                  1 
_struct_ref.pdbx_seq_one_letter_code   GRPYKLLNGIKLGVYIPQEWHDRLMEIAKEKNLTLSDVCRLAIKEYLDNHDKQKK 
_struct_ref.pdbx_align_begin           2 
_struct_ref.pdbx_db_isoform            ? 
# 
loop_
_struct_ref_seq.align_id 
_struct_ref_seq.ref_id 
_struct_ref_seq.pdbx_PDB_id_code 
_struct_ref_seq.pdbx_strand_id 
_struct_ref_seq.seq_align_beg 
_struct_ref_seq.pdbx_seq_align_beg_ins_code 
_struct_ref_seq.seq_align_end 
_struct_ref_seq.pdbx_seq_align_end_ins_code 
_struct_ref_seq.pdbx_db_accession 
_struct_ref_seq.db_align_beg 
_struct_ref_seq.pdbx_db_align_beg_ins_code 
_struct_ref_seq.db_align_end 
_struct_ref_seq.pdbx_db_align_end_ins_code 
_struct_ref_seq.pdbx_auth_seq_align_beg 
_struct_ref_seq.pdbx_auth_seq_align_end 
1 1 3FT7 A 1 ? 55 ? Q54323 2 ? 56 ? 2 56 
2 1 3FT7 B 1 ? 55 ? Q54323 2 ? 56 ? 2 56 
# 
loop_
_chem_comp.id 
_chem_comp.type 
_chem_comp.mon_nstd_flag 
_chem_comp.name 
_chem_comp.pdbx_synonyms 
_chem_comp.formula 
_chem_comp.formula_weight 
ALA 'L-peptide linking' y ALANINE         ?                               'C3 H7 N O2'     89.093  
ARG 'L-peptide linking' y ARGININE        ?                               'C6 H15 N4 O2 1' 175.209 
ASN 'L-peptide linking' y ASPARAGINE      ?                               'C4 H8 N2 O3'    132.118 
ASP 'L-peptide linking' y 'ASPARTIC ACID' ?                               'C4 H7 N O4'     133.103 
CYS 'L-peptide linking' y CYSTEINE        ?                               'C3 H7 N O2 S'   121.158 
GLN 'L-peptide linking' y GLUTAMINE       ?                               'C5 H10 N2 O3'   146.144 
GLU 'L-peptide linking' y 'GLUTAMIC ACID' ?                               'C5 H9 N O4'     147.129 
GLY 'peptide linking'   y GLYCINE         ?                               'C2 H5 N O2'     75.067  
GOL non-polymer         . GLYCEROL        'GLYCERIN; PROPANE-1,2,3-TRIOL' 'C3 H8 O3'       92.094  
HIS 'L-peptide linking' y HISTIDINE       ?                               'C6 H10 N3 O2 1' 156.162 
HOH non-polymer         . WATER           ?                               'H2 O'           18.015  
ILE 'L-peptide linking' y ISOLEUCINE      ?                               'C6 H13 N O2'    131.173 
LEU 'L-peptide linking' y LEUCINE         ?                               'C6 H13 N O2'    131.173 
LYS 'L-peptide linking' y LYSINE          ?                               'C6 H15 N2 O2 1' 147.195 
MET 'L-peptide linking' y METHIONINE      ?                               'C5 H11 N O2 S'  149.211 
PRO 'L-peptide linking' y PROLINE         ?                               'C5 H9 N O2'     115.130 
SER 'L-peptide linking' y SERINE          ?                               'C3 H7 N O3'     105.093 
THR 'L-peptide linking' y THREONINE       ?                               'C4 H9 N O3'     119.119 
TRP 'L-peptide linking' y TRYPTOPHAN      ?                               'C11 H12 N2 O2'  204.225 
TYR 'L-peptide linking' y TYROSINE        ?                               'C9 H11 N O3'    181.189 
VAL 'L-peptide linking' y VALINE          ?                               'C5 H11 N O2'    117.146 
# 
_exptl.crystals_number   1 
_exptl.entry_id          3FT7 
_exptl.method            'X-RAY DIFFRACTION' 
# 
_exptl_crystal.id                    1 
_exptl_crystal.pdbx_mosaicity        0.750 
_exptl_crystal.pdbx_mosaicity_esd    ? 
_exptl_crystal.density_Matthews      1.7877 
_exptl_crystal.density_diffrn        ? 
_exptl_crystal.density_meas          ? 
_exptl_crystal.density_meas_temp     ? 
_exptl_crystal.density_percent_sol   31.1971 
_exptl_crystal.size_max              ? 
_exptl_crystal.size_mid              ? 
_exptl_crystal.size_min              ? 
_exptl_crystal.size_rad              ? 
_exptl_crystal.description           ? 
_exptl_crystal.F_000                 ? 
_exptl_crystal.preparation           ? 
# 
_exptl_crystal_grow.crystal_id      1 
_exptl_crystal_grow.method          'VAPOR DIFFUSION, HANGING DROP' 
_exptl_crystal_grow.pH              7.5 
_exptl_crystal_grow.temp            293 
_exptl_crystal_grow.temp_details    ? 
_exptl_crystal_grow.pdbx_details    
;16-22% PEG 4000,  100mM HEPES pH 7.5 
, VAPOR DIFFUSION, HANGING DROP, temperature 293K
;
_exptl_crystal_grow.pdbx_pH_range   . 
# 
_diffrn.id                     1 
_diffrn.ambient_temp           100 
_diffrn.ambient_temp_details   ? 
_diffrn.crystal_id             1 
# 
_diffrn_detector.diffrn_id              1 
_diffrn_detector.detector               'IMAGE PLATE' 
_diffrn_detector.type                   'RIGAKU RAXIS IV++' 
_diffrn_detector.pdbx_collection_date   2007-07-07 
_diffrn_detector.details                mirrors 
# 
_diffrn_radiation.diffrn_id                        1 
_diffrn_radiation.wavelength_id                    1 
_diffrn_radiation.pdbx_diffrn_protocol             'SINGLE WAVELENGTH' 
_diffrn_radiation.monochromator                    GRAPHITE 
_diffrn_radiation.pdbx_monochromatic_or_laue_m_l   M 
_diffrn_radiation.pdbx_scattering_type             x-ray 
# 
_diffrn_radiation_wavelength.id           1 
_diffrn_radiation_wavelength.wavelength   1.5418 
_diffrn_radiation_wavelength.wt           1.0 
# 
_diffrn_source.diffrn_id                   1 
_diffrn_source.source                      'ROTATING ANODE' 
_diffrn_source.type                        'RIGAKU MICROMAX-002' 
_diffrn_source.pdbx_wavelength             ? 
_diffrn_source.pdbx_wavelength_list        1.5418 
_diffrn_source.pdbx_synchrotron_site       ? 
_diffrn_source.pdbx_synchrotron_beamline   ? 
# 
_reflns.entry_id                     3FT7 
_reflns.d_resolution_high            2.000 
_reflns.d_resolution_low             85.749 
_reflns.number_all                   ? 
_reflns.number_obs                   6218 
_reflns.pdbx_Rmerge_I_obs            0.080 
_reflns.pdbx_netI_over_sigmaI        6.307 
_reflns.pdbx_Rsym_value              0.080 
_reflns.pdbx_redundancy              4.200 
_reflns.percent_possible_obs         99.600 
_reflns.observed_criterion_sigma_F   0 
_reflns.observed_criterion_sigma_I   0 
_reflns.B_iso_Wilson_estimate        26.651 
_reflns.R_free_details               ? 
_reflns.limit_h_max                  ? 
_reflns.limit_h_min                  ? 
_reflns.limit_k_max                  ? 
_reflns.limit_k_min                  ? 
_reflns.limit_l_max                  ? 
_reflns.limit_l_min                  ? 
_reflns.observed_criterion_F_max     ? 
_reflns.observed_criterion_F_min     ? 
_reflns.pdbx_chi_squared             ? 
_reflns.pdbx_scaling_rejects         ? 
_reflns.pdbx_ordinal                 1 
_reflns.pdbx_diffrn_id               1 
# 
loop_
_reflns_shell.d_res_high 
_reflns_shell.d_res_low 
_reflns_shell.number_measured_obs 
_reflns_shell.number_measured_all 
_reflns_shell.number_unique_obs 
_reflns_shell.Rmerge_I_obs 
_reflns_shell.meanI_over_sigI_obs 
_reflns_shell.pdbx_Rsym_value 
_reflns_shell.pdbx_chi_squared 
_reflns_shell.pdbx_redundancy 
_reflns_shell.percent_possible_obs 
_reflns_shell.number_unique_all 
_reflns_shell.percent_possible_all 
_reflns_shell.pdbx_ordinal 
_reflns_shell.pdbx_diffrn_id 
2.00 2.11  ? 3846 ? 0.623 1.2  0.623 ? 4.20 ? 911 99.70 1  1 
2.11 2.24  ? 3571 ? 0.425 1.9  0.425 ? 4.20 ? 851 99.90 2  1 
2.24 2.39  ? 3428 ? 0.298 2.6  0.298 ? 4.20 ? 809 99.90 3  1 
2.39 2.58  ? 3181 ? 0.212 3.6  0.212 ? 4.20 ? 753 99.80 4  1 
2.58 2.83  ? 2953 ? 0.142 5.5  0.142 ? 4.20 ? 696 99.80 5  1 
2.83 3.16  ? 2662 ? 0.083 9.1  0.083 ? 4.30 ? 625 99.80 6  1 
3.16 3.65  ? 2384 ? 0.061 10.8 0.061 ? 4.30 ? 560 99.60 7  1 
3.65 4.47  ? 1919 ? 0.045 12.8 0.045 ? 4.30 ? 446 99.10 8  1 
4.47 6.32  ? 1580 ? 0.047 11.0 0.047 ? 4.30 ? 367 98.50 9  1 
6.32 33.03 ? 840  ? 0.034 11.9 0.034 ? 4.20 ? 200 98.20 10 1 
# 
_refine.entry_id                                 3FT7 
_refine.ls_d_res_high                            2.000 
_refine.ls_d_res_low                             33.030 
_refine.pdbx_ls_sigma_F                          1.47 
_refine.ls_percent_reflns_obs                    96.220 
_refine.ls_number_reflns_obs                     5849 
_refine.ls_R_factor_obs                          0.177 
_refine.ls_R_factor_R_work                       0.171 
_refine.ls_R_factor_R_free                       0.237 
_refine.ls_percent_reflns_R_free                 9.130 
_refine.ls_number_reflns_R_free                  1077 
_refine.B_iso_mean                               49.037 
_refine.solvent_model_param_bsol                 89.474 
_refine.solvent_model_param_ksol                 0.363 
_refine.aniso_B[1][1]                            5.628 
_refine.aniso_B[2][2]                            5.628 
_refine.aniso_B[3][3]                            -15.530 
_refine.aniso_B[1][2]                            0.000 
_refine.aniso_B[1][3]                            -0.000 
_refine.aniso_B[2][3]                            0.000 
_refine.solvent_model_details                    'FLAT BULK SOLVENT MODEL' 
_refine.pdbx_solvent_vdw_probe_radii             1.110 
_refine.pdbx_solvent_shrinkage_radii             0.900 
_refine.pdbx_method_to_determine_struct          'MOLECULAR REPLACEMENT' 
_refine.pdbx_stereochemistry_target_values       TWIN_LSQ_F 
_refine.B_iso_max                                132.30 
_refine.B_iso_min                                9.88 
_refine.occupancy_max                            1.00 
_refine.occupancy_min                            0.00 
_refine.pdbx_ls_sigma_I                          0 
_refine.ls_number_reflns_all                     11792 
_refine.ls_R_factor_all                          ? 
_refine.ls_redundancy_reflns_obs                 ? 
_refine.pdbx_data_cutoff_high_absF               ? 
_refine.pdbx_data_cutoff_low_absF                ? 
_refine.ls_number_parameters                     ? 
_refine.ls_number_restraints                     ? 
_refine.ls_R_factor_R_free_error                 ? 
_refine.ls_R_factor_R_free_error_details         ? 
_refine.pdbx_starting_model                      'PDB ENTRY 1MYK, 1PAR' 
_refine.pdbx_ls_cross_valid_method               THROUGHOUT 
_refine.pdbx_R_Free_selection_details            RANDOM 
_refine.pdbx_stereochem_target_val_spec_case     ? 
_refine.pdbx_isotropic_thermal_model             'Isotropic, TLS refinement' 
_refine.details                                  ? 
_refine.correlation_coeff_Fo_to_Fc               ? 
_refine.correlation_coeff_Fo_to_Fc_free          ? 
_refine.pdbx_solvent_ion_probe_radii             ? 
_refine.overall_SU_R_Cruickshank_DPI             ? 
_refine.overall_SU_R_free                        ? 
_refine.overall_SU_ML                            ? 
_refine.overall_SU_B                             ? 
_refine.pdbx_overall_ESU_R_Free                  ? 
_refine.pdbx_data_cutoff_high_rms_absF           ? 
_refine.ls_wR_factor_R_free                      ? 
_refine.ls_wR_factor_R_work                      ? 
_refine.overall_FOM_free_R_set                   ? 
_refine.overall_FOM_work_R_set                   ? 
_refine.pdbx_refine_id                           'X-RAY DIFFRACTION' 
_refine.pdbx_overall_phase_error                 ? 
_refine.pdbx_overall_ESU_R                       ? 
_refine.pdbx_diffrn_id                           1 
_refine.pdbx_TLS_residual_ADP_flag               ? 
_refine.pdbx_overall_SU_R_free_Cruickshank_DPI   ? 
_refine.pdbx_overall_SU_R_Blow_DPI               ? 
_refine.pdbx_overall_SU_R_free_Blow_DPI          ? 
# 
_refine_analyze.entry_id                        3FT7 
_refine_analyze.Luzzati_coordinate_error_obs    0.234 
_refine_analyze.Luzzati_sigma_a_obs             0.256 
_refine_analyze.Luzzati_d_res_low_obs           6 
_refine_analyze.Luzzati_coordinate_error_free   0.278 
_refine_analyze.Luzzati_sigma_a_free            0.267 
_refine_analyze.Luzzati_d_res_low_free          ? 
_refine_analyze.number_disordered_residues      ? 
_refine_analyze.occupancy_sum_non_hydrogen      ? 
_refine_analyze.occupancy_sum_hydrogen          ? 
_refine_analyze.pdbx_Luzzati_d_res_high_obs     ? 
_refine_analyze.pdbx_refine_id                  'X-RAY DIFFRACTION' 
# 
_refine_hist.pdbx_refine_id                   'X-RAY DIFFRACTION' 
_refine_hist.cycle_id                         LAST 
_refine_hist.pdbx_number_atoms_protein        744 
_refine_hist.pdbx_number_atoms_nucleic_acid   0 
_refine_hist.pdbx_number_atoms_ligand         6 
_refine_hist.number_atoms_solvent             41 
_refine_hist.number_atoms_total               791 
_refine_hist.d_res_high                       2.000 
_refine_hist.d_res_low                        33.030 
# 
loop_
_refine_ls_restr.type 
_refine_ls_restr.number 
_refine_ls_restr.dev_ideal 
_refine_ls_restr.dev_ideal_target 
_refine_ls_restr.weight 
_refine_ls_restr.pdbx_refine_id 
_refine_ls_restr.pdbx_restraint_function 
f_bond_d           761  0.016  ? ? 'X-RAY DIFFRACTION' ? 
f_angle_d          1024 1.933  ? ? 'X-RAY DIFFRACTION' ? 
f_chiral_restr     116  0.103  ? ? 'X-RAY DIFFRACTION' ? 
f_plane_restr      127  0.008  ? ? 'X-RAY DIFFRACTION' ? 
f_dihedral_angle_d 285  21.949 ? ? 'X-RAY DIFFRACTION' ? 
# 
loop_
_refine_ls_shell.d_res_high 
_refine_ls_shell.d_res_low 
_refine_ls_shell.pdbx_total_number_of_bins_used 
_refine_ls_shell.percent_reflns_obs 
_refine_ls_shell.number_reflns_R_work 
_refine_ls_shell.R_factor_all 
_refine_ls_shell.R_factor_R_work 
_refine_ls_shell.R_factor_R_free 
_refine_ls_shell.percent_reflns_R_free 
_refine_ls_shell.number_reflns_R_free 
_refine_ls_shell.R_factor_R_free_error 
_refine_ls_shell.number_reflns_all 
_refine_ls_shell.number_reflns_obs 
_refine_ls_shell.redundancy_reflns_obs 
_refine_ls_shell.pdbx_refine_id 
2.000 2.125  6 98.000 1803 . 0.282 0.344 . 163 . 1966 . . 'X-RAY DIFFRACTION' 
2.125 2.289  6 98.000 1757 . 0.246 0.296 . 172 . 1929 . . 'X-RAY DIFFRACTION' 
2.289 2.520  6 98.000 1836 . 0.241 0.333 . 144 . 1980 . . 'X-RAY DIFFRACTION' 
2.520 2.884  6 98.000 1766 . 0.197 0.292 . 174 . 1940 . . 'X-RAY DIFFRACTION' 
2.884 3.633  6 98.000 1795 . 0.147 0.245 . 201 . 1996 . . 'X-RAY DIFFRACTION' 
3.633 33.035 6 98.000 1804 . 0.123 0.172 . 177 . 1981 . . 'X-RAY DIFFRACTION' 
# 
_struct.entry_id                  3FT7 
_struct.title                     'Crystal structure of an extremely stable dimeric protein from sulfolobus islandicus' 
_struct.pdbx_model_details        ? 
_struct.pdbx_CASP_flag            N 
_struct.pdbx_model_type_details   ? 
# 
_struct_keywords.entry_id        3FT7 
_struct_keywords.pdbx_keywords   'DNA BINDING PROTEIN' 
_struct_keywords.text            'PLASMID COPY CONTROL PROTEIN, RIBBON HELIX HELIX PROTEIN, DNA BINDING PROTEIN' 
# 
loop_
_struct_asym.id 
_struct_asym.pdbx_blank_PDB_chainid_flag 
_struct_asym.pdbx_modified 
_struct_asym.entity_id 
_struct_asym.details 
A N N 1 ? 
B N N 1 ? 
C N N 2 ? 
D N N 3 ? 
E N N 3 ? 
# 
_struct_biol.id        1 
_struct_biol.details   ? 
# 
loop_
_struct_conf.conf_type_id 
_struct_conf.id 
_struct_conf.pdbx_PDB_helix_id 
_struct_conf.beg_label_comp_id 
_struct_conf.beg_label_asym_id 
_struct_conf.beg_label_seq_id 
_struct_conf.pdbx_beg_PDB_ins_code 
_struct_conf.end_label_comp_id 
_struct_conf.end_label_asym_id 
_struct_conf.end_label_seq_id 
_struct_conf.pdbx_end_PDB_ins_code 
_struct_conf.beg_auth_comp_id 
_struct_conf.beg_auth_asym_id 
_struct_conf.beg_auth_seq_id 
_struct_conf.end_auth_comp_id 
_struct_conf.end_auth_asym_id 
_struct_conf.end_auth_seq_id 
_struct_conf.pdbx_PDB_helix_class 
_struct_conf.details 
_struct_conf.pdbx_PDB_helix_length 
HELX_P HELX_P1 1 PRO A 17 ? ASN A 32 ? PRO A 18 ASN A 33 1 ? 16 
HELX_P HELX_P2 2 THR A 34 ? HIS A 50 ? THR A 35 HIS A 51 1 ? 17 
HELX_P HELX_P3 3 PRO B 17 ? LYS B 31 ? PRO B 18 LYS B 32 1 ? 15 
HELX_P HELX_P4 4 THR B 34 ? ASN B 49 ? THR B 35 ASN B 50 1 ? 16 
# 
_struct_conf_type.id          HELX_P 
_struct_conf_type.criteria    ? 
_struct_conf_type.reference   ? 
# 
_struct_sheet.id               A 
_struct_sheet.type             ? 
_struct_sheet.number_strands   2 
_struct_sheet.details          ? 
# 
_struct_sheet_order.sheet_id     A 
_struct_sheet_order.range_id_1   1 
_struct_sheet_order.range_id_2   2 
_struct_sheet_order.offset       ? 
_struct_sheet_order.sense        anti-parallel 
# 
loop_
_struct_sheet_range.sheet_id 
_struct_sheet_range.id 
_struct_sheet_range.beg_label_comp_id 
_struct_sheet_range.beg_label_asym_id 
_struct_sheet_range.beg_label_seq_id 
_struct_sheet_range.pdbx_beg_PDB_ins_code 
_struct_sheet_range.end_label_comp_id 
_struct_sheet_range.end_label_asym_id 
_struct_sheet_range.end_label_seq_id 
_struct_sheet_range.pdbx_end_PDB_ins_code 
_struct_sheet_range.beg_auth_comp_id 
_struct_sheet_range.beg_auth_asym_id 
_struct_sheet_range.beg_auth_seq_id 
_struct_sheet_range.end_auth_comp_id 
_struct_sheet_range.end_auth_asym_id 
_struct_sheet_range.end_auth_seq_id 
A 1 TYR A 15 ? ILE A 16 ? TYR A 16 ILE A 17 
A 2 ILE B 10 ? LYS B 11 ? ILE B 11 LYS B 12 
# 
_pdbx_struct_sheet_hbond.sheet_id                A 
_pdbx_struct_sheet_hbond.range_id_1              1 
_pdbx_struct_sheet_hbond.range_id_2              2 
_pdbx_struct_sheet_hbond.range_1_label_atom_id   N 
_pdbx_struct_sheet_hbond.range_1_label_comp_id   ILE 
_pdbx_struct_sheet_hbond.range_1_label_asym_id   A 
_pdbx_struct_sheet_hbond.range_1_label_seq_id    16 
_pdbx_struct_sheet_hbond.range_1_PDB_ins_code    ? 
_pdbx_struct_sheet_hbond.range_1_auth_atom_id    N 
_pdbx_struct_sheet_hbond.range_1_auth_comp_id    ILE 
_pdbx_struct_sheet_hbond.range_1_auth_asym_id    A 
_pdbx_struct_sheet_hbond.range_1_auth_seq_id     17 
_pdbx_struct_sheet_hbond.range_2_label_atom_id   O 
_pdbx_struct_sheet_hbond.range_2_label_comp_id   ILE 
_pdbx_struct_sheet_hbond.range_2_label_asym_id   B 
_pdbx_struct_sheet_hbond.range_2_label_seq_id    10 
_pdbx_struct_sheet_hbond.range_2_PDB_ins_code    ? 
_pdbx_struct_sheet_hbond.range_2_auth_atom_id    O 
_pdbx_struct_sheet_hbond.range_2_auth_comp_id    ILE 
_pdbx_struct_sheet_hbond.range_2_auth_asym_id    B 
_pdbx_struct_sheet_hbond.range_2_auth_seq_id     11 
# 
_struct_site.id                   AC1 
_struct_site.pdbx_evidence_code   Software 
_struct_site.pdbx_auth_asym_id    A 
_struct_site.pdbx_auth_comp_id    GOL 
_struct_site.pdbx_auth_seq_id     57 
_struct_site.pdbx_auth_ins_code   ? 
_struct_site.pdbx_num_residues    2 
_struct_site.details              'BINDING SITE FOR RESIDUE GOL A 57' 
# 
loop_
_struct_site_gen.id 
_struct_site_gen.site_id 
_struct_site_gen.pdbx_num_res 
_struct_site_gen.label_comp_id 
_struct_site_gen.label_asym_id 
_struct_site_gen.label_seq_id 
_struct_site_gen.pdbx_auth_ins_code 
_struct_site_gen.auth_comp_id 
_struct_site_gen.auth_asym_id 
_struct_site_gen.auth_seq_id 
_struct_site_gen.label_atom_id 
_struct_site_gen.label_alt_id 
_struct_site_gen.symmetry 
_struct_site_gen.details 
1 AC1 2 ASP A 37 ? ASP A 38 . ? 1_555 ? 
2 AC1 2 ARG A 40 ? ARG A 41 . ? 1_555 ? 
# 
_atom_sites.entry_id                    3FT7 
_atom_sites.fract_transf_matrix[1][1]   -0.02764422 
_atom_sites.fract_transf_matrix[1][2]   0.00091793 
_atom_sites.fract_transf_matrix[1][3]   0.01231222 
_atom_sites.fract_transf_matrix[2][1]   0.01202405 
_atom_sites.fract_transf_matrix[2][2]   0.00885557 
_atom_sites.fract_transf_matrix[2][3]   0.02633699 
_atom_sites.fract_transf_matrix[3][1]   -0.00108033 
_atom_sites.fract_transf_matrix[3][2]   0.01115403 
_atom_sites.fract_transf_matrix[3][3]   -0.00325721 
_atom_sites.fract_transf_vector[1]      0.175244 
_atom_sites.fract_transf_vector[2]      -0.007044 
_atom_sites.fract_transf_vector[3]      -0.000350 
# 
loop_
_atom_type.symbol 
C 
N 
O 
S 
# 
loop_
_atom_site.group_PDB 
_atom_site.id 
_atom_site.type_symbol 
_atom_site.label_atom_id 
_atom_site.label_alt_id 
_atom_site.label_comp_id 
_atom_site.label_asym_id 
_atom_site.label_entity_id 
_atom_site.label_seq_id 
_atom_site.pdbx_PDB_ins_code 
_atom_site.Cartn_x 
_atom_site.Cartn_y 
_atom_site.Cartn_z 
_atom_site.occupancy 
_atom_site.B_iso_or_equiv 
_atom_site.pdbx_formal_charge 
_atom_site.auth_seq_id 
_atom_site.auth_comp_id 
_atom_site.auth_asym_id 
_atom_site.auth_atom_id 
_atom_site.pdbx_PDB_model_num 
ATOM   1   N N   . LEU A 1 7  ? -5.193  -8.634  9.642   1.00   47.54  ? 8  LEU A N   1 
ATOM   2   C CA  . LEU A 1 7  ? -4.169  -8.488  10.683  1.00   73.98  ? 8  LEU A CA  1 
ATOM   3   C C   . LEU A 1 7  ? -4.680  -7.760  11.936  1.00   65.51  ? 8  LEU A C   1 
ATOM   4   O O   . LEU A 1 7  ? -5.889  -7.677  12.128  1.00   48.41  ? 8  LEU A O   1 
ATOM   5   C CB  . LEU A 1 7  ? -2.912  -7.804  10.128  1.00   93.41  ? 8  LEU A CB  1 
ATOM   6   C CG  . LEU A 1 7  ? -1.683  -8.718  10.016  1.00   86.14  ? 8  LEU A CG  1 
ATOM   7   C CD1 . LEU A 1 7  ? -1.941  -9.896  9.089   1.00   81.67  ? 8  LEU A CD1 1 
ATOM   8   C CD2 . LEU A 1 7  ? -0.421  -7.966  9.587   1.00   57.71  ? 8  LEU A CD2 1 
ATOM   9   N N   . ASN A 1 8  ? -3.747  -7.259  12.766  1.00   85.78  ? 9  ASN A N   1 
ATOM   10  C CA  . ASN A 1 8  ? -4.001  -6.534  14.037  1.00   93.78  ? 9  ASN A CA  1 
ATOM   11  C C   . ASN A 1 8  ? -3.601  -5.067  13.839  1.00   78.51  ? 9  ASN A C   1 
ATOM   12  O O   . ASN A 1 8  ? -3.566  -4.604  12.709  1.00   61.54  ? 9  ASN A O   1 
ATOM   13  C CB  . ASN A 1 8  ? -3.168  -7.148  15.198  1.00   36.94  ? 9  ASN A CB  1 
ATOM   14  C CG  . ASN A 1 8  ? -3.678  -6.764  16.602  1.00   65.17  ? 9  ASN A CG  1 
ATOM   15  O OD1 . ASN A 1 8  ? -4.829  -7.007  16.948  1.00   65.90  ? 9  ASN A OD1 1 
ATOM   16  N ND2 . ASN A 1 8  ? -2.797  -6.212  17.423  1.00   61.33  ? 9  ASN A ND2 1 
ATOM   17  N N   . GLY A 1 9  ? -3.303  -4.344  14.924  1.00   73.65  ? 10 GLY A N   1 
ATOM   18  C CA  . GLY A 1 9  ? -2.749  -2.996  14.836  1.00   44.12  ? 10 GLY A CA  1 
ATOM   19  C C   . GLY A 1 9  ? -3.615  -1.876  14.235  1.00   71.35  ? 10 GLY A C   1 
ATOM   20  O O   . GLY A 1 9  ? -4.709  -1.579  14.760  1.00   57.72  ? 10 GLY A O   1 
ATOM   21  N N   . ILE A 1 10 ? -3.126  -1.271  13.136  1.00   55.65  ? 11 ILE A N   1 
ATOM   22  C CA  . ILE A 1 10 ? -3.701  -0.058  12.529  1.00   52.84  ? 11 ILE A CA  1 
ATOM   23  C C   . ILE A 1 10 ? -4.279  -0.120  11.073  1.00   52.31  ? 11 ILE A C   1 
ATOM   24  O O   . ILE A 1 10 ? -3.540  -0.160  10.075  1.00   35.42  ? 11 ILE A O   1 
ATOM   25  C CB  . ILE A 1 10 ? -2.694  1.107   12.612  1.00   46.29  ? 11 ILE A CB  1 
ATOM   26  C CG1 . ILE A 1 10 ? -2.252  1.320   14.045  1.00   39.11  ? 11 ILE A CG1 1 
ATOM   27  C CG2 . ILE A 1 10 ? -3.322  2.417   12.154  1.00   56.76  ? 11 ILE A CG2 1 
ATOM   28  C CD1 . ILE A 1 10 ? -1.993  2.773   14.309  1.00   51.11  ? 11 ILE A CD1 1 
ATOM   29  N N   . LYS A 1 11 ? -5.603  -0.035  10.957  1.00   50.36  ? 12 LYS A N   1 
ATOM   30  C CA  . LYS A 1 11 ? -6.273  -0.159  9.659   1.00   59.57  ? 12 LYS A CA  1 
ATOM   31  C C   . LYS A 1 11 ? -5.974  0.924   8.606   1.00   73.34  ? 12 LYS A C   1 
ATOM   32  O O   . LYS A 1 11 ? -5.617  2.061   8.923   1.00   79.03  ? 12 LYS A O   1 
ATOM   33  C CB  . LYS A 1 11 ? -7.791  -0.280  9.838   1.00   51.38  ? 12 LYS A CB  1 
ATOM   34  C CG  . LYS A 1 11 ? -8.545  -0.078  8.537   1.00   42.96  ? 12 LYS A CG  1 
ATOM   35  C CD  . LYS A 1 11 ? -9.931  -0.724  8.479   1.00   60.30  ? 12 LYS A CD  1 
ATOM   36  C CE  . LYS A 1 11 ? -10.908 0.235   7.758   1.00   68.92  ? 12 LYS A CE  1 
ATOM   37  N NZ  . LYS A 1 11 ? -12.254 -0.293  7.473   1.00   64.45  ? 12 LYS A NZ  1 
ATOM   38  N N   . LEU A 1 12 ? -6.146  0.539   7.342   1.00   93.15  ? 13 LEU A N   1 
ATOM   39  C CA  . LEU A 1 12 ? -6.102  1.460   6.202   1.00   89.68  ? 13 LEU A CA  1 
ATOM   40  C C   . LEU A 1 12 ? -7.410  1.479   5.425   1.00   109.08 ? 13 LEU A C   1 
ATOM   41  O O   . LEU A 1 12 ? -7.972  0.427   5.110   1.00   107.39 ? 13 LEU A O   1 
ATOM   42  C CB  . LEU A 1 12 ? -4.999  1.072   5.225   1.00   61.50  ? 13 LEU A CB  1 
ATOM   43  C CG  . LEU A 1 12 ? -3.593  1.367   5.711   1.00   36.98  ? 13 LEU A CG  1 
ATOM   44  C CD1 . LEU A 1 12 ? -2.576  0.903   4.669   1.00   37.11  ? 13 LEU A CD1 1 
ATOM   45  C CD2 . LEU A 1 12 ? -3.465  2.802   6.026   1.00   39.77  ? 13 LEU A CD2 1 
ATOM   46  N N   . GLY A 1 13 ? -7.868  2.684   5.093   1.00   113.95 ? 14 GLY A N   1 
ATOM   47  C CA  . GLY A 1 13 ? -9.044  2.865   4.262   1.00   93.47  ? 14 GLY A CA  1 
ATOM   48  C C   . GLY A 1 13 ? -8.772  3.618   2.967   1.00   77.78  ? 14 GLY A C   1 
ATOM   49  O O   . GLY A 1 13 ? -9.513  4.530   2.616   1.00   116.48 ? 14 GLY A O   1 
ATOM   50  N N   . VAL A 1 14 ? -7.717  3.236   2.253   1.00   37.47  ? 15 VAL A N   1 
ATOM   51  C CA  . VAL A 1 14 ? -7.373  3.855   0.972   1.00   50.12  ? 15 VAL A CA  1 
ATOM   52  C C   . VAL A 1 14 ? -8.204  3.342   -0.224  1.00   57.11  ? 15 VAL A C   1 
ATOM   53  O O   . VAL A 1 14 ? -8.508  2.160   -0.318  1.00   61.92  ? 15 VAL A O   1 
ATOM   54  C CB  . VAL A 1 14 ? -5.845  3.671   0.690   1.00   46.55  ? 15 VAL A CB  1 
ATOM   55  C CG1 . VAL A 1 14 ? -5.420  4.312   -0.656  1.00   31.99  ? 15 VAL A CG1 1 
ATOM   56  C CG2 . VAL A 1 14 ? -5.032  4.221   1.858   1.00   43.72  ? 15 VAL A CG2 1 
ATOM   57  N N   . TYR A 1 15 ? -8.578  4.241   -1.127  1.00   55.40  ? 16 TYR A N   1 
ATOM   58  C CA  . TYR A 1 15 ? -9.118  3.836   -2.418  1.00   53.86  ? 16 TYR A CA  1 
ATOM   59  C C   . TYR A 1 15 ? -7.996  3.931   -3.473  1.00   60.15  ? 16 TYR A C   1 
ATOM   60  O O   . TYR A 1 15 ? -7.189  4.877   -3.454  1.00   52.55  ? 16 TYR A O   1 
ATOM   61  C CB  . TYR A 1 15 ? -10.310 4.720   -2.808  1.00   71.83  ? 16 TYR A CB  1 
ATOM   62  C CG  . TYR A 1 15 ? -11.600 4.490   -2.026  1.00   60.04  ? 16 TYR A CG  1 
ATOM   63  C CD1 . TYR A 1 15 ? -12.714 3.957   -2.632  1.00   49.63  ? 16 TYR A CD1 1 
ATOM   64  C CD2 . TYR A 1 15 ? -11.711 4.838   -0.701  1.00   51.83  ? 16 TYR A CD2 1 
ATOM   65  C CE1 . TYR A 1 15 ? -13.871 3.747   -1.945  1.00   41.67  ? 16 TYR A CE1 1 
ATOM   66  C CE2 . TYR A 1 15 ? -12.886 4.624   -0.003  1.00   54.22  ? 16 TYR A CE2 1 
ATOM   67  C CZ  . TYR A 1 15 ? -13.949 4.078   -0.637  1.00   37.44  ? 16 TYR A CZ  1 
ATOM   68  O OH  . TYR A 1 15 ? -15.123 3.893   0.024   1.00   61.45  ? 16 TYR A OH  1 
ATOM   69  N N   . ILE A 1 16 ? -7.939  2.954   -4.379  1.00   42.92  ? 17 ILE A N   1 
ATOM   70  C CA  . ILE A 1 16 ? -6.861  2.841   -5.375  1.00   52.91  ? 17 ILE A CA  1 
ATOM   71  C C   . ILE A 1 16 ? -7.493  2.542   -6.713  1.00   37.95  ? 17 ILE A C   1 
ATOM   72  O O   . ILE A 1 16 ? -8.659  2.178   -6.766  1.00   61.50  ? 17 ILE A O   1 
ATOM   73  C CB  . ILE A 1 16 ? -5.985  1.614   -5.103  1.00   52.12  ? 17 ILE A CB  1 
ATOM   74  C CG1 . ILE A 1 16 ? -6.904  0.428   -4.771  1.00   52.27  ? 17 ILE A CG1 1 
ATOM   75  C CG2 . ILE A 1 16 ? -4.987  1.862   -3.973  1.00   46.85  ? 17 ILE A CG2 1 
ATOM   76  C CD1 . ILE A 1 16 ? -6.435  -0.897  -5.318  1.00   35.97  ? 17 ILE A CD1 1 
ATOM   77  N N   . PRO A 1 17 ? -6.731  2.681   -7.800  1.00   35.83  ? 18 PRO A N   1 
ATOM   78  C CA  . PRO A 1 17 ? -7.215  2.368   -9.145  1.00   32.76  ? 18 PRO A CA  1 
ATOM   79  C C   . PRO A 1 17 ? -7.623  0.930   -9.330  1.00   42.21  ? 18 PRO A C   1 
ATOM   80  O O   . PRO A 1 17 ? -6.914  0.031   -8.900  1.00   34.31  ? 18 PRO A O   1 
ATOM   81  C CB  . PRO A 1 17 ? -6.007  2.663   -9.996  1.00   44.54  ? 18 PRO A CB  1 
ATOM   82  C CG  . PRO A 1 17 ? -5.403  3.793   -9.308  1.00   26.51  ? 18 PRO A CG  1 
ATOM   83  C CD  . PRO A 1 17 ? -5.516  3.504   -7.859  1.00   35.25  ? 18 PRO A CD  1 
ATOM   84  N N   . GLN A 1 18 ? -8.765  0.728   -9.982  1.00   51.95  ? 19 GLN A N   1 
ATOM   85  C CA  . GLN A 1 18 ? -9.381  -0.589  -10.142 1.00   37.02  ? 19 GLN A CA  1 
ATOM   86  C C   . GLN A 1 18 ? -8.445  -1.653  -10.680 1.00   41.82  ? 19 GLN A C   1 
ATOM   87  O O   . GLN A 1 18 ? -8.475  -2.772  -10.192 1.00   32.33  ? 19 GLN A O   1 
ATOM   88  C CB  . GLN A 1 18 ? -10.622 -0.506  -11.034 1.00   69.38  ? 19 GLN A CB  1 
ATOM   89  C CG  . GLN A 1 18 ? -11.934 -0.912  -10.377 1.00   83.52  ? 19 GLN A CG  1 
ATOM   90  C CD  . GLN A 1 18 ? -13.130 -0.473  -11.183 1.00   100.65 ? 19 GLN A CD  1 
ATOM   91  O OE1 . GLN A 1 18 ? -13.793 -1.290  -11.821 1.00   99.78  ? 19 GLN A OE1 1 
ATOM   92  N NE2 . GLN A 1 18 ? -13.406 0.833   -11.176 1.00   106.92 ? 19 GLN A NE2 1 
ATOM   93  N N   . GLU A 1 19 ? -7.626  -1.272  -11.667 1.00   43.33  ? 20 GLU A N   1 
ATOM   94  C CA  . GLU A 1 19 ? -6.642  -2.126  -12.353 1.00   43.48  ? 20 GLU A CA  1 
ATOM   95  C C   . GLU A 1 19 ? -5.500  -2.506  -11.427 1.00   38.20  ? 20 GLU A C   1 
ATOM   96  O O   . GLU A 1 19 ? -5.069  -3.663  -11.394 1.00   42.79  ? 20 GLU A O   1 
ATOM   97  C CB  . GLU A 1 19 ? -6.084  -1.404  -13.594 1.00   42.71  ? 20 GLU A CB  1 
ATOM   98  C CG  . GLU A 1 19 ? -4.649  -1.760  -13.928 1.00   62.11  ? 20 GLU A CG  1 
ATOM   99  C CD  . GLU A 1 19 ? -4.532  -3.046  -14.735 1.00   82.58  ? 20 GLU A CD  1 
ATOM   100 O OE1 . GLU A 1 19 ? -5.572  -3.693  -14.994 1.00   70.14  ? 20 GLU A OE1 1 
ATOM   101 O OE2 . GLU A 1 19 ? -3.398  -3.409  -15.113 1.00   99.28  ? 20 GLU A OE2 1 
ATOM   102 N N   . TRP A 1 20 ? -5.019  -1.513  -10.685 1.00   51.93  ? 21 TRP A N   1 
ATOM   103 C CA  . TRP A 1 20 ? -4.063  -1.672  -9.581  1.00   32.01  ? 21 TRP A CA  1 
ATOM   104 C C   . TRP A 1 20 ? -4.421  -2.819  -8.639  1.00   33.43  ? 21 TRP A C   1 
ATOM   105 O O   . TRP A 1 20 ? -3.731  -3.838  -8.592  1.00   49.77  ? 21 TRP A O   1 
ATOM   106 C CB  . TRP A 1 20 ? -4.056  -0.391  -8.797  1.00   32.24  ? 21 TRP A CB  1 
ATOM   107 C CG  . TRP A 1 20 ? -3.206  0.730   -9.397  1.00   40.18  ? 21 TRP A CG  1 
ATOM   108 C CD1 . TRP A 1 20 ? -2.979  1.006   -10.727 1.00   21.87  ? 21 TRP A CD1 1 
ATOM   109 C CD2 . TRP A 1 20 ? -2.511  1.737   -8.657  1.00   43.19  ? 21 TRP A CD2 1 
ATOM   110 N NE1 . TRP A 1 20 ? -2.178  2.104   -10.838 1.00   42.84  ? 21 TRP A NE1 1 
ATOM   111 C CE2 . TRP A 1 20 ? -1.864  2.566   -9.581  1.00   33.69  ? 21 TRP A CE2 1 
ATOM   112 C CE3 . TRP A 1 20 ? -2.364  2.006   -7.290  1.00   49.66  ? 21 TRP A CE3 1 
ATOM   113 C CZ2 . TRP A 1 20 ? -1.112  3.659   -9.192  1.00   32.29  ? 21 TRP A CZ2 1 
ATOM   114 C CZ3 . TRP A 1 20 ? -1.610  3.080   -6.912  1.00   44.30  ? 21 TRP A CZ3 1 
ATOM   115 C CH2 . TRP A 1 20 ? -0.995  3.894   -7.853  1.00   38.68  ? 21 TRP A CH2 1 
ATOM   116 N N   . HIS A 1 21 ? -5.495  -2.648  -7.881  1.00   33.18  ? 22 HIS A N   1 
ATOM   117 C CA  . HIS A 1 21 ? -6.177  -3.763  -7.219  1.00   21.42  ? 22 HIS A CA  1 
ATOM   118 C C   . HIS A 1 21 ? -6.051  -5.108  -7.964  1.00   29.52  ? 22 HIS A C   1 
ATOM   119 O O   . HIS A 1 21 ? -5.437  -6.051  -7.457  1.00   25.48  ? 22 HIS A O   1 
ATOM   120 C CB  . HIS A 1 21 ? -7.647  -3.382  -7.045  1.00   45.36  ? 22 HIS A CB  1 
ATOM   121 C CG  . HIS A 1 21 ? -8.455  -4.345  -6.231  1.00   56.67  ? 22 HIS A CG  1 
ATOM   122 N ND1 . HIS A 1 21 ? -8.648  -4.193  -4.878  1.00   50.34  ? 22 HIS A ND1 1 
ATOM   123 C CD2 . HIS A 1 21 ? -9.169  -5.436  -6.599  1.00   52.89  ? 22 HIS A CD2 1 
ATOM   124 C CE1 . HIS A 1 21 ? -9.419  -5.171  -4.435  1.00   29.53  ? 22 HIS A CE1 1 
ATOM   125 N NE2 . HIS A 1 21 ? -9.754  -5.928  -5.458  1.00   46.08  ? 22 HIS A NE2 1 
ATOM   126 N N   . ASP A 1 22 ? -6.602  -5.200  -9.171  1.00   34.62  ? 23 ASP A N   1 
ATOM   127 C CA  . ASP A 1 22 ? -6.486  -6.449  -9.944  1.00   40.55  ? 23 ASP A CA  1 
ATOM   128 C C   . ASP A 1 22 ? -5.036  -6.944  -10.001 1.00   52.97  ? 23 ASP A C   1 
ATOM   129 O O   . ASP A 1 22 ? -4.771  -8.098  -9.695  1.00   48.69  ? 23 ASP A O   1 
ATOM   130 C CB  . ASP A 1 22 ? -7.010  -6.321  -11.385 1.00   36.12  ? 23 ASP A CB  1 
ATOM   131 C CG  . ASP A 1 22 ? -8.353  -5.634  -11.482 1.00   49.74  ? 23 ASP A CG  1 
ATOM   132 O OD1 . ASP A 1 22 ? -8.752  -5.325  -12.630 1.00   50.81  ? 23 ASP A OD1 1 
ATOM   133 O OD2 . ASP A 1 22 ? -9.000  -5.396  -10.441 1.00   49.86  ? 23 ASP A OD2 1 
ATOM   134 N N   . ARG A 1 23 ? -4.109  -6.081  -10.419 1.00   54.00  ? 24 ARG A N   1 
ATOM   135 C CA  . ARG A 1 23 ? -2.695  -6.465  -10.536 1.00   47.15  ? 24 ARG A CA  1 
ATOM   136 C C   . ARG A 1 23 ? -2.128  -6.844  -9.189  1.00   68.43  ? 24 ARG A C   1 
ATOM   137 O O   . ARG A 1 23 ? -1.140  -7.578  -9.116  1.00   54.09  ? 24 ARG A O   1 
ATOM   138 C CB  . ARG A 1 23 ? -1.827  -5.346  -11.140 1.00   40.96  ? 24 ARG A CB  1 
ATOM   139 C CG  . ARG A 1 23 ? -1.690  -5.426  -12.671 1.00   68.25  ? 24 ARG A CG  1 
ATOM   140 C CD  . ARG A 1 23 ? -0.318  -4.928  -13.152 1.00   97.80  ? 24 ARG A CD  1 
ATOM   141 N NE  . ARG A 1 23 ? -0.208  -3.475  -13.367 1.00   92.32  ? 24 ARG A NE  1 
ATOM   142 C CZ  . ARG A 1 23 ? 0.960   -2.827  -13.397 1.00   63.49  ? 24 ARG A CZ  1 
ATOM   143 N NH1 . ARG A 1 23 ? 2.084   -3.526  -13.208 1.00   32.42  ? 24 ARG A NH1 1 
ATOM   144 N NH2 . ARG A 1 23 ? 1.014   -1.504  -13.611 1.00   54.32  ? 24 ARG A NH2 1 
ATOM   145 N N   . LEU A 1 24 ? -2.743  -6.323  -8.128  1.00   52.29  ? 25 LEU A N   1 
ATOM   146 C CA  . LEU A 1 24 ? -2.385  -6.698  -6.762  1.00   54.48  ? 25 LEU A CA  1 
ATOM   147 C C   . LEU A 1 24 ? -3.032  -8.054  -6.361  1.00   59.25  ? 25 LEU A C   1 
ATOM   148 O O   . LEU A 1 24 ? -2.439  -8.841  -5.595  1.00   33.14  ? 25 LEU A O   1 
ATOM   149 C CB  . LEU A 1 24 ? -2.791  -5.594  -5.784  1.00   41.35  ? 25 LEU A CB  1 
ATOM   150 C CG  . LEU A 1 24 ? -1.932  -4.362  -5.504  1.00   33.47  ? 25 LEU A CG  1 
ATOM   151 C CD1 . LEU A 1 24 ? -2.796  -3.318  -4.873  1.00   37.36  ? 25 LEU A CD1 1 
ATOM   152 C CD2 . LEU A 1 24 ? -0.838  -4.720  -4.553  1.00   45.05  ? 25 LEU A CD2 1 
ATOM   153 N N   . MET A 1 25 ? -4.237  -8.313  -6.883  1.00   37.94  ? 26 MET A N   1 
ATOM   154 C CA  . MET A 1 25 ? -4.946  -9.565  -6.653  1.00   21.85  ? 26 MET A CA  1 
ATOM   155 C C   . MET A 1 25 ? -4.292  -10.706 -7.459  1.00   44.91  ? 26 MET A C   1 
ATOM   156 O O   . MET A 1 25 ? -4.305  -11.858 -7.002  1.00   60.09  ? 26 MET A O   1 
ATOM   157 C CB  . MET A 1 25 ? -6.422  -9.397  -7.040  1.00   37.77  ? 26 MET A CB  1 
ATOM   158 C CG  . MET A 1 25 ? -7.446  -10.244 -6.292  1.00   37.04  ? 26 MET A CG  1 
ATOM   159 S SD  . MET A 1 25 ? -7.556  -9.767  -4.574  1.00   70.75  ? 26 MET A SD  1 
ATOM   160 C CE  . MET A 1 25 ? -6.855  -11.215 -3.779  1.00   26.17  ? 26 MET A CE  1 
ATOM   161 N N   . GLU A 1 26 ? -3.703  -10.419 -8.634  1.00   44.50  ? 27 GLU A N   1 
ATOM   162 C CA  . GLU A 1 26 ? -3.037  -11.491 -9.425  1.00   42.10  ? 27 GLU A CA  1 
ATOM   163 C C   . GLU A 1 26 ? -1.635  -11.827 -8.860  1.00   36.15  ? 27 GLU A C   1 
ATOM   164 O O   . GLU A 1 26 ? -1.246  -12.992 -8.790  1.00   42.02  ? 27 GLU A O   1 
ATOM   165 C CB  . GLU A 1 26 ? -3.002  -11.207 -10.962 1.00   37.96  ? 27 GLU A CB  1 
ATOM   166 C CG  . GLU A 1 26 ? -4.299  -10.627 -11.586 1.00   78.98  ? 27 GLU A CG  1 
ATOM   167 C CD  . GLU A 1 26 ? -5.194  -11.641 -12.348 1.00   121.94 ? 27 GLU A CD  1 
ATOM   168 O OE1 . GLU A 1 26 ? -5.359  -11.489 -13.584 1.00   125.32 ? 27 GLU A OE1 1 
ATOM   169 O OE2 . GLU A 1 26 ? -5.758  -12.567 -11.718 1.00   113.32 ? 27 GLU A OE2 1 
ATOM   170 N N   . ILE A 1 27 ? -0.886  -10.806 -8.444  1.00   43.99  ? 28 ILE A N   1 
ATOM   171 C CA  . ILE A 1 27 ? 0.350   -11.031 -7.663  1.00   53.09  ? 28 ILE A CA  1 
ATOM   172 C C   . ILE A 1 27 ? 0.088   -11.877 -6.402  1.00   24.27  ? 28 ILE A C   1 
ATOM   173 O O   . ILE A 1 27 ? 0.699   -12.913 -6.230  1.00   36.79  ? 28 ILE A O   1 
ATOM   174 C CB  . ILE A 1 27 ? 1.087   -9.675  -7.334  1.00   70.53  ? 28 ILE A CB  1 
ATOM   175 C CG1 . ILE A 1 27 ? 1.410   -8.972  -8.661  1.00   49.68  ? 28 ILE A CG1 1 
ATOM   176 C CG2 . ILE A 1 27 ? 2.341   -9.852  -6.369  1.00   25.97  ? 28 ILE A CG2 1 
ATOM   177 C CD1 . ILE A 1 27 ? 1.789   -7.561  -8.549  1.00   20.78  ? 28 ILE A CD1 1 
ATOM   178 N N   . ALA A 1 28 ? -0.839  -11.441 -5.551  1.00   32.98  ? 29 ALA A N   1 
ATOM   179 C CA  . ALA A 1 28 ? -1.206  -12.167 -4.340  1.00   32.48  ? 29 ALA A CA  1 
ATOM   180 C C   . ALA A 1 28 ? -1.490  -13.652 -4.627  1.00   51.79  ? 29 ALA A C   1 
ATOM   181 O O   . ALA A 1 28 ? -0.987  -14.524 -3.918  1.00   55.96  ? 29 ALA A O   1 
ATOM   182 C CB  . ALA A 1 28 ? -2.375  -11.505 -3.662  1.00   30.33  ? 29 ALA A CB  1 
ATOM   183 N N   . LYS A 1 29 ? -2.282  -13.947 -5.655  1.00   33.68  ? 30 LYS A N   1 
ATOM   184 C CA  . LYS A 1 29 ? -2.418  -15.330 -6.124  1.00   37.18  ? 30 LYS A CA  1 
ATOM   185 C C   . LYS A 1 29 ? -1.064  -15.983 -6.379  1.00   39.85  ? 30 LYS A C   1 
ATOM   186 O O   . LYS A 1 29 ? -0.615  -16.812 -5.619  1.00   38.52  ? 30 LYS A O   1 
ATOM   187 C CB  . LYS A 1 29 ? -3.195  -15.371 -7.421  1.00   18.39  ? 30 LYS A CB  1 
ATOM   188 C CG  . LYS A 1 29 ? -4.663  -15.169 -7.275  1.00   42.30  ? 30 LYS A CG  1 
ATOM   189 C CD  . LYS A 1 29 ? -5.322  -15.215 -8.656  1.00   56.77  ? 30 LYS A CD  1 
ATOM   190 C CE  . LYS A 1 29 ? -5.814  -16.595 -9.003  1.00   39.08  ? 30 LYS A CE  1 
ATOM   191 N NZ  . LYS A 1 29 ? -6.632  -17.188 -7.899  1.00   61.07  ? 30 LYS A NZ  1 
ATOM   192 N N   . GLU A 1 30 ? -0.435  -15.608 -7.482  1.00   37.50  ? 31 GLU A N   1 
ATOM   193 C CA  . GLU A 1 30 ? 0.913   -16.065 -7.839  1.00   48.65  ? 31 GLU A CA  1 
ATOM   194 C C   . GLU A 1 30 ? 1.873   -16.341 -6.682  1.00   49.64  ? 31 GLU A C   1 
ATOM   195 O O   . GLU A 1 30 ? 2.783   -17.158 -6.828  1.00   65.63  ? 31 GLU A O   1 
ATOM   196 C CB  . GLU A 1 30 ? 1.592   -15.049 -8.781  1.00   41.23  ? 31 GLU A CB  1 
ATOM   197 C CG  . GLU A 1 30 ? 3.145   -15.119 -8.739  1.00   86.44  ? 31 GLU A CG  1 
ATOM   198 C CD  . GLU A 1 30 ? 3.859   -13.778 -8.938  1.00   78.68  ? 31 GLU A CD  1 
ATOM   199 O OE1 . GLU A 1 30 ? 3.403   -12.951 -9.758  1.00   44.94  ? 31 GLU A OE1 1 
ATOM   200 O OE2 . GLU A 1 30 ? 4.907   -13.557 -8.286  1.00   69.57  ? 31 GLU A OE2 1 
ATOM   201 N N   . LYS A 1 31 ? 1.731   -15.645 -5.556  1.00   40.44  ? 32 LYS A N   1 
ATOM   202 C CA  . LYS A 1 31 ? 2.745   -15.785 -4.507  1.00   47.65  ? 32 LYS A CA  1 
ATOM   203 C C   . LYS A 1 31 ? 2.274   -16.608 -3.290  1.00   50.58  ? 32 LYS A C   1 
ATOM   204 O O   . LYS A 1 31 ? 3.080   -16.986 -2.425  1.00   37.97  ? 32 LYS A O   1 
ATOM   205 C CB  . LYS A 1 31 ? 3.318   -14.414 -4.121  1.00   39.99  ? 32 LYS A CB  1 
ATOM   206 C CG  . LYS A 1 31 ? 4.561   -14.011 -4.929  1.00   57.19  ? 32 LYS A CG  1 
ATOM   207 C CD  . LYS A 1 31 ? 5.151   -12.685 -4.430  1.00   67.38  ? 32 LYS A CD  1 
ATOM   208 C CE  . LYS A 1 31 ? 6.689   -12.757 -4.320  1.00   78.92  ? 32 LYS A CE  1 
ATOM   209 N NZ  . LYS A 1 31 ? 7.254   -14.154 -4.316  1.00   62.36  ? 32 LYS A NZ  1 
ATOM   210 N N   . ASN A 1 32 ? 0.975   -16.919 -3.277  1.00   57.93  ? 33 ASN A N   1 
ATOM   211 C CA  . ASN A 1 32 ? 0.278   -17.588 -2.160  1.00   70.64  ? 33 ASN A CA  1 
ATOM   212 C C   . ASN A 1 32 ? 0.138   -16.716 -0.918  1.00   55.00  ? 33 ASN A C   1 
ATOM   213 O O   . ASN A 1 32 ? 0.365   -17.164 0.240   1.00   30.04  ? 33 ASN A O   1 
ATOM   214 C CB  . ASN A 1 32 ? 0.849   -18.975 -1.855  1.00   74.16  ? 33 ASN A CB  1 
ATOM   215 C CG  . ASN A 1 32 ? 0.575   -19.970 -2.978  1.00   64.65  ? 33 ASN A CG  1 
ATOM   216 O OD1 . ASN A 1 32 ? -0.499  -19.964 -3.586  1.00   55.73  ? 33 ASN A OD1 1 
ATOM   217 N ND2 . ASN A 1 32 ? 1.551   -20.812 -3.267  1.00   71.68  ? 33 ASN A ND2 1 
ATOM   218 N N   . LEU A 1 33 ? -0.241  -15.463 -1.221  1.00   38.31  ? 34 LEU A N   1 
ATOM   219 C CA  . LEU A 1 33 ? -0.514  -14.387 -0.260  1.00   34.19  ? 34 LEU A CA  1 
ATOM   220 C C   . LEU A 1 33 ? -1.943  -13.902 -0.451  1.00   26.51  ? 34 LEU A C   1 
ATOM   221 O O   . LEU A 1 33 ? -2.594  -14.280 -1.443  1.00   41.89  ? 34 LEU A O   1 
ATOM   222 C CB  . LEU A 1 33 ? 0.469   -13.236 -0.454  1.00   26.28  ? 34 LEU A CB  1 
ATOM   223 C CG  . LEU A 1 33 ? 1.908   -13.746 -0.398  1.00   37.21  ? 34 LEU A CG  1 
ATOM   224 C CD1 . LEU A 1 33 ? 2.912   -12.750 -0.985  1.00   23.86  ? 34 LEU A CD1 1 
ATOM   225 C CD2 . LEU A 1 33 ? 2.281   -14.152 1.044   1.00   48.95  ? 34 LEU A CD2 1 
ATOM   226 N N   . THR A 1 34 ? -2.454  -13.121 0.506   1.00   39.04  ? 35 THR A N   1 
ATOM   227 C CA  . THR A 1 34 ? -3.717  -12.385 0.302   1.00   29.94  ? 35 THR A CA  1 
ATOM   228 C C   . THR A 1 34 ? -3.425  -10.964 -0.233  1.00   24.77  ? 35 THR A C   1 
ATOM   229 O O   . THR A 1 34 ? -2.269  -10.578 -0.385  1.00   40.67  ? 35 THR A O   1 
ATOM   230 C CB  . THR A 1 34 ? -4.635  -12.430 1.572   1.00   25.66  ? 35 THR A CB  1 
ATOM   231 O OG1 . THR A 1 34 ? -4.223  -11.433 2.504   1.00   46.01  ? 35 THR A OG1 1 
ATOM   232 C CG2 . THR A 1 34 ? -4.498  -13.758 2.214   1.00   27.46  ? 35 THR A CG2 1 
ATOM   233 N N   . LEU A 1 35 ? -4.441  -10.192 -0.583  1.00   25.13  ? 36 LEU A N   1 
ATOM   234 C CA  . LEU A 1 35 ? -4.168  -8.805  -1.013  1.00   13.72  ? 36 LEU A CA  1 
ATOM   235 C C   . LEU A 1 35 ? -3.653  -7.889  0.106   1.00   27.99  ? 36 LEU A C   1 
ATOM   236 O O   . LEU A 1 35 ? -2.892  -6.993  -0.174  1.00   34.19  ? 36 LEU A O   1 
ATOM   237 C CB  . LEU A 1 35 ? -5.383  -8.212  -1.722  1.00   37.06  ? 36 LEU A CB  1 
ATOM   238 C CG  . LEU A 1 35 ? -5.465  -6.715  -1.991  1.00   23.51  ? 36 LEU A CG  1 
ATOM   239 C CD1 . LEU A 1 35 ? -5.242  -6.448  -3.428  1.00   37.37  ? 36 LEU A CD1 1 
ATOM   240 C CD2 . LEU A 1 35 ? -6.839  -6.275  -1.610  1.00   26.02  ? 36 LEU A CD2 1 
ATOM   241 N N   . SER A 1 36 ? -4.037  -8.111  1.369   1.00   33.55  ? 37 SER A N   1 
ATOM   242 C CA  . SER A 1 36 ? -3.434  -7.387  2.505   1.00   22.75  ? 37 SER A CA  1 
ATOM   243 C C   . SER A 1 36 ? -1.955  -7.671  2.576   1.00   17.68  ? 37 SER A C   1 
ATOM   244 O O   . SER A 1 36 ? -1.153  -6.763  2.615   1.00   29.62  ? 37 SER A O   1 
ATOM   245 C CB  . SER A 1 36 ? -4.048  -7.849  3.797   1.00   24.32  ? 37 SER A CB  1 
ATOM   246 O OG  . SER A 1 36 ? -5.407  -7.491  3.780   1.00   52.21  ? 37 SER A OG  1 
ATOM   247 N N   . ASP A 1 37 ? -1.605  -8.959  2.554   1.00   33.34  ? 38 ASP A N   1 
ATOM   248 C CA  . ASP A 1 37 ? -0.211  -9.388  2.628   1.00   32.27  ? 38 ASP A CA  1 
ATOM   249 C C   . ASP A 1 37 ? 0.660   -8.628  1.629   1.00   35.69  ? 38 ASP A C   1 
ATOM   250 O O   . ASP A 1 37 ? 1.715   -8.120  1.987   1.00   44.50  ? 38 ASP A O   1 
ATOM   251 C CB  . ASP A 1 37 ? -0.069  -10.912 2.415   1.00   26.33  ? 38 ASP A CB  1 
ATOM   252 C CG  . ASP A 1 37 ? -0.748  -11.759 3.539   1.00   42.84  ? 38 ASP A CG  1 
ATOM   253 O OD1 . ASP A 1 37 ? -0.589  -11.464 4.759   1.00   34.95  ? 38 ASP A OD1 1 
ATOM   254 O OD2 . ASP A 1 37 ? -1.450  -12.727 3.173   1.00   32.12  ? 38 ASP A OD2 1 
ATOM   255 N N   . VAL A 1 38 ? 0.194   -8.540  0.386   1.00   28.92  ? 39 VAL A N   1 
ATOM   256 C CA  . VAL A 1 38 ? 0.933   -7.920  -0.698  1.00   20.93  ? 39 VAL A CA  1 
ATOM   257 C C   . VAL A 1 38 ? 0.867   -6.431  -0.524  1.00   30.16  ? 39 VAL A C   1 
ATOM   258 O O   . VAL A 1 38 ? 1.692   -5.676  -1.038  1.00   32.27  ? 39 VAL A O   1 
ATOM   259 C CB  . VAL A 1 38 ? 0.257   -8.233  -2.007  1.00   24.47  ? 39 VAL A CB  1 
ATOM   260 C CG1 . VAL A 1 38 ? 1.110   -7.744  -3.181  1.00   28.03  ? 39 VAL A CG1 1 
ATOM   261 C CG2 . VAL A 1 38 ? 0.022   -9.692  -2.090  1.00   31.47  ? 39 VAL A CG2 1 
ATOM   262 N N   . CYS A 1 39 ? -0.157  -5.985  0.174   1.00   33.36  ? 40 CYS A N   1 
ATOM   263 C CA  . CYS A 1 39 ? -0.264  -4.561  0.383   1.00   36.27  ? 40 CYS A CA  1 
ATOM   264 C C   . CYS A 1 39 ? 0.782   -4.176  1.411   1.00   29.85  ? 40 CYS A C   1 
ATOM   265 O O   . CYS A 1 39 ? 1.545   -3.259  1.184   1.00   34.61  ? 40 CYS A O   1 
ATOM   266 C CB  . CYS A 1 39 ? -1.675  -4.139  0.789   1.00   22.03  ? 40 CYS A CB  1 
ATOM   267 S SG  . CYS A 1 39 ? -2.855  -3.991  -0.593  1.00   38.51  ? 40 CYS A SG  1 
ATOM   268 N N   . ARG A 1 40 ? 0.843   -4.903  2.515   1.00   22.38  ? 41 ARG A N   1 
ATOM   269 C CA  . ARG A 1 40 ? 1.880   -4.680  3.505   1.00   23.98  ? 41 ARG A CA  1 
ATOM   270 C C   . ARG A 1 40 ? 3.243   -4.811  2.869   1.00   25.86  ? 41 ARG A C   1 
ATOM   271 O O   . ARG A 1 40 ? 4.214   -4.218  3.324   1.00   27.30  ? 41 ARG A O   1 
ATOM   272 C CB  . ARG A 1 40 ? 1.727   -5.649  4.658   1.00   26.35  ? 41 ARG A CB  1 
ATOM   273 C CG  . ARG A 1 40 ? 0.718   -5.172  5.678   1.00   30.87  ? 41 ARG A CG  1 
ATOM   274 C CD  . ARG A 1 40 ? 0.744   -6.089  6.848   1.00   34.10  ? 41 ARG A CD  1 
ATOM   275 N NE  . ARG A 1 40 ? -0.626  -6.410  7.142   1.00   42.49  ? 41 ARG A NE  1 
ATOM   276 C CZ  . ARG A 1 40 ? -1.238  -7.474  6.660   1.00   38.62  ? 41 ARG A CZ  1 
ATOM   277 N NH1 . ARG A 1 40 ? -0.586  -8.310  5.886   1.00   23.10  ? 41 ARG A NH1 1 
ATOM   278 N NH2 . ARG A 1 40 ? -2.499  -7.702  6.944   1.00   64.63  ? 41 ARG A NH2 1 
ATOM   279 N N   . LEU A 1 41 ? 3.315   -5.554  1.773   1.00   30.76  ? 42 LEU A N   1 
ATOM   280 C CA  . LEU A 1 41 ? 4.600   -5.869  1.171   1.00   28.18  ? 42 LEU A CA  1 
ATOM   281 C C   . LEU A 1 41 ? 5.138   -4.625  0.488   1.00   35.36  ? 42 LEU A C   1 
ATOM   282 O O   . LEU A 1 41 ? 6.313   -4.247  0.645   1.00   39.76  ? 42 LEU A O   1 
ATOM   283 C CB  . LEU A 1 41 ? 4.431   -7.027  0.173   1.00   42.40  ? 42 LEU A CB  1 
ATOM   284 C CG  . LEU A 1 41 ? 5.590   -7.555  -0.698  1.00   36.16  ? 42 LEU A CG  1 
ATOM   285 C CD1 . LEU A 1 41 ? 6.878   -7.578  0.059   1.00   37.51  ? 42 LEU A CD1 1 
ATOM   286 C CD2 . LEU A 1 41 ? 5.301   -8.944  -1.335  1.00   26.59  ? 42 LEU A CD2 1 
ATOM   287 N N   . ALA A 1 42 ? 4.260   -3.993  -0.284  1.00   25.21  ? 43 ALA A N   1 
ATOM   288 C CA  . ALA A 1 42 ? 4.601   -2.772  -0.960  1.00   9.88   ? 43 ALA A CA  1 
ATOM   289 C C   . ALA A 1 42 ? 4.862   -1.637  0.006   1.00   25.03  ? 43 ALA A C   1 
ATOM   290 O O   . ALA A 1 42 ? 5.780   -0.868  -0.205  1.00   24.57  ? 43 ALA A O   1 
ATOM   291 C CB  . ALA A 1 42 ? 3.528   -2.407  -1.946  1.00   44.96  ? 43 ALA A CB  1 
ATOM   292 N N   . ILE A 1 43 ? 4.063   -1.566  1.070   1.00   22.04  ? 44 ILE A N   1 
ATOM   293 C CA  . ILE A 1 43 ? 4.267   -0.613  2.136   1.00   21.32  ? 44 ILE A CA  1 
ATOM   294 C C   . ILE A 1 43 ? 5.616   -0.751  2.807   1.00   22.59  ? 44 ILE A C   1 
ATOM   295 O O   . ILE A 1 43 ? 6.362   0.207   2.900   1.00   40.45  ? 44 ILE A O   1 
ATOM   296 C CB  . ILE A 1 43 ? 3.182   -0.712  3.203   1.00   25.85  ? 44 ILE A CB  1 
ATOM   297 C CG1 . ILE A 1 43 ? 1.867   -0.188  2.614   1.00   27.99  ? 44 ILE A CG1 1 
ATOM   298 C CG2 . ILE A 1 43 ? 3.562   0.129   4.437   1.00   21.61  ? 44 ILE A CG2 1 
ATOM   299 C CD1 . ILE A 1 43 ? 0.707   -0.367  3.569   1.00   41.68  ? 44 ILE A CD1 1 
ATOM   300 N N   . LYS A 1 44 ? 5.925   -1.934  3.313   1.00   24.74  ? 45 LYS A N   1 
ATOM   301 C CA  . LYS A 1 44 ? 7.204   -2.144  3.965   1.00   23.56  ? 45 LYS A CA  1 
ATOM   302 C C   . LYS A 1 44 ? 8.377   -1.951  2.977   1.00   27.44  ? 45 LYS A C   1 
ATOM   303 O O   . LYS A 1 44 ? 9.456   -1.506  3.373   1.00   37.40  ? 45 LYS A O   1 
ATOM   304 C CB  . LYS A 1 44 ? 7.255   -3.549  4.586   1.00   40.69  ? 45 LYS A CB  1 
ATOM   305 C CG  . LYS A 1 44 ? 8.633   -4.003  5.086   1.00   25.05  ? 45 LYS A CG  1 
ATOM   306 C CD  . LYS A 1 44 ? 9.200   -3.072  6.223   1.00   49.82  ? 45 LYS A CD  1 
ATOM   307 C CE  . LYS A 1 44 ? 10.323  -3.743  7.052   1.00   23.80  ? 45 LYS A CE  1 
ATOM   308 N NZ  . LYS A 1 44 ? 11.140  -2.837  7.894   1.00   49.12  ? 45 LYS A NZ  1 
ATOM   309 N N   . GLU A 1 45 ? 8.161   -2.299  1.704   1.00   32.47  ? 46 GLU A N   1 
ATOM   310 C CA  . GLU A 1 45 ? 9.170   -2.099  0.661   1.00   24.45  ? 46 GLU A CA  1 
ATOM   311 C C   . GLU A 1 45 ? 9.349   -0.592  0.383   1.00   42.54  ? 46 GLU A C   1 
ATOM   312 O O   . GLU A 1 45 ? 10.438  -0.119  0.104   1.00   42.32  ? 46 GLU A O   1 
ATOM   313 C CB  . GLU A 1 45 ? 8.782   -2.842  -0.618  1.00   42.44  ? 46 GLU A CB  1 
ATOM   314 C CG  . GLU A 1 45 ? 9.247   -4.313  -0.673  1.00   44.05  ? 46 GLU A CG  1 
ATOM   315 C CD  . GLU A 1 45 ? 9.127   -4.893  -2.081  1.00   38.49  ? 46 GLU A CD  1 
ATOM   316 O OE1 . GLU A 1 45 ? 9.425   -6.096  -2.316  1.00   41.53  ? 46 GLU A OE1 1 
ATOM   317 O OE2 . GLU A 1 45 ? 8.742   -4.119  -2.974  1.00   37.96  ? 46 GLU A OE2 1 
ATOM   318 N N   . TYR A 1 46 ? 8.280   0.172   0.475   1.00   22.37  ? 47 TYR A N   1 
ATOM   319 C CA  . TYR A 1 46 ? 8.407   1.598   0.290   1.00   18.79  ? 47 TYR A CA  1 
ATOM   320 C C   . TYR A 1 46 ? 9.223   2.144   1.425   1.00   26.32  ? 47 TYR A C   1 
ATOM   321 O O   . TYR A 1 46 ? 10.215  2.806   1.232   1.00   34.89  ? 47 TYR A O   1 
ATOM   322 C CB  . TYR A 1 46 ? 7.043   2.227   0.319   1.00   42.57  ? 47 TYR A CB  1 
ATOM   323 C CG  . TYR A 1 46 ? 7.055   3.703   0.132   1.00   28.65  ? 47 TYR A CG  1 
ATOM   324 C CD1 . TYR A 1 46 ? 7.277   4.267   -1.109  1.00   46.21  ? 47 TYR A CD1 1 
ATOM   325 C CD2 . TYR A 1 46 ? 6.814   4.541   1.196   1.00   23.52  ? 47 TYR A CD2 1 
ATOM   326 C CE1 . TYR A 1 46 ? 7.270   5.659   -1.286  1.00   46.83  ? 47 TYR A CE1 1 
ATOM   327 C CE2 . TYR A 1 46 ? 6.788   5.934   1.035   1.00   43.91  ? 47 TYR A CE2 1 
ATOM   328 C CZ  . TYR A 1 46 ? 7.025   6.489   -0.205  1.00   47.34  ? 47 TYR A CZ  1 
ATOM   329 O OH  . TYR A 1 46 ? 7.023   7.869   -0.352  1.00   33.44  ? 47 TYR A OH  1 
ATOM   330 N N   . LEU A 1 47 ? 8.772   1.842   2.625   1.00   31.05  ? 48 LEU A N   1 
ATOM   331 C CA  . LEU A 1 47 ? 9.374   2.321   3.849   1.00   30.76  ? 48 LEU A CA  1 
ATOM   332 C C   . LEU A 1 47 ? 10.832  1.946   3.925   1.00   41.00  ? 48 LEU A C   1 
ATOM   333 O O   . LEU A 1 47 ? 11.633  2.633   4.576   1.00   47.31  ? 48 LEU A O   1 
ATOM   334 C CB  . LEU A 1 47 ? 8.624   1.727   5.038   1.00   29.20  ? 48 LEU A CB  1 
ATOM   335 C CG  . LEU A 1 47 ? 7.325   2.470   5.334   1.00   37.79  ? 48 LEU A CG  1 
ATOM   336 C CD1 . LEU A 1 47 ? 6.551   1.704   6.363   1.00   28.64  ? 48 LEU A CD1 1 
ATOM   337 C CD2 . LEU A 1 47 ? 7.639   3.926   5.799   1.00   11.45  ? 48 LEU A CD2 1 
ATOM   338 N N   . ASP A 1 48 ? 11.193  0.847   3.278   1.00   50.84  ? 49 ASP A N   1 
ATOM   339 C CA  . ASP A 1 48 ? 12.595  0.432   3.283   1.00   40.84  ? 49 ASP A CA  1 
ATOM   340 C C   . ASP A 1 48 ? 13.450  1.377   2.382   1.00   39.00  ? 49 ASP A C   1 
ATOM   341 O O   . ASP A 1 48 ? 14.593  1.694   2.751   1.00   47.15  ? 49 ASP A O   1 
ATOM   342 C CB  . ASP A 1 48 ? 12.780  -1.086  2.948   1.00   19.91  ? 49 ASP A CB  1 
ATOM   343 C CG  . ASP A 1 48 ? 12.355  -2.007  4.075   1.00   28.07  ? 49 ASP A CG  1 
ATOM   344 O OD1 . ASP A 1 48 ? 12.306  -1.575  5.241   1.00   41.73  ? 49 ASP A OD1 1 
ATOM   345 O OD2 . ASP A 1 48 ? 12.038  -3.177  3.794   1.00   31.93  ? 49 ASP A OD2 1 
ATOM   346 N N   . ASN A 1 49 ? 12.879  1.832   1.247   1.00   71.87  ? 50 ASN A N   1 
ATOM   347 C CA  . ASN A 1 49 ? 13.510  2.794   0.302   1.00   65.95  ? 50 ASN A CA  1 
ATOM   348 C C   . ASN A 1 49 ? 13.973  4.078   0.965   1.00   53.80  ? 50 ASN A C   1 
ATOM   349 O O   . ASN A 1 49 ? 15.054  4.581   0.673   1.00   75.31  ? 50 ASN A O   1 
ATOM   350 C CB  . ASN A 1 49 ? 12.539  3.227   -0.805  1.00   73.77  ? 50 ASN A CB  1 
ATOM   351 C CG  . ASN A 1 49 ? 11.895  2.062   -1.523  1.00   111.90 ? 50 ASN A CG  1 
ATOM   352 O OD1 . ASN A 1 49 ? 12.446  0.964   -1.557  1.00   132.19 ? 50 ASN A OD1 1 
ATOM   353 N ND2 . ASN A 1 49 ? 10.725  2.300   -2.122  1.00   119.80 ? 50 ASN A ND2 1 
ATOM   354 N N   . HIS A 1 50 ? 13.104  4.609   1.828   1.00   47.01  ? 51 HIS A N   1 
ATOM   355 C CA  . HIS A 1 50 ? 13.312  5.805   2.651   1.00   46.31  ? 51 HIS A CA  1 
ATOM   356 C C   . HIS A 1 50 ? 14.109  5.556   3.970   1.00   92.41  ? 51 HIS A C   1 
ATOM   357 O O   . HIS A 1 50 ? 13.656  5.964   5.058   1.00   87.89  ? 51 HIS A O   1 
ATOM   358 C CB  . HIS A 1 50 ? 11.926  6.389   2.979   1.00   40.31  ? 51 HIS A CB  1 
ATOM   359 C CG  . HIS A 1 50 ? 11.169  6.838   1.787   1.00   32.21  ? 51 HIS A CG  1 
ATOM   360 N ND1 . HIS A 1 50 ? 11.128  6.095   0.605   1.00   61.19  ? 51 HIS A ND1 1 
ATOM   361 C CD2 . HIS A 1 50 ? 10.446  7.948   1.532   1.00   51.25  ? 51 HIS A CD2 1 
ATOM   362 C CE1 . HIS A 1 50 ? 10.417  6.736   -0.286  1.00   91.03  ? 51 HIS A CE1 1 
ATOM   363 N NE2 . HIS A 1 50 ? 9.983   7.874   0.241   1.00   71.57  ? 51 HIS A NE2 1 
ATOM   364 N N   . ASP A 1 51 ? 15.290  4.924   3.856   1.00   78.72  ? 52 ASP A N   1 
ATOM   365 C CA  . ASP A 1 51 ? 16.113  4.471   5.001   1.00   39.87  ? 52 ASP A CA  1 
ATOM   366 C C   . ASP A 1 51 ? 15.313  4.365   6.310   0.0000 55.05  ? 52 ASP A C   1 
ATOM   367 O O   . ASP A 1 51 ? 14.369  3.568   6.431   1.00   70.36  ? 52 ASP A O   1 
ATOM   368 C CB  . ASP A 1 51 ? 17.353  5.377   5.181   1.00   44.64  ? 52 ASP A CB  1 
ATOM   369 N N   . LEU B 1 6  ? -13.879 7.501   -8.386  1.00   48.10  ? 7  LEU B N   1 
ATOM   370 C CA  . LEU B 1 6  ? -14.056 6.971   -9.727  1.00   47.20  ? 7  LEU B CA  1 
ATOM   371 C C   . LEU B 1 6  ? -12.896 7.369   -10.630 1.00   74.19  ? 7  LEU B C   1 
ATOM   372 O O   . LEU B 1 6  ? -13.067 7.433   -11.854 1.00   103.72 ? 7  LEU B O   1 
ATOM   373 C CB  . LEU B 1 6  ? -15.368 7.430   -10.349 1.00   43.62  ? 7  LEU B CB  1 
ATOM   374 C CG  . LEU B 1 6  ? -16.496 6.458   -10.660 1.00   64.93  ? 7  LEU B CG  1 
ATOM   375 C CD1 . LEU B 1 6  ? -17.541 7.176   -11.499 1.00   91.70  ? 7  LEU B CD1 1 
ATOM   376 C CD2 . LEU B 1 6  ? -16.008 5.251   -11.412 1.00   72.45  ? 7  LEU B CD2 1 
ATOM   377 N N   . LEU B 1 7  ? -11.745 7.687   -10.021 1.00   52.78  ? 8  LEU B N   1 
ATOM   378 C CA  . LEU B 1 7  ? -10.411 7.558   -10.676 1.00   58.70  ? 8  LEU B CA  1 
ATOM   379 C C   . LEU B 1 7  ? -9.775  6.428   -9.937  1.00   64.43  ? 8  LEU B C   1 
ATOM   380 O O   . LEU B 1 7  ? -9.482  5.350   -10.481 1.00   58.85  ? 8  LEU B O   1 
ATOM   381 C CB  . LEU B 1 7  ? -9.495  8.781   -10.475 1.00   27.62  ? 8  LEU B CB  1 
ATOM   382 C CG  . LEU B 1 7  ? -7.976  8.512   -10.702 1.00   64.96  ? 8  LEU B CG  1 
ATOM   383 C CD1 . LEU B 1 7  ? -7.247  9.587   -11.476 1.00   56.40  ? 8  LEU B CD1 1 
ATOM   384 C CD2 . LEU B 1 7  ? -7.195  8.244   -9.417  1.00   45.31  ? 8  LEU B CD2 1 
ATOM   385 N N   . ASN B 1 8  ? -9.521  6.755   -8.677  1.00   41.63  ? 9  ASN B N   1 
ATOM   386 C CA  . ASN B 1 8  ? -9.490  5.814   -7.597  1.00   51.94  ? 9  ASN B CA  1 
ATOM   387 C C   . ASN B 1 8  ? -10.820 5.041   -7.689  1.00   78.09  ? 9  ASN B C   1 
ATOM   388 O O   . ASN B 1 8  ? -11.360 4.823   -8.780  1.00   78.50  ? 9  ASN B O   1 
ATOM   389 C CB  . ASN B 1 8  ? -9.350  6.584   -6.273  1.00   34.05  ? 9  ASN B CB  1 
ATOM   390 C CG  . ASN B 1 8  ? -8.031  7.405   -6.188  1.00   72.85  ? 9  ASN B CG  1 
ATOM   391 O OD1 . ASN B 1 8  ? -8.040  8.604   -5.886  1.00   59.90  ? 9  ASN B OD1 1 
ATOM   392 N ND2 . ASN B 1 8  ? -6.904  6.753   -6.455  1.00   39.16  ? 9  ASN B ND2 1 
ATOM   393 N N   . GLY B 1 9  ? -11.374 4.620   -6.570  1.00   60.29  ? 10 GLY B N   1 
ATOM   394 C CA  . GLY B 1 9  ? -12.511 3.744   -6.686  1.00   39.69  ? 10 GLY B CA  1 
ATOM   395 C C   . GLY B 1 9  ? -12.411 2.618   -5.674  1.00   62.50  ? 10 GLY B C   1 
ATOM   396 O O   . GLY B 1 9  ? -12.872 2.780   -4.561  1.00   58.96  ? 10 GLY B O   1 
ATOM   397 N N   . ILE B 1 10 ? -11.831 1.473   -6.026  1.00   43.77  ? 11 ILE B N   1 
ATOM   398 C CA  . ILE B 1 10 ? -11.861 0.373   -5.069  1.00   42.73  ? 11 ILE B CA  1 
ATOM   399 C C   . ILE B 1 10 ? -11.218 0.718   -3.704  1.00   51.83  ? 11 ILE B C   1 
ATOM   400 O O   . ILE B 1 10 ? -10.218 1.426   -3.624  1.00   77.41  ? 11 ILE B O   1 
ATOM   401 C CB  . ILE B 1 10 ? -11.222 -0.926  -5.600  1.00   30.85  ? 11 ILE B CB  1 
ATOM   402 C CG1 . ILE B 1 10 ? -11.334 -1.018  -7.112  1.00   70.80  ? 11 ILE B CG1 1 
ATOM   403 C CG2 . ILE B 1 10 ? -11.868 -2.159  -4.939  1.00   34.54  ? 11 ILE B CG2 1 
ATOM   404 C CD1 . ILE B 1 10 ? -11.177 -2.459  -7.634  1.00   101.72 ? 11 ILE B CD1 1 
ATOM   405 N N   . LYS B 1 11 ? -11.792 0.187   -2.636  1.00   36.73  ? 12 LYS B N   1 
ATOM   406 C CA  . LYS B 1 11 ? -11.250 0.398   -1.305  1.00   48.45  ? 12 LYS B CA  1 
ATOM   407 C C   . LYS B 1 11 ? -10.387 -0.763  -0.816  1.00   48.59  ? 12 LYS B C   1 
ATOM   408 O O   . LYS B 1 11 ? -10.635 -1.950  -1.080  1.00   45.60  ? 12 LYS B O   1 
ATOM   409 C CB  . LYS B 1 11 ? -12.381 0.609   -0.308  1.00   44.82  ? 12 LYS B CB  1 
ATOM   410 C CG  . LYS B 1 11 ? -11.895 0.822   1.126   1.00   52.48  ? 12 LYS B CG  1 
ATOM   411 C CD  . LYS B 1 11 ? -13.066 1.123   2.060   1.00   57.62  ? 12 LYS B CD  1 
ATOM   412 C CE  . LYS B 1 11 ? -12.807 0.678   3.485   1.00   52.75  ? 12 LYS B CE  1 
ATOM   413 N NZ  . LYS B 1 11 ? -11.787 1.525   4.132   1.00   61.71  ? 12 LYS B NZ  1 
ATOM   414 N N   . LEU B 1 12 ? -9.361  -0.410  -0.079  1.00   36.12  ? 13 LEU B N   1 
ATOM   415 C CA  . LEU B 1 12 ? -8.594  -1.412  0.609   1.00   35.18  ? 13 LEU B CA  1 
ATOM   416 C C   . LEU B 1 12 ? -8.794  -1.211  2.085   1.00   56.13  ? 13 LEU B C   1 
ATOM   417 O O   . LEU B 1 12 ? -9.031  -0.104  2.550   1.00   32.96  ? 13 LEU B O   1 
ATOM   418 C CB  . LEU B 1 12 ? -7.113  -1.315  0.278   1.00   38.89  ? 13 LEU B CB  1 
ATOM   419 C CG  . LEU B 1 12 ? -6.846  -1.268  -1.210  1.00   60.05  ? 13 LEU B CG  1 
ATOM   420 C CD1 . LEU B 1 12 ? -5.388  -1.538  -1.397  1.00   53.68  ? 13 LEU B CD1 1 
ATOM   421 C CD2 . LEU B 1 12 ? -7.722  -2.272  -1.946  1.00   69.23  ? 13 LEU B CD2 1 
ATOM   422 N N   . GLY B 1 13 ? -8.710  -2.311  2.814   1.00   51.20  ? 14 GLY B N   1 
ATOM   423 C CA  . GLY B 1 13 ? -8.627  -2.276  4.251   1.00   53.65  ? 14 GLY B CA  1 
ATOM   424 C C   . GLY B 1 13 ? -7.472  -3.204  4.463   1.00   47.09  ? 14 GLY B C   1 
ATOM   425 O O   . GLY B 1 13 ? -7.556  -4.362  4.089   1.00   61.56  ? 14 GLY B O   1 
ATOM   426 N N   . VAL B 1 14 ? -6.376  -2.687  4.992   1.00   32.01  ? 15 VAL B N   1 
ATOM   427 C CA  . VAL B 1 14 ? -5.183  -3.472  5.173   1.00   40.38  ? 15 VAL B CA  1 
ATOM   428 C C   . VAL B 1 14 ? -4.693  -3.135  6.563   1.00   58.67  ? 15 VAL B C   1 
ATOM   429 O O   . VAL B 1 14 ? -4.433  -1.963  6.846   1.00   41.06  ? 15 VAL B O   1 
ATOM   430 C CB  . VAL B 1 14 ? -4.157  -3.078  4.098   1.00   29.89  ? 15 VAL B CB  1 
ATOM   431 C CG1 . VAL B 1 14 ? -2.801  -3.770  4.328   1.00   38.75  ? 15 VAL B CG1 1 
ATOM   432 C CG2 . VAL B 1 14 ? -4.733  -3.360  2.715   1.00   51.43  ? 15 VAL B CG2 1 
ATOM   433 N N   . TYR B 1 15 ? -4.610  -4.138  7.438   1.00   50.86  ? 16 TYR B N   1 
ATOM   434 C CA  . TYR B 1 15 ? -4.213  -3.892  8.815   1.00   38.51  ? 16 TYR B CA  1 
ATOM   435 C C   . TYR B 1 15 ? -2.710  -4.074  8.901   1.00   47.51  ? 16 TYR B C   1 
ATOM   436 O O   . TYR B 1 15 ? -2.172  -5.157  8.650   1.00   45.40  ? 16 TYR B O   1 
ATOM   437 C CB  . TYR B 1 15 ? -4.985  -4.765  9.813   1.00   32.69  ? 16 TYR B CB  1 
ATOM   438 C CG  . TYR B 1 15 ? -6.346  -4.200  10.247  1.00   30.72  ? 16 TYR B CG  1 
ATOM   439 C CD1 . TYR B 1 15 ? -6.478  -3.413  11.392  1.00   59.85  ? 16 TYR B CD1 1 
ATOM   440 C CD2 . TYR B 1 15 ? -7.496  -4.469  9.529   1.00   30.46  ? 16 TYR B CD2 1 
ATOM   441 C CE1 . TYR B 1 15 ? -7.721  -2.898  11.796  1.00   48.76  ? 16 TYR B CE1 1 
ATOM   442 C CE2 . TYR B 1 15 ? -8.730  -3.955  9.919   1.00   57.31  ? 16 TYR B CE2 1 
ATOM   443 C CZ  . TYR B 1 15 ? -8.842  -3.169  11.051  1.00   53.58  ? 16 TYR B CZ  1 
ATOM   444 O OH  . TYR B 1 15 ? -10.094 -2.668  11.422  1.00   53.58  ? 16 TYR B OH  1 
ATOM   445 N N   . ILE B 1 16 ? -2.040  -2.964  9.188   1.00   47.97  ? 17 ILE B N   1 
ATOM   446 C CA  . ILE B 1 16 ? -0.588  -2.872  9.130   1.00   53.89  ? 17 ILE B CA  1 
ATOM   447 C C   . ILE B 1 16 ? -0.103  -2.478  10.510  1.00   64.72  ? 17 ILE B C   1 
ATOM   448 O O   . ILE B 1 16 ? -0.875  -1.957  11.310  1.00   59.69  ? 17 ILE B O   1 
ATOM   449 C CB  . ILE B 1 16 ? -0.134  -1.777  8.148   1.00   24.98  ? 17 ILE B CB  1 
ATOM   450 C CG1 . ILE B 1 16 ? -0.506  -0.393  8.712   1.00   30.04  ? 17 ILE B CG1 1 
ATOM   451 C CG2 . ILE B 1 16 ? -0.713  -2.031  6.734   1.00   39.10  ? 17 ILE B CG2 1 
ATOM   452 C CD1 . ILE B 1 16 ? 0.077   0.736   7.994   1.00   33.36  ? 17 ILE B CD1 1 
ATOM   453 N N   . PRO B 1 17 ? 1.177   -2.723  10.803  1.00   54.26  ? 18 PRO B N   1 
ATOM   454 C CA  . PRO B 1 17 ? 1.683   -2.333  12.129  1.00   31.75  ? 18 PRO B CA  1 
ATOM   455 C C   . PRO B 1 17 ? 1.483   -0.867  12.375  1.00   37.20  ? 18 PRO B C   1 
ATOM   456 O O   . PRO B 1 17 ? 1.243   -0.185  11.404  1.00   37.71  ? 18 PRO B O   1 
ATOM   457 C CB  . PRO B 1 17 ? 3.165   -2.628  12.028  1.00   31.62  ? 18 PRO B CB  1 
ATOM   458 C CG  . PRO B 1 17 ? 3.218   -3.821  11.057  1.00   34.80  ? 18 PRO B CG  1 
ATOM   459 C CD  . PRO B 1 17 ? 2.125   -3.563  10.049  1.00   34.74  ? 18 PRO B CD  1 
ATOM   460 N N   . GLN B 1 18 ? 1.572   -0.403  13.624  1.00   45.86  ? 19 GLN B N   1 
ATOM   461 C CA  . GLN B 1 18 ? 1.516   1.015   13.951  1.00   39.34  ? 19 GLN B CA  1 
ATOM   462 C C   . GLN B 1 18 ? 2.732   1.714   13.427  1.00   48.43  ? 19 GLN B C   1 
ATOM   463 O O   . GLN B 1 18 ? 2.640   2.850   13.021  1.00   36.75  ? 19 GLN B O   1 
ATOM   464 C CB  . GLN B 1 18 ? 1.561   1.212   15.444  1.00   49.86  ? 19 GLN B CB  1 
ATOM   465 C CG  . GLN B 1 18 ? 0.266   1.293   16.113  1.00   37.67  ? 19 GLN B CG  1 
ATOM   466 C CD  . GLN B 1 18 ? 0.061   2.627   16.725  1.00   47.33  ? 19 GLN B CD  1 
ATOM   467 O OE1 . GLN B 1 18 ? -0.085  3.647   16.030  1.00   50.09  ? 19 GLN B OE1 1 
ATOM   468 N NE2 . GLN B 1 18 ? 0.063   2.651   18.054  1.00   73.29  ? 19 GLN B NE2 1 
ATOM   469 N N   . GLU B 1 19 ? 3.875   1.035   13.473  1.00   37.11  ? 20 GLU B N   1 
ATOM   470 C CA  . GLU B 1 19 ? 5.155   1.660   13.177  1.00   47.98  ? 20 GLU B CA  1 
ATOM   471 C C   . GLU B 1 19 ? 5.182   2.103   11.725  1.00   17.67  ? 20 GLU B C   1 
ATOM   472 O O   . GLU B 1 19 ? 5.704   3.173   11.416  1.00   38.83  ? 20 GLU B O   1 
ATOM   473 C CB  . GLU B 1 19 ? 6.342   0.725   13.533  1.00   77.15  ? 20 GLU B CB  1 
ATOM   474 C CG  . GLU B 1 19 ? 7.697   1.027   12.837  1.00   74.42  ? 20 GLU B CG  1 
ATOM   475 C CD  . GLU B 1 19 ? 8.347   2.352   13.257  1.00   107.43 ? 20 GLU B CD  1 
ATOM   476 O OE1 . GLU B 1 19 ? 7.686   3.185   13.920  1.00   120.31 ? 20 GLU B OE1 1 
ATOM   477 O OE2 . GLU B 1 19 ? 9.535   2.559   12.911  1.00   117.11 ? 20 GLU B OE2 1 
ATOM   478 N N   . TRP B 1 20 ? 4.624   1.267   10.855  1.00   43.03  ? 21 TRP B N   1 
ATOM   479 C CA  . TRP B 1 20 ? 4.556   1.535   9.434   1.00   33.93  ? 21 TRP B CA  1 
ATOM   480 C C   . TRP B 1 20 ? 3.562   2.654   9.295   1.00   50.24  ? 21 TRP B C   1 
ATOM   481 O O   . TRP B 1 20 ? 3.721   3.543   8.464   1.00   47.24  ? 21 TRP B O   1 
ATOM   482 C CB  . TRP B 1 20 ? 3.992   0.323   8.695   1.00   22.16  ? 21 TRP B CB  1 
ATOM   483 C CG  . TRP B 1 20 ? 4.798   -0.978  8.813   1.00   29.99  ? 21 TRP B CG  1 
ATOM   484 C CD1 . TRP B 1 20 ? 5.810   -1.252  9.698   1.00   33.80  ? 21 TRP B CD1 1 
ATOM   485 C CD2 . TRP B 1 20 ? 4.595   -2.187  8.053   1.00   43.79  ? 21 TRP B CD2 1 
ATOM   486 N NE1 . TRP B 1 20 ? 6.271   -2.537  9.513   1.00   20.93  ? 21 TRP B NE1 1 
ATOM   487 C CE2 . TRP B 1 20 ? 5.537   -3.127  8.528   1.00   52.53  ? 21 TRP B CE2 1 
ATOM   488 C CE3 . TRP B 1 20 ? 3.713   -2.551  7.036   1.00   35.77  ? 21 TRP B CE3 1 
ATOM   489 C CZ2 . TRP B 1 20 ? 5.607   -4.411  7.995   1.00   27.03  ? 21 TRP B CZ2 1 
ATOM   490 C CZ3 . TRP B 1 20 ? 3.798   -3.828  6.523   1.00   15.81  ? 21 TRP B CZ3 1 
ATOM   491 C CH2 . TRP B 1 20 ? 4.736   -4.729  6.994   1.00   32.61  ? 21 TRP B CH2 1 
ATOM   492 N N   . HIS B 1 21 ? 2.522   2.582   10.127  1.00   55.18  ? 22 HIS B N   1 
ATOM   493 C CA  . HIS B 1 21 ? 1.430   3.537   10.092  1.00   31.23  ? 22 HIS B CA  1 
ATOM   494 C C   . HIS B 1 21 ? 1.902   4.930   10.502  1.00   43.47  ? 22 HIS B C   1 
ATOM   495 O O   . HIS B 1 21 ? 1.950   5.822   9.673   1.00   40.71  ? 22 HIS B O   1 
ATOM   496 C CB  . HIS B 1 21 ? 0.257   3.091   10.957  1.00   33.23  ? 22 HIS B CB  1 
ATOM   497 C CG  . HIS B 1 21 ? -0.822  4.119   11.058  1.00   57.86  ? 22 HIS B CG  1 
ATOM   498 N ND1 . HIS B 1 21 ? -0.924  5.001   12.120  1.00   41.63  ? 22 HIS B ND1 1 
ATOM   499 C CD2 . HIS B 1 21 ? -1.826  4.445   10.218  1.00   43.64  ? 22 HIS B CD2 1 
ATOM   500 C CE1 . HIS B 1 21 ? -1.950  5.793   11.938  1.00   33.77  ? 22 HIS B CE1 1 
ATOM   501 N NE2 . HIS B 1 21 ? -2.513  5.484   10.773  1.00   46.58  ? 22 HIS B NE2 1 
ATOM   502 N N   . ASP B 1 22 ? 2.277   5.102   11.766  1.00   37.22  ? 23 ASP B N   1 
ATOM   503 C CA  . ASP B 1 22 ? 2.784   6.384   12.251  1.00   55.07  ? 23 ASP B CA  1 
ATOM   504 C C   . ASP B 1 22 ? 3.938   6.914   11.379  1.00   18.22  ? 23 ASP B C   1 
ATOM   505 O O   . ASP B 1 22 ? 4.063   8.095   11.176  1.00   25.84  ? 23 ASP B O   1 
ATOM   506 C CB  . ASP B 1 22 ? 3.176   6.318   13.752  1.00   37.82  ? 23 ASP B CB  1 
ATOM   507 C CG  . ASP B 1 22 ? 2.021   5.817   14.674  1.00   61.05  ? 23 ASP B CG  1 
ATOM   508 O OD1 . ASP B 1 22 ? 2.315   5.476   15.830  1.00   78.80  ? 23 ASP B OD1 1 
ATOM   509 O OD2 . ASP B 1 22 ? 0.834   5.751   14.282  1.00   44.47  ? 23 ASP B OD2 1 
ATOM   510 N N   . ARG B 1 23 ? 4.730   6.026   10.805  1.00   38.22  ? 24 ARG B N   1 
ATOM   511 C CA  . ARG B 1 23 ? 5.910   6.432   10.027  1.00   23.36  ? 24 ARG B CA  1 
ATOM   512 C C   . ARG B 1 23 ? 5.571   6.828   8.571   1.00   43.89  ? 24 ARG B C   1 
ATOM   513 O O   . ARG B 1 23 ? 6.129   7.799   8.045   1.00   28.64  ? 24 ARG B O   1 
ATOM   514 C CB  . ARG B 1 23 ? 6.947   5.299   10.043  1.00   31.33  ? 24 ARG B CB  1 
ATOM   515 C CG  . ARG B 1 23 ? 8.440   5.689   9.993   1.00   42.05  ? 24 ARG B CG  1 
ATOM   516 C CD  . ARG B 1 23 ? 9.270   4.577   9.291   1.00   60.28  ? 24 ARG B CD  1 
ATOM   517 N NE  . ARG B 1 23 ? 9.101   3.233   9.875   1.00   46.85  ? 24 ARG B NE  1 
ATOM   518 C CZ  . ARG B 1 23 ? 9.705   2.120   9.445   1.00   42.76  ? 24 ARG B CZ  1 
ATOM   519 N NH1 . ARG B 1 23 ? 10.544  2.145   8.416   1.00   44.08  ? 24 ARG B NH1 1 
ATOM   520 N NH2 . ARG B 1 23 ? 9.473   0.962   10.051  1.00   61.17  ? 24 ARG B NH2 1 
ATOM   521 N N   . LEU B 1 24 ? 4.673   6.088   7.910   1.00   26.22  ? 25 LEU B N   1 
ATOM   522 C CA  . LEU B 1 24 ? 4.174   6.552   6.615   1.00   28.03  ? 25 LEU B CA  1 
ATOM   523 C C   . LEU B 1 24 ? 3.593   7.972   6.748   1.00   46.21  ? 25 LEU B C   1 
ATOM   524 O O   . LEU B 1 24 ? 3.819   8.833   5.900   1.00   48.46  ? 25 LEU B O   1 
ATOM   525 C CB  . LEU B 1 24 ? 3.069   5.649   6.110   1.00   28.36  ? 25 LEU B CB  1 
ATOM   526 C CG  . LEU B 1 24 ? 3.433   4.280   5.614   1.00   20.69  ? 25 LEU B CG  1 
ATOM   527 C CD1 . LEU B 1 24 ? 2.141   3.580   5.730   1.00   29.38  ? 25 LEU B CD1 1 
ATOM   528 C CD2 . LEU B 1 24 ? 3.849   4.400   4.182   1.00   27.46  ? 25 LEU B CD2 1 
ATOM   529 N N   . MET B 1 25 ? 2.805   8.197   7.796   1.00   26.92  ? 26 MET B N   1 
ATOM   530 C CA  . MET B 1 25 ? 2.279   9.507   8.101   1.00   33.37  ? 26 MET B CA  1 
ATOM   531 C C   . MET B 1 25 ? 3.379   10.607  7.987   1.00   92.84  ? 26 MET B C   1 
ATOM   532 O O   . MET B 1 25 ? 3.133   11.678  7.423   1.00   96.35  ? 26 MET B O   1 
ATOM   533 C CB  . MET B 1 25 ? 1.675   9.466   9.505   1.00   29.20  ? 26 MET B CB  1 
ATOM   534 C CG  . MET B 1 25 ? 0.223   9.091   9.565   1.00   33.32  ? 26 MET B CG  1 
ATOM   535 S SD  . MET B 1 25 ? -0.894  10.525  9.590   1.00   66.48  ? 26 MET B SD  1 
ATOM   536 C CE  . MET B 1 25 ? -2.329  9.662   10.262  1.00   46.13  ? 26 MET B CE  1 
ATOM   537 N N   . GLU B 1 26 ? 4.590   10.326  8.485   1.00   81.42  ? 27 GLU B N   1 
ATOM   538 C CA  . GLU B 1 26 ? 5.658   11.332  8.584   1.00   70.99  ? 27 GLU B CA  1 
ATOM   539 C C   . GLU B 1 26 ? 6.284   11.656  7.240   1.00   52.51  ? 27 GLU B C   1 
ATOM   540 O O   . GLU B 1 26 ? 6.710   12.784  6.967   1.00   47.76  ? 27 GLU B O   1 
ATOM   541 C CB  . GLU B 1 26 ? 6.711   10.900  9.619   1.00   71.74  ? 27 GLU B CB  1 
ATOM   542 C CG  . GLU B 1 26 ? 6.053   10.455  10.930  1.00   92.26  ? 27 GLU B CG  1 
ATOM   543 C CD  . GLU B 1 26 ? 6.821   10.838  12.179  1.00   107.38 ? 27 GLU B CD  1 
ATOM   544 O OE1 . GLU B 1 26 ? 6.162   11.080  13.224  1.00   87.01  ? 27 GLU B OE1 1 
ATOM   545 O OE2 . GLU B 1 26 ? 8.074   10.872  12.120  1.00   132.30 ? 27 GLU B OE2 1 
ATOM   546 N N   . ILE B 1 27 ? 6.329   10.650  6.390   1.00   30.12  ? 28 ILE B N   1 
ATOM   547 C CA  . ILE B 1 27 ? 6.730   10.861  5.017   1.00   32.78  ? 28 ILE B CA  1 
ATOM   548 C C   . ILE B 1 27 ? 5.755   11.803  4.295   1.00   62.27  ? 28 ILE B C   1 
ATOM   549 O O   . ILE B 1 27 ? 6.181   12.736  3.615   1.00   71.20  ? 28 ILE B O   1 
ATOM   550 C CB  . ILE B 1 27 ? 6.876   9.517   4.306   1.00   19.49  ? 28 ILE B CB  1 
ATOM   551 C CG1 . ILE B 1 27 ? 8.161   8.842   4.803   1.00   40.09  ? 28 ILE B CG1 1 
ATOM   552 C CG2 . ILE B 1 27 ? 6.822   9.699   2.771   1.00   32.09  ? 28 ILE B CG2 1 
ATOM   553 C CD1 . ILE B 1 27 ? 8.343   7.410   4.368   1.00   45.05  ? 28 ILE B CD1 1 
ATOM   554 N N   . ALA B 1 28 ? 4.453   11.554  4.456   1.00   78.37  ? 29 ALA B N   1 
ATOM   555 C CA  . ALA B 1 28 ? 3.391   12.388  3.872   1.00   54.78  ? 29 ALA B CA  1 
ATOM   556 C C   . ALA B 1 28 ? 3.633   13.851  4.175   1.00   35.75  ? 29 ALA B C   1 
ATOM   557 O O   . ALA B 1 28 ? 3.778   14.655  3.269   1.00   39.20  ? 29 ALA B O   1 
ATOM   558 C CB  . ALA B 1 28 ? 2.003   11.959  4.396   1.00   34.07  ? 29 ALA B CB  1 
ATOM   559 N N   . LYS B 1 29 ? 3.672   14.182  5.461   1.00   66.34  ? 30 LYS B N   1 
ATOM   560 C CA  . LYS B 1 29 ? 3.923   15.554  5.901   1.00   73.23  ? 30 LYS B CA  1 
ATOM   561 C C   . LYS B 1 29 ? 5.210   16.192  5.326   1.00   54.62  ? 30 LYS B C   1 
ATOM   562 O O   . LYS B 1 29 ? 5.291   17.415  5.234   1.00   50.56  ? 30 LYS B O   1 
ATOM   563 C CB  . LYS B 1 29 ? 3.861   15.658  7.437   1.00   77.96  ? 30 LYS B CB  1 
ATOM   564 C CG  . LYS B 1 29 ? 2.436   15.646  8.017   1.00   85.65  ? 30 LYS B CG  1 
ATOM   565 C CD  . LYS B 1 29 ? 1.586   16.825  7.531   1.00   77.26  ? 30 LYS B CD  1 
ATOM   566 C CE  . LYS B 1 29 ? 0.121   16.603  7.838   1.00   55.99  ? 30 LYS B CE  1 
ATOM   567 N NZ  . LYS B 1 29 ? -0.272  17.101  9.193   1.00   73.36  ? 30 LYS B NZ  1 
ATOM   568 N N   . GLU B 1 30 ? 6.197   15.378  4.932   1.00   65.55  ? 31 GLU B N   1 
ATOM   569 C CA  . GLU B 1 30 ? 7.420   15.893  4.276   1.00   91.48  ? 31 GLU B CA  1 
ATOM   570 C C   . GLU B 1 30 ? 7.373   15.920  2.733   1.00   83.71  ? 31 GLU B C   1 
ATOM   571 O O   . GLU B 1 30 ? 8.235   16.517  2.071   1.00   74.17  ? 31 GLU B O   1 
ATOM   572 C CB  . GLU B 1 30 ? 8.678   15.124  4.713   1.00   105.59 ? 31 GLU B CB  1 
ATOM   573 C CG  . GLU B 1 30 ? 9.873   15.342  3.754   1.00   103.48 ? 31 GLU B CG  1 
ATOM   574 C CD  . GLU B 1 30 ? 11.212  14.996  4.370   1.00   102.15 ? 31 GLU B CD  1 
ATOM   575 O OE1 . GLU B 1 30 ? 11.318  13.898  4.955   1.00   113.61 ? 31 GLU B OE1 1 
ATOM   576 O OE2 . GLU B 1 30 ? 12.157  15.816  4.267   1.00   85.87  ? 31 GLU B OE2 1 
ATOM   577 N N   . LYS B 1 31 ? 6.390   15.249  2.154   1.00   59.11  ? 32 LYS B N   1 
ATOM   578 C CA  . LYS B 1 31 ? 6.200   15.346  0.721   1.00   57.48  ? 32 LYS B CA  1 
ATOM   579 C C   . LYS B 1 31 ? 4.982   16.236  0.529   1.00   65.86  ? 32 LYS B C   1 
ATOM   580 O O   . LYS B 1 31 ? 4.556   16.533  -0.601  1.00   73.97  ? 32 LYS B O   1 
ATOM   581 C CB  . LYS B 1 31 ? 5.947   13.962  0.115   1.00   61.17  ? 32 LYS B CB  1 
ATOM   582 C CG  . LYS B 1 31 ? 6.853   12.855  0.636   1.00   51.18  ? 32 LYS B CG  1 
ATOM   583 C CD  . LYS B 1 31 ? 7.150   11.833  -0.449  1.00   38.90  ? 32 LYS B CD  1 
ATOM   584 C CE  . LYS B 1 31 ? 8.363   12.263  -1.277  1.00   35.80  ? 32 LYS B CE  1 
ATOM   585 N NZ  . LYS B 1 31 ? 9.671   12.224  -0.558  1.00   37.36  ? 32 LYS B NZ  1 
ATOM   586 N N   . ASN B 1 32 ? 4.430   16.680  1.651   1.00   38.81  ? 33 ASN B N   1 
ATOM   587 C CA  . ASN B 1 32 ? 3.082   17.222  1.635   1.00   63.25  ? 33 ASN B CA  1 
ATOM   588 C C   . ASN B 1 32 ? 2.176   16.307  0.844   1.00   63.56  ? 33 ASN B C   1 
ATOM   589 O O   . ASN B 1 32 ? 1.879   16.552  -0.329  1.00   81.08  ? 33 ASN B O   1 
ATOM   590 C CB  . ASN B 1 32 ? 3.038   18.653  1.103   1.00   65.90  ? 33 ASN B CB  1 
ATOM   591 C CG  . ASN B 1 32 ? 2.860   19.667  2.218   1.00   112.52 ? 33 ASN B CG  1 
ATOM   592 O OD1 . ASN B 1 32 ? 1.801   19.722  2.865   1.00   113.08 ? 33 ASN B OD1 1 
ATOM   593 N ND2 . ASN B 1 32 ? 3.902   20.462  2.468   1.00   128.75 ? 33 ASN B ND2 1 
ATOM   594 N N   . LEU B 1 33 ? 1.777   15.222  1.496   1.00   46.56  ? 34 LEU B N   1 
ATOM   595 C CA  . LEU B 1 33 ? 0.757   14.335  0.961   1.00   55.63  ? 34 LEU B CA  1 
ATOM   596 C C   . LEU B 1 33 ? -0.176  13.836  2.070   1.00   64.97  ? 34 LEU B C   1 
ATOM   597 O O   . LEU B 1 33 ? 0.123   13.992  3.262   1.00   69.17  ? 34 LEU B O   1 
ATOM   598 C CB  . LEU B 1 33 ? 1.413   13.181  0.207   1.00   49.09  ? 34 LEU B CB  1 
ATOM   599 C CG  . LEU B 1 33 ? 2.273   13.697  -0.954  1.00   36.00  ? 34 LEU B CG  1 
ATOM   600 C CD1 . LEU B 1 33 ? 3.318   12.694  -1.327  1.00   30.85  ? 34 LEU B CD1 1 
ATOM   601 C CD2 . LEU B 1 33 ? 1.417   14.129  -2.168  1.00   33.12  ? 34 LEU B CD2 1 
ATOM   602 N N   . THR B 1 34 ? -1.322  13.280  1.678   1.00   72.49  ? 35 THR B N   1 
ATOM   603 C CA  . THR B 1 34 ? -2.185  12.559  2.611   1.00   51.59  ? 35 THR B CA  1 
ATOM   604 C C   . THR B 1 34 ? -1.466  11.248  2.985   1.00   78.97  ? 35 THR B C   1 
ATOM   605 O O   . THR B 1 34 ? -0.566  10.788  2.264   1.00   78.98  ? 35 THR B O   1 
ATOM   606 C CB  . THR B 1 34 ? -3.549  12.237  1.973   1.00   50.65  ? 35 THR B CB  1 
ATOM   607 O OG1 . THR B 1 34 ? -3.330  11.521  0.760   1.00   42.58  ? 35 THR B OG1 1 
ATOM   608 C CG2 . THR B 1 34 ? -4.316  13.519  1.616   1.00   56.36  ? 35 THR B CG2 1 
ATOM   609 N N   . LEU B 1 35 ? -1.828  10.650  4.116   1.00   63.80  ? 36 LEU B N   1 
ATOM   610 C CA  . LEU B 1 35 ? -1.289  9.328   4.446   1.00   42.04  ? 36 LEU B CA  1 
ATOM   611 C C   . LEU B 1 35 ? -1.509  8.434   3.228   1.00   41.67  ? 36 LEU B C   1 
ATOM   612 O O   . LEU B 1 35 ? -0.603  7.718   2.830   1.00   48.54  ? 36 LEU B O   1 
ATOM   613 C CB  . LEU B 1 35 ? -1.981  8.766   5.691   1.00   32.09  ? 36 LEU B CB  1 
ATOM   614 C CG  . LEU B 1 35 ? -1.978  7.284   6.092   1.00   47.17  ? 36 LEU B CG  1 
ATOM   615 C CD1 . LEU B 1 35 ? -0.575  6.712   6.104   1.00   27.12  ? 36 LEU B CD1 1 
ATOM   616 C CD2 . LEU B 1 35 ? -2.706  7.051   7.472   1.00   35.96  ? 36 LEU B CD2 1 
ATOM   617 N N   . SER B 1 36 ? -2.705  8.563   2.617   1.00   45.25  ? 37 SER B N   1 
ATOM   618 C CA  . SER B 1 36 ? -3.202  7.813   1.432   1.00   52.11  ? 37 SER B CA  1 
ATOM   619 C C   . SER B 1 36 ? -2.433  7.951   0.103   1.00   41.39  ? 37 SER B C   1 
ATOM   620 O O   . SER B 1 36 ? -2.322  6.992   -0.644  1.00   43.61  ? 37 SER B O   1 
ATOM   621 C CB  . SER B 1 36 ? -4.660  8.202   1.202   1.00   28.70  ? 37 SER B CB  1 
ATOM   622 O OG  . SER B 1 36 ? -5.134  8.805   2.387   1.00   42.91  ? 37 SER B OG  1 
ATOM   623 N N   . ASP B 1 37 ? -1.961  9.153   -0.215  1.00   22.06  ? 38 ASP B N   1 
ATOM   624 C CA  . ASP B 1 37 ? -1.033  9.344   -1.330  1.00   33.48  ? 38 ASP B CA  1 
ATOM   625 C C   . ASP B 1 37 ? 0.204   8.487   -1.153  1.00   35.98  ? 38 ASP B C   1 
ATOM   626 O O   . ASP B 1 37 ? 0.703   7.870   -2.083  1.00   31.96  ? 38 ASP B O   1 
ATOM   627 C CB  . ASP B 1 37 ? -0.552  10.797  -1.389  1.00   31.69  ? 38 ASP B CB  1 
ATOM   628 C CG  . ASP B 1 37 ? -1.671  11.772  -1.571  1.00   35.45  ? 38 ASP B CG  1 
ATOM   629 O OD1 . ASP B 1 37 ? -2.587  11.474  -2.389  1.00   24.95  ? 38 ASP B OD1 1 
ATOM   630 O OD2 . ASP B 1 37 ? -1.607  12.840  -0.905  1.00   30.01  ? 38 ASP B OD2 1 
ATOM   631 N N   . VAL B 1 38 ? 0.744   8.493   0.050   1.00   41.44  ? 39 VAL B N   1 
ATOM   632 C CA  . VAL B 1 38 ? 2.009   7.831   0.282   1.00   46.16  ? 39 VAL B CA  1 
ATOM   633 C C   . VAL B 1 38 ? 1.904   6.329   -0.016  1.00   36.73  ? 39 VAL B C   1 
ATOM   634 O O   . VAL B 1 38 ? 2.862   5.691   -0.458  1.00   27.78  ? 39 VAL B O   1 
ATOM   635 C CB  . VAL B 1 38 ? 2.507   8.110   1.727   1.00   37.51  ? 39 VAL B CB  1 
ATOM   636 C CG1 . VAL B 1 38 ? 3.746   7.271   2.040   1.00   38.89  ? 39 VAL B CG1 1 
ATOM   637 C CG2 . VAL B 1 38 ? 2.813   9.557   1.889   1.00   35.56  ? 39 VAL B CG2 1 
ATOM   638 N N   . CYS B 1 39 ? 0.731   5.756   0.225   1.00   28.36  ? 40 CYS B N   1 
ATOM   639 C CA  . CYS B 1 39 ? 0.588   4.335   0.005   1.00   40.90  ? 40 CYS B CA  1 
ATOM   640 C C   . CYS B 1 39 ? 0.348   4.106   -1.442  1.00   56.28  ? 40 CYS B C   1 
ATOM   641 O O   . CYS B 1 39 ? 1.003   3.270   -2.052  1.00   58.96  ? 40 CYS B O   1 
ATOM   642 C CB  . CYS B 1 39 ? -0.574  3.781   0.774   1.00   57.03  ? 40 CYS B CB  1 
ATOM   643 S SG  . CYS B 1 39 ? -0.240  3.857   2.467   1.00   66.39  ? 40 CYS B SG  1 
ATOM   644 N N   . ARG B 1 40 ? -0.619  4.833   -1.987  1.00   38.44  ? 41 ARG B N   1 
ATOM   645 C CA  . ARG B 1 40 ? -0.864  4.740   -3.398  1.00   37.60  ? 41 ARG B CA  1 
ATOM   646 C C   . ARG B 1 40 ? 0.467   4.586   -4.144  1.00   34.55  ? 41 ARG B C   1 
ATOM   647 O O   . ARG B 1 40 ? 0.573   3.722   -4.997  1.00   39.58  ? 41 ARG B O   1 
ATOM   648 C CB  . ARG B 1 40 ? -1.666  5.931   -3.886  1.00   31.95  ? 41 ARG B CB  1 
ATOM   649 C CG  . ARG B 1 40 ? -3.135  5.744   -3.716  1.00   30.24  ? 41 ARG B CG  1 
ATOM   650 C CD  . ARG B 1 40 ? -3.795  7.029   -4.041  1.00   29.14  ? 41 ARG B CD  1 
ATOM   651 N NE  . ARG B 1 40 ? -4.797  7.329   -3.038  1.00   42.26  ? 41 ARG B NE  1 
ATOM   652 C CZ  . ARG B 1 40 ? -5.195  8.557   -2.756  1.00   47.93  ? 41 ARG B CZ  1 
ATOM   653 N NH1 . ARG B 1 40 ? -4.657  9.580   -3.392  1.00   43.91  ? 41 ARG B NH1 1 
ATOM   654 N NH2 . ARG B 1 40 ? -6.112  8.766   -1.830  1.00   66.77  ? 41 ARG B NH2 1 
ATOM   655 N N   . LEU B 1 41 ? 1.502   5.361   -3.824  1.00   28.15  ? 42 LEU B N   1 
ATOM   656 C CA  . LEU B 1 41 ? 2.758   5.159   -4.576  1.00   34.57  ? 42 LEU B CA  1 
ATOM   657 C C   . LEU B 1 41 ? 3.709   4.083   -4.084  1.00   48.92  ? 42 LEU B C   1 
ATOM   658 O O   . LEU B 1 41 ? 4.537   3.586   -4.865  1.00   40.93  ? 42 LEU B O   1 
ATOM   659 C CB  . LEU B 1 41 ? 3.566   6.437   -4.764  1.00   59.30  ? 42 LEU B CB  1 
ATOM   660 C CG  . LEU B 1 41 ? 3.976   7.221   -3.535  1.00   60.29  ? 42 LEU B CG  1 
ATOM   661 C CD1 . LEU B 1 41 ? 5.463   7.573   -3.529  1.00   77.90  ? 42 LEU B CD1 1 
ATOM   662 C CD2 . LEU B 1 41 ? 3.119   8.450   -3.532  1.00   37.36  ? 42 LEU B CD2 1 
ATOM   663 N N   . ALA B 1 42 ? 3.648   3.782   -2.787  1.00   45.06  ? 43 ALA B N   1 
ATOM   664 C CA  . ALA B 1 42 ? 4.232   2.558   -2.246  1.00   47.74  ? 43 ALA B CA  1 
ATOM   665 C C   . ALA B 1 42 ? 3.790   1.330   -3.059  1.00   47.89  ? 43 ALA B C   1 
ATOM   666 O O   . ALA B 1 42 ? 4.602   0.464   -3.400  1.00   55.17  ? 43 ALA B O   1 
ATOM   667 C CB  . ALA B 1 42 ? 3.828   2.407   -0.791  1.00   17.20  ? 43 ALA B CB  1 
ATOM   668 N N   . ILE B 1 43 ? 2.488   1.285   -3.346  1.00   43.72  ? 44 ILE B N   1 
ATOM   669 C CA  . ILE B 1 43 ? 1.801   0.258   -4.126  1.00   39.67  ? 44 ILE B CA  1 
ATOM   670 C C   . ILE B 1 43 ? 2.116   0.299   -5.615  1.00   42.46  ? 44 ILE B C   1 
ATOM   671 O O   . ILE B 1 43 ? 2.439   -0.698  -6.214  1.00   26.64  ? 44 ILE B O   1 
ATOM   672 C CB  . ILE B 1 43 ? 0.283   0.482   -3.975  1.00   26.56  ? 44 ILE B CB  1 
ATOM   673 C CG1 . ILE B 1 43 ? -0.152  -0.006  -2.595  1.00   30.83  ? 44 ILE B CG1 1 
ATOM   674 C CG2 . ILE B 1 43 ? -0.505  -0.147  -5.145  1.00   38.12  ? 44 ILE B CG2 1 
ATOM   675 C CD1 . ILE B 1 43 ? -1.637  0.106   -2.326  1.00   29.07  ? 44 ILE B CD1 1 
ATOM   676 N N   . LYS B 1 44 ? 1.988   1.474   -6.218  1.00   41.15  ? 45 LYS B N   1 
ATOM   677 C CA  . LYS B 1 44 ? 2.264   1.650   -7.649  1.00   59.90  ? 45 LYS B CA  1 
ATOM   678 C C   . LYS B 1 44 ? 3.704   1.287   -7.996  1.00   54.51  ? 45 LYS B C   1 
ATOM   679 O O   . LYS B 1 44 ? 3.976   0.650   -9.010  1.00   42.98  ? 45 LYS B O   1 
ATOM   680 C CB  . LYS B 1 44 ? 1.990   3.095   -8.093  1.00   23.89  ? 45 LYS B CB  1 
ATOM   681 C CG  . LYS B 1 44 ? 2.478   3.418   -9.517  1.00   21.77  ? 45 LYS B CG  1 
ATOM   682 C CD  . LYS B 1 44 ? 1.732   2.649   -10.641 1.00   16.93  ? 45 LYS B CD  1 
ATOM   683 C CE  . LYS B 1 44 ? 2.199   3.167   -12.040 1.00   23.19  ? 45 LYS B CE  1 
ATOM   684 N NZ  . LYS B 1 44 ? 1.418   2.914   -13.266 1.00   55.36  ? 45 LYS B NZ  1 
ATOM   685 N N   . GLU B 1 45 ? 4.632   1.725   -7.160  1.00   46.92  ? 46 GLU B N   1 
ATOM   686 C CA  . GLU B 1 45 ? 6.023   1.417   -7.404  1.00   32.83  ? 46 GLU B CA  1 
ATOM   687 C C   . GLU B 1 45 ? 6.168   -0.061  -7.326  1.00   34.28  ? 46 GLU B C   1 
ATOM   688 O O   . GLU B 1 45 ? 6.761   -0.675  -8.195  1.00   43.17  ? 46 GLU B O   1 
ATOM   689 C CB  . GLU B 1 45 ? 6.909   2.075   -6.378  1.00   23.03  ? 46 GLU B CB  1 
ATOM   690 C CG  . GLU B 1 45 ? 7.074   3.507   -6.689  1.00   36.36  ? 46 GLU B CG  1 
ATOM   691 C CD  . GLU B 1 45 ? 7.824   4.216   -5.639  1.00   32.09  ? 46 GLU B CD  1 
ATOM   692 O OE1 . GLU B 1 45 ? 7.993   5.438   -5.739  1.00   31.53  ? 46 GLU B OE1 1 
ATOM   693 O OE2 . GLU B 1 45 ? 8.257   3.541   -4.696  1.00   70.99  ? 46 GLU B OE2 1 
ATOM   694 N N   . TYR B 1 46 ? 5.602   -0.629  -6.277  1.00   31.97  ? 47 TYR B N   1 
ATOM   695 C CA  . TYR B 1 46 ? 5.651   -2.067  -6.083  1.00   36.97  ? 47 TYR B CA  1 
ATOM   696 C C   . TYR B 1 46 ? 5.059   -2.759  -7.284  1.00   39.44  ? 47 TYR B C   1 
ATOM   697 O O   . TYR B 1 46 ? 5.616   -3.703  -7.752  1.00   31.66  ? 47 TYR B O   1 
ATOM   698 C CB  . TYR B 1 46 ? 4.909   -2.461  -4.820  1.00   38.99  ? 47 TYR B CB  1 
ATOM   699 C CG  . TYR B 1 46 ? 4.724   -3.945  -4.655  1.00   36.33  ? 47 TYR B CG  1 
ATOM   700 C CD1 . TYR B 1 46 ? 5.801   -4.782  -4.493  1.00   34.83  ? 47 TYR B CD1 1 
ATOM   701 C CD2 . TYR B 1 46 ? 3.452   -4.507  -4.643  1.00   38.32  ? 47 TYR B CD2 1 
ATOM   702 C CE1 . TYR B 1 46 ? 5.622   -6.153  -4.348  1.00   44.21  ? 47 TYR B CE1 1 
ATOM   703 C CE2 . TYR B 1 46 ? 3.252   -5.866  -4.491  1.00   40.60  ? 47 TYR B CE2 1 
ATOM   704 C CZ  . TYR B 1 46 ? 4.336   -6.682  -4.344  1.00   50.06  ? 47 TYR B CZ  1 
ATOM   705 O OH  . TYR B 1 46 ? 4.124   -8.029  -4.201  1.00   78.90  ? 47 TYR B OH  1 
ATOM   706 N N   . LEU B 1 47 ? 3.932   -2.292  -7.797  1.00   40.16  ? 48 LEU B N   1 
ATOM   707 C CA  . LEU B 1 47 ? 3.321   -2.959  -8.941  1.00   37.46  ? 48 LEU B CA  1 
ATOM   708 C C   . LEU B 1 47 ? 4.146   -2.715  -10.221 1.00   44.71  ? 48 LEU B C   1 
ATOM   709 O O   . LEU B 1 47 ? 4.169   -3.548  -11.129 1.00   38.95  ? 48 LEU B O   1 
ATOM   710 C CB  . LEU B 1 47 ? 1.875   -2.487  -9.152  1.00   30.89  ? 48 LEU B CB  1 
ATOM   711 C CG  . LEU B 1 47 ? 0.678   -2.727  -8.219  1.00   30.43  ? 48 LEU B CG  1 
ATOM   712 C CD1 . LEU B 1 47 ? -0.502  -1.916  -8.687  1.00   40.87  ? 48 LEU B CD1 1 
ATOM   713 C CD2 . LEU B 1 47 ? 0.255   -4.183  -8.075  1.00   30.12  ? 48 LEU B CD2 1 
ATOM   714 N N   . ASP B 1 48 ? 4.804   -1.563  -10.302 1.00   42.87  ? 49 ASP B N   1 
ATOM   715 C CA  . ASP B 1 48 ? 5.717   -1.275  -11.409 1.00   46.60  ? 49 ASP B CA  1 
ATOM   716 C C   . ASP B 1 48 ? 6.871   -2.269  -11.427 1.00   39.67  ? 49 ASP B C   1 
ATOM   717 O O   . ASP B 1 48 ? 7.168   -2.881  -12.464 1.00   69.72  ? 49 ASP B O   1 
ATOM   718 C CB  . ASP B 1 48 ? 6.298   0.152   -11.323 1.00   50.09  ? 49 ASP B CB  1 
ATOM   719 C CG  . ASP B 1 48 ? 5.275   1.218   -11.586 1.00   30.39  ? 49 ASP B CG  1 
ATOM   720 O OD1 . ASP B 1 48 ? 4.174   0.877   -12.036 1.00   33.52  ? 49 ASP B OD1 1 
ATOM   721 O OD2 . ASP B 1 48 ? 5.554   2.388   -11.277 1.00   42.43  ? 49 ASP B OD2 1 
ATOM   722 N N   . ASN B 1 49 ? 7.545   -2.383  -10.287 1.00   32.84  ? 50 ASN B N   1 
ATOM   723 C CA  . ASN B 1 49 ? 8.553   -3.425  -10.066 1.00   61.40  ? 50 ASN B CA  1 
ATOM   724 C C   . ASN B 1 49 ? 8.031   -4.869  -10.022 1.00   47.90  ? 50 ASN B C   1 
ATOM   725 O O   . ASN B 1 49 ? 8.583   -5.693  -9.327  1.00   56.76  ? 50 ASN B O   1 
ATOM   726 C CB  . ASN B 1 49 ? 9.353   -3.156  -8.792  1.00   50.75  ? 50 ASN B CB  1 
ATOM   727 C CG  . ASN B 1 49 ? 9.693   -1.695  -8.614  1.00   100.09 ? 50 ASN B CG  1 
ATOM   728 O OD1 . ASN B 1 49 ? 9.548   -0.887  -9.539  1.00   114.06 ? 50 ASN B OD1 1 
ATOM   729 N ND2 . ASN B 1 49 ? 10.144  -1.339  -7.413  1.00   119.91 ? 50 ASN B ND2 1 
ATOM   730 N N   . HIS B 1 50 ? 6.950   -5.150  -10.732 1.00   68.64  ? 51 HIS B N   1 
ATOM   731 C CA  . HIS B 1 50 ? 6.598   -6.510  -11.116 1.00   72.80  ? 51 HIS B CA  1 
ATOM   732 C C   . HIS B 1 50 ? 6.334   -6.417  -12.640 1.00   87.42  ? 51 HIS B C   1 
ATOM   733 O O   . HIS B 1 50 ? 5.313   -6.891  -13.154 1.00   103.92 ? 51 HIS B O   1 
ATOM   734 C CB  . HIS B 1 50 ? 5.396   -7.043  -10.298 1.00   62.71  ? 51 HIS B CB  1 
ATOM   735 C CG  . HIS B 1 50 ? 5.768   -7.615  -8.956  1.00   92.48  ? 51 HIS B CG  1 
ATOM   736 N ND1 . HIS B 1 50 ? 5.263   -8.812  -8.486  1.00   113.59 ? 51 HIS B ND1 1 
ATOM   737 C CD2 . HIS B 1 50 ? 6.607   -7.167  -7.987  1.00   115.64 ? 51 HIS B CD2 1 
ATOM   738 C CE1 . HIS B 1 50 ? 5.766   -9.071  -7.289  1.00   122.83 ? 51 HIS B CE1 1 
ATOM   739 N NE2 . HIS B 1 50 ? 6.588   -8.082  -6.964  1.00   117.80 ? 51 HIS B NE2 1 
ATOM   740 N N   . ASP B 1 51 ? 7.281   -5.763  -13.327 0.0000 80.48  ? 52 ASP B N   1 
ATOM   741 C CA  . ASP B 1 51 ? 7.289   -5.528  -14.788 1.00   73.07  ? 52 ASP B CA  1 
ATOM   742 C C   . ASP B 1 51 ? 5.950   -5.082  -15.382 1.00   79.97  ? 52 ASP B C   1 
ATOM   743 O O   . ASP B 1 51 ? 5.364   -4.090  -14.941 1.00   93.95  ? 52 ASP B O   1 
ATOM   744 C CB  . ASP B 1 51 ? 7.842   -6.748  -15.532 1.00   58.38  ? 52 ASP B CB  1 
HETATM 745 C C1  . GOL C 2 .  ? 5.023   -8.398  5.963   1.00   60.48  ? 57 GOL A C1  1 
HETATM 746 O O1  . GOL C 2 .  ? 6.250   -9.053  6.126   1.00   43.08  ? 57 GOL A O1  1 
HETATM 747 C C2  . GOL C 2 .  ? 3.932   -9.442  6.091   1.00   62.65  ? 57 GOL A C2  1 
HETATM 748 O O2  . GOL C 2 .  ? 3.135   -9.206  7.230   1.00   53.07  ? 57 GOL A O2  1 
HETATM 749 C C3  . GOL C 2 .  ? 3.059   -9.406  4.854   1.00   39.34  ? 57 GOL A C3  1 
HETATM 750 O O3  . GOL C 2 .  ? 1.749   -9.610  5.300   1.00   28.99  ? 57 GOL A O3  1 
HETATM 751 O O   . HOH D 3 .  ? 8.394   8.812   -2.547  1.00   36.95  ? 58 HOH A O   1 
HETATM 752 O O   . HOH D 3 .  ? -7.507  1.380   13.265  1.00   20.61  ? 59 HOH A O   1 
HETATM 753 O O   . HOH D 3 .  ? -5.288  -7.136  7.164   1.00   40.58  ? 60 HOH A O   1 
HETATM 754 O O   . HOH D 3 .  ? -8.620  7.257   -0.102  1.00   26.64  ? 61 HOH A O   1 
HETATM 755 O O   . HOH D 3 .  ? -4.266  -4.907  19.461  1.00   33.64  ? 62 HOH A O   1 
HETATM 756 O O   . HOH D 3 .  ? -7.103  -9.714  1.536   1.00   32.72  ? 63 HOH A O   1 
HETATM 757 O O   . HOH D 3 .  ? -8.327  -19.008 -6.988  1.00   26.60  ? 64 HOH A O   1 
HETATM 758 O O   . HOH D 3 .  ? 17.569  1.854   2.447   1.00   47.84  ? 65 HOH A O   1 
HETATM 759 O O   . HOH D 3 .  ? -0.755  -3.701  -17.123 1.00   36.78  ? 66 HOH A O   1 
HETATM 760 O O   . HOH D 3 .  ? -6.655  -4.970  20.518  1.00   37.42  ? 67 HOH A O   1 
HETATM 761 O O   . HOH D 3 .  ? -10.722 2.403   -11.315 1.00   28.07  ? 68 HOH A O   1 
HETATM 762 O O   . HOH D 3 .  ? -4.881  -11.885 -15.970 1.00   62.36  ? 69 HOH A O   1 
HETATM 763 O O   . HOH D 3 .  ? 7.506   -17.523 -4.465  1.00   54.67  ? 70 HOH A O   1 
HETATM 764 O O   . HOH D 3 .  ? -4.876  -16.221 -3.005  1.00   37.04  ? 71 HOH A O   1 
HETATM 765 O O   . HOH D 3 .  ? -8.025  -17.016 -5.440  1.00   44.95  ? 72 HOH A O   1 
HETATM 766 O O   . HOH D 3 .  ? -11.643 7.900   2.302   1.00   41.35  ? 73 HOH A O   1 
HETATM 767 O O   . HOH D 3 .  ? 13.205  8.920   9.398   1.00   41.28  ? 74 HOH A O   1 
HETATM 768 O O   . HOH D 3 .  ? 17.327  3.865   -2.497  1.00   38.43  ? 75 HOH A O   1 
HETATM 769 O O   . HOH D 3 .  ? -0.518  -8.500  -12.700 1.00   43.41  ? 76 HOH A O   1 
HETATM 770 O O   . HOH D 3 .  ? 2.713   -10.358 -12.058 1.00   33.40  ? 77 HOH A O   1 
HETATM 771 O O   . HOH D 3 .  ? -12.301 -7.472  -7.250  1.00   54.74  ? 78 HOH A O   1 
HETATM 772 O O   . HOH D 3 .  ? -15.716 -3.175  -12.883 1.00   37.21  ? 79 HOH A O   1 
HETATM 773 O O   . HOH D 3 .  ? -3.842  -1.549  20.032  1.00   46.02  ? 80 HOH A O   1 
HETATM 774 O O   . HOH D 3 .  ? 13.944  -1.499  8.759   1.00   42.62  ? 91 HOH A O   1 
HETATM 775 O O   . HOH E 3 .  ? 7.444   -9.569  -4.361  1.00   26.57  ? 57 HOH B O   1 
HETATM 776 O O   . HOH E 3 .  ? -14.400 0.325   -2.365  1.00   32.50  ? 58 HOH B O   1 
HETATM 777 O O   . HOH E 3 .  ? 6.921   -0.561  -2.865  1.00   30.14  ? 59 HOH B O   1 
HETATM 778 O O   . HOH E 3 .  ? -1.899  3.422   -14.175 1.00   27.19  ? 60 HOH B O   1 
HETATM 779 O O   . HOH E 3 .  ? -5.828  12.095  -0.289  1.00   36.62  ? 61 HOH B O   1 
HETATM 780 O O   . HOH E 3 .  ? 12.306  0.445   7.919   1.00   39.14  ? 62 HOH B O   1 
HETATM 781 O O   . HOH E 3 .  ? -8.390  -5.050  1.380   1.00   40.93  ? 63 HOH B O   1 
HETATM 782 O O   . HOH E 3 .  ? 11.187  11.059  3.443   1.00   41.47  ? 64 HOH B O   1 
HETATM 783 O O   . HOH E 3 .  ? 8.323   -11.353 -7.600  1.00   32.03  ? 65 HOH B O   1 
HETATM 784 O O   . HOH E 3 .  ? 11.232  -7.044  -6.770  1.00   60.27  ? 66 HOH B O   1 
HETATM 785 O O   . HOH E 3 .  ? -2.758  4.682   21.839  1.00   62.02  ? 67 HOH B O   1 
HETATM 786 O O   . HOH E 3 .  ? 8.388   -1.731  -15.609 1.00   70.49  ? 68 HOH B O   1 
HETATM 787 O O   . HOH E 3 .  ? -9.034  10.737  -4.708  1.00   31.71  ? 69 HOH B O   1 
HETATM 788 O O   . HOH E 3 .  ? -9.979  16.887  0.475   1.00   50.10  ? 70 HOH B O   1 
HETATM 789 O O   . HOH E 3 .  ? 12.720  -5.118  -9.384  1.00   44.63  ? 71 HOH B O   1 
HETATM 790 O O   . HOH E 3 .  ? 8.309   -3.413  -18.092 1.00   43.03  ? 72 HOH B O   1 
HETATM 791 O O   . HOH E 3 .  ? 10.060  -5.439  -18.501 1.00   44.54  ? 73 HOH B O   1 
# 
loop_
_atom_site_anisotrop.id 
_atom_site_anisotrop.type_symbol 
_atom_site_anisotrop.pdbx_label_atom_id 
_atom_site_anisotrop.pdbx_label_alt_id 
_atom_site_anisotrop.pdbx_label_comp_id 
_atom_site_anisotrop.pdbx_label_asym_id 
_atom_site_anisotrop.pdbx_label_seq_id 
_atom_site_anisotrop.pdbx_PDB_ins_code 
_atom_site_anisotrop.U[1][1] 
_atom_site_anisotrop.U[2][2] 
_atom_site_anisotrop.U[3][3] 
_atom_site_anisotrop.U[1][2] 
_atom_site_anisotrop.U[1][3] 
_atom_site_anisotrop.U[2][3] 
_atom_site_anisotrop.pdbx_auth_seq_id 
_atom_site_anisotrop.pdbx_auth_comp_id 
_atom_site_anisotrop.pdbx_auth_asym_id 
_atom_site_anisotrop.pdbx_auth_atom_id 
1   N N   . LEU A 7  ? 0.7290 0.5544 0.5230 0.0869  -0.0118 0.0056  8  LEU A N   
2   C CA  . LEU A 7  ? 1.0649 0.8927 0.8532 0.1013  -0.0150 -0.0003 8  LEU A CA  
3   C C   . LEU A 7  ? 0.9587 0.7862 0.7440 0.1130  -0.0174 0.0001  8  LEU A C   
4   O O   . LEU A 7  ? 0.7432 0.5666 0.5295 0.1122  -0.0136 0.0060  8  LEU A O   
5   C CB  . LEU A 7  ? 1.3058 1.1426 1.1008 0.0967  -0.0227 -0.0078 8  LEU A CB  
6   C CG  . LEU A 7  ? 1.2146 1.0521 1.0062 0.1003  -0.0200 -0.0122 8  LEU A CG  
7   C CD1 . LEU A 7  ? 1.1606 0.9921 0.9504 0.0915  -0.0110 -0.0092 8  LEU A CD1 
8   C CD2 . LEU A 7  ? 0.8484 0.6961 0.6482 0.0968  -0.0276 -0.0196 8  LEU A CD2 
9   N N   . ASN A 8  ? 1.2152 1.0473 0.9969 0.1233  -0.0233 -0.0068 9  ASN A N   
10  C CA  . ASN A 8  ? 1.3182 1.1505 1.0943 0.1352  -0.0262 -0.0091 9  ASN A CA  
11  C C   . ASN A 8  ? 1.1186 0.9583 0.9060 0.1307  -0.0364 -0.0162 9  ASN A C   
12  O O   . ASN A 8  ? 0.8985 0.7414 0.6983 0.1176  -0.0395 -0.0156 9  ASN A O   
13  C CB  . ASN A 8  ? 0.6030 0.4354 0.3650 0.1508  -0.0261 -0.0121 9  ASN A CB  
14  C CG  . ASN A 8  ? 0.9650 0.7956 0.7157 0.1638  -0.0257 -0.0127 9  ASN A CG  
15  O OD1 . ASN A 8  ? 0.9778 0.8020 0.7242 0.1658  -0.0181 -0.0063 9  ASN A OD1 
16  N ND2 . ASN A 8  ? 0.9163 0.7527 0.6613 0.1726  -0.0335 -0.0207 9  ASN A ND2 
17  N N   . GLY A 9  ? 1.0579 0.8997 0.8407 0.1412  -0.0414 -0.0226 10 GLY A N   
18  C CA  . GLY A 9  ? 0.6781 0.5263 0.4719 0.1379  -0.0514 -0.0306 10 GLY A CA  
19  C C   . GLY A 9  ? 1.0180 0.8657 0.8272 0.1281  -0.0534 -0.0287 10 GLY A C   
20  O O   . GLY A 9  ? 0.8471 0.6901 0.6558 0.1318  -0.0495 -0.0257 10 GLY A O   
21  N N   . ILE A 10 ? 0.8126 0.6656 0.6365 0.1157  -0.0591 -0.0296 11 ILE A N   
22  C CA  . ILE A 10 ? 0.7709 0.6248 0.6118 0.1062  -0.0633 -0.0278 11 ILE A CA  
23  C C   . ILE A 10 ? 0.7603 0.6151 0.6123 0.0903  -0.0620 -0.0183 11 ILE A C   
24  O O   . ILE A 10 ? 0.5430 0.4028 0.3998 0.0803  -0.0649 -0.0183 11 ILE A O   
25  C CB  . ILE A 10 ? 0.6825 0.5422 0.5339 0.1054  -0.0730 -0.0372 11 ILE A CB  
26  C CG1 . ILE A 10 ? 0.5953 0.4545 0.4362 0.1200  -0.0756 -0.0471 11 ILE A CG1 
27  C CG2 . ILE A 10 ? 0.8092 0.6684 0.6791 0.0975  -0.0770 -0.0352 11 ILE A CG2 
28  C CD1 . ILE A 10 ? 0.7423 0.6033 0.5964 0.1191  -0.0836 -0.0554 11 ILE A CD1 
29  N N   . LYS A 11 ? 0.7353 0.5861 0.5919 0.0877  -0.0581 -0.0103 12 LYS A N   
30  C CA  . LYS A 11 ? 0.8486 0.7007 0.7139 0.0731  -0.0573 -0.0005 12 LYS A CA  
31  C C   . LYS A 11 ? 1.0156 0.8736 0.8974 0.0601  -0.0653 0.0012  12 LYS A C   
32  O O   . LYS A 11 ? 1.0836 0.9433 0.9758 0.0624  -0.0714 -0.0038 12 LYS A O   
33  C CB  . LYS A 11 ? 0.7452 0.5929 0.6141 0.0737  -0.0521 0.0080  12 LYS A CB  
34  C CG  . LYS A 11 ? 0.6333 0.4841 0.5149 0.0581  -0.0541 0.0183  12 LYS A CG  
35  C CD  . LYS A 11 ? 0.8538 0.7014 0.7362 0.0564  -0.0477 0.0278  12 LYS A CD  
36  C CE  . LYS A 11 ? 0.9549 0.8062 0.8576 0.0466  -0.0527 0.0370  12 LYS A CE  
37  N NZ  . LYS A 11 ? 0.8967 0.7477 0.8045 0.0419  -0.0483 0.0472  12 LYS A NZ  
38  N N   . LEU A 12 ? 1.2649 1.1259 1.1486 0.0463  -0.0651 0.0084  13 LEU A N   
39  C CA  . LEU A 12 ? 1.2142 1.0809 1.1124 0.0324  -0.0717 0.0136  13 LEU A CA  
40  C C   . LEU A 12 ? 1.4572 1.3242 1.3629 0.0223  -0.0714 0.0259  13 LEU A C   
41  O O   . LEU A 12 ? 1.4395 1.3048 1.3361 0.0189  -0.0660 0.0304  13 LEU A O   
42  C CB  . LEU A 12 ? 0.8571 0.7292 0.7503 0.0227  -0.0726 0.0114  13 LEU A CB  
43  C CG  . LEU A 12 ? 0.5459 0.4209 0.4385 0.0292  -0.0755 0.0005  13 LEU A CG  
44  C CD1 . LEU A 12 ? 0.5469 0.4274 0.4356 0.0190  -0.0748 -0.0010 13 LEU A CD1 
45  C CD2 . LEU A 12 ? 0.5753 0.4518 0.4839 0.0305  -0.0829 -0.0017 13 LEU A CD2 
46  N N   . GLY A 13 ? 1.5121 1.3817 1.4358 0.0172  -0.0776 0.0316  14 GLY A N   
47  C CA  . GLY A 13 ? 1.2485 1.1204 1.1826 0.0066  -0.0794 0.0446  14 GLY A CA  
48  C C   . GLY A 13 ? 1.0440 0.9231 0.9883 -0.0088 -0.0869 0.0518  14 GLY A C   
49  O O   . GLY A 13 ? 1.5275 1.4088 1.4894 -0.0136 -0.0921 0.0611  14 GLY A O   
50  N N   . VAL A 14 ? 0.5355 0.4184 0.4696 -0.0162 -0.0873 0.0481  15 VAL A N   
51  C CA  . VAL A 14 ? 0.6911 0.5813 0.6318 -0.0316 -0.0934 0.0550  15 VAL A CA  
52  C C   . VAL A 14 ? 0.7797 0.6743 0.7161 -0.0464 -0.0942 0.0667  15 VAL A C   
53  O O   . VAL A 14 ? 0.8460 0.7388 0.7679 -0.0475 -0.0886 0.0654  15 VAL A O   
54  C CB  . VAL A 14 ? 0.6478 0.5411 0.5796 -0.0337 -0.0925 0.0458  15 VAL A CB  
55  C CG1 . VAL A 14 ? 0.4588 0.3602 0.3965 -0.0500 -0.0977 0.0532  15 VAL A CG1 
56  C CG2 . VAL A 14 ? 0.6112 0.5014 0.5484 -0.0199 -0.0932 0.0345  15 VAL A CG2 
57  N N   . TYR A 15 ? 0.7515 0.6521 0.7010 -0.0580 -0.1015 0.0782  16 TYR A N   
58  C CA  . TYR A 15 ? 0.7321 0.6390 0.6754 -0.0742 -0.1039 0.0887  16 TYR A CA  
59  C C   . TYR A 15 ? 0.8125 0.7258 0.7473 -0.0865 -0.1053 0.0877  16 TYR A C   
60  O O   . TYR A 15 ? 0.7123 0.6273 0.6570 -0.0858 -0.1086 0.0863  16 TYR A O   
61  C CB  . TYR A 15 ? 0.9517 0.8628 0.9145 -0.0799 -0.1116 0.1042  16 TYR A CB  
62  C CG  . TYR A 15 ? 0.8010 0.7080 0.7724 -0.0712 -0.1096 0.1076  16 TYR A CG  
63  C CD1 . TYR A 15 ? 0.6680 0.5791 0.6388 -0.0800 -0.1113 0.1177  16 TYR A CD1 
64  C CD2 . TYR A 15 ? 0.6962 0.5960 0.6769 -0.0547 -0.1061 0.1007  16 TYR A CD2 
65  C CE1 . TYR A 15 ? 0.5645 0.4735 0.5454 -0.0726 -0.1088 0.1206  16 TYR A CE1 
66  C CE2 . TYR A 15 ? 0.7250 0.6215 0.7135 -0.0470 -0.1030 0.1040  16 TYR A CE2 
67  C CZ  . TYR A 15 ? 0.5104 0.4121 0.5001 -0.0560 -0.1041 0.1139  16 TYR A CZ  
68  O OH  . TYR A 15 ? 0.8108 0.7123 0.8117 -0.0490 -0.1006 0.1164  16 TYR A OH  
69  N N   . ILE A 16 ? 0.5993 0.5157 0.5157 -0.0978 -0.1022 0.0879  17 ILE A N   
70  C CA  . ILE A 16 ? 0.7278 0.6498 0.6327 -0.1092 -0.1011 0.0853  17 ILE A CA  
71  C C   . ILE A 16 ? 0.5392 0.4681 0.4345 -0.1273 -0.1042 0.0957  17 ILE A C   
72  O O   . ILE A 16 ? 0.8374 0.7661 0.7332 -0.1295 -0.1062 0.1023  17 ILE A O   
73  C CB  . ILE A 16 ? 0.7253 0.6431 0.6120 -0.1043 -0.0912 0.0708  17 ILE A CB  
74  C CG1 . ILE A 16 ? 0.7325 0.6444 0.6090 -0.1010 -0.0862 0.0692  17 ILE A CG1 
75  C CG2 . ILE A 16 ? 0.6580 0.5715 0.5507 -0.0887 -0.0885 0.0593  17 ILE A CG2 
76  C CD1 . ILE A 16 ? 0.5334 0.4438 0.3893 -0.1071 -0.0779 0.0610  17 ILE A CD1 
77  N N   . PRO A 17 ? 0.5130 0.4489 0.3994 -0.1405 -0.1047 0.0971  18 PRO A N   
78  C CA  . PRO A 17 ? 0.4761 0.4194 0.3493 -0.1589 -0.1076 0.1060  18 PRO A CA  
79  C C   . PRO A 17 ? 0.6032 0.5433 0.4570 -0.1623 -0.1012 0.0993  18 PRO A C   
80  O O   . PRO A 17 ? 0.5090 0.4429 0.3519 -0.1554 -0.0917 0.0854  18 PRO A O   
81  C CB  . PRO A 17 ? 0.6259 0.5752 0.4910 -0.1684 -0.1056 0.1040  18 PRO A CB  
82  C CG  . PRO A 17 ? 0.3912 0.3394 0.2767 -0.1585 -0.1084 0.1040  18 PRO A CG  
83  C CD  . PRO A 17 ? 0.5025 0.4411 0.3956 -0.1398 -0.1050 0.0941  18 PRO A CD  
84  N N   . GLN A 18 ? 0.7263 0.6706 0.5770 -0.1732 -0.1067 0.1094  19 GLN A N   
85  C CA  . GLN A 18 ? 0.5434 0.4843 0.3788 -0.1773 -0.1020 0.1043  19 GLN A CA  
86  C C   . GLN A 18 ? 0.6127 0.5515 0.4248 -0.1833 -0.0921 0.0909  19 GLN A C   
87  O O   . GLN A 18 ? 0.4980 0.4284 0.3019 -0.1772 -0.0838 0.0804  19 GLN A O   
88  C CB  . GLN A 18 ? 0.9506 0.8996 0.7857 -0.1922 -0.1114 0.1184  19 GLN A CB  
89  C CG  . GLN A 18 ? 1.1274 1.0730 0.9732 -0.1862 -0.1131 0.1222  19 GLN A CG  
90  C CD  . GLN A 18 ? 1.3384 1.2945 1.1913 -0.1994 -0.1251 0.1390  19 GLN A CD  
91  O OE1 . GLN A 18 ? 1.3303 1.2893 1.1714 -0.2111 -0.1264 0.1398  19 GLN A OE1 
92  N NE2 . GLN A 18 ? 1.4091 1.3710 1.2825 -0.1981 -0.1343 0.1527  19 GLN A NE2 
93  N N   . GLU A 19 ? 0.6326 0.5786 0.4353 -0.1950 -0.0924 0.0918  20 GLU A N   
94  C CA  . GLU A 19 ? 0.6417 0.5874 0.4229 -0.2025 -0.0826 0.0797  20 GLU A CA  
95  C C   . GLU A 19 ? 0.5768 0.5145 0.3604 -0.1869 -0.0723 0.0651  20 GLU A C   
96  O O   . GLU A 19 ? 0.6413 0.5728 0.4118 -0.1853 -0.0620 0.0524  20 GLU A O   
97  C CB  . GLU A 19 ? 0.6310 0.5876 0.4041 -0.2184 -0.0861 0.0867  20 GLU A CB  
98  C CG  . GLU A 19 ? 0.8806 0.8373 0.6420 -0.2197 -0.0751 0.0739  20 GLU A CG  
99  C CD  . GLU A 19 ? 1.1490 1.1040 0.8847 -0.2309 -0.0660 0.0633  20 GLU A CD  
100 O OE1 . GLU A 19 ? 0.9948 0.9482 0.7220 -0.2376 -0.0687 0.0651  20 GLU A OE1 
101 O OE2 . GLU A 19 ? 1.3639 1.3193 1.0892 -0.2332 -0.0560 0.0527  20 GLU A OE2 
102 N N   . TRP A 20 ? 0.7445 0.6826 0.5463 -0.1756 -0.0757 0.0674  21 TRP A N   
103 C CA  . TRP A 20 ? 0.4919 0.4235 0.3008 -0.1584 -0.0690 0.0555  21 TRP A CA  
104 C C   . TRP A 20 ? 0.5146 0.4356 0.3199 -0.1462 -0.0623 0.0467  21 TRP A C   
105 O O   . TRP A 20 ? 0.7269 0.6431 0.5211 -0.1433 -0.0523 0.0349  21 TRP A O   
106 C CB  . TRP A 20 ? 0.4871 0.4198 0.3181 -0.1484 -0.0767 0.0618  21 TRP A CB  
107 C CG  . TRP A 20 ? 0.5824 0.5234 0.4207 -0.1553 -0.0805 0.0664  21 TRP A CG  
108 C CD1 . TRP A 20 ? 0.3507 0.3005 0.1799 -0.1728 -0.0818 0.0730  21 TRP A CD1 
109 C CD2 . TRP A 20 ? 0.6143 0.5555 0.4714 -0.1451 -0.0836 0.0652  21 TRP A CD2 
110 N NE1 . TRP A 20 ? 0.6102 0.5654 0.4522 -0.1736 -0.0848 0.0766  21 TRP A NE1 
111 C CE2 . TRP A 20 ? 0.4902 0.4400 0.3500 -0.1569 -0.0861 0.0713  21 TRP A CE2 
112 C CE3 . TRP A 20 ? 0.6937 0.6285 0.5647 -0.1274 -0.0841 0.0591  21 TRP A CE3 
113 C CZ2 . TRP A 20 ? 0.4655 0.4175 0.3438 -0.1517 -0.0894 0.0717  21 TRP A CZ2 
114 C CZ3 . TRP A 20 ? 0.6194 0.5567 0.5071 -0.1226 -0.0879 0.0585  21 TRP A CZ3 
115 C CH2 . TRP A 20 ? 0.5440 0.4894 0.4362 -0.1346 -0.0905 0.0647  21 TRP A CH2 
116 N N   . HIS A 21 ? 0.5093 0.4264 0.3249 -0.1385 -0.0672 0.0529  22 HIS A N   
117 C CA  . HIS A 21 ? 0.3651 0.2731 0.1757 -0.1310 -0.0616 0.0483  22 HIS A CA  
118 C C   . HIS A 21 ? 0.4752 0.3800 0.2664 -0.1405 -0.0530 0.0403  22 HIS A C   
119 O O   . HIS A 21 ? 0.4286 0.3257 0.2138 -0.1318 -0.0433 0.0291  22 HIS A O   
120 C CB  . HIS A 21 ? 0.6645 0.5734 0.4855 -0.1323 -0.0694 0.0604  22 HIS A CB  
121 C CG  . HIS A 21 ? 0.8110 0.7108 0.6312 -0.1235 -0.0643 0.0577  22 HIS A CG  
122 N ND1 . HIS A 21 ? 0.7292 0.6228 0.5606 -0.1058 -0.0629 0.0565  22 HIS A ND1 
123 C CD2 . HIS A 21 ? 0.7677 0.6641 0.5777 -0.1306 -0.0605 0.0567  22 HIS A CD2 
124 C CE1 . HIS A 21 ? 0.4692 0.3558 0.2971 -0.1020 -0.0577 0.0554  22 HIS A CE1 
125 N NE2 . HIS A 21 ? 0.6822 0.5702 0.4985 -0.1169 -0.0564 0.0555  22 HIS A NE2 
126 N N   . ASP A 22 ? 0.5413 0.4519 0.3223 -0.1587 -0.0564 0.0458  23 ASP A N   
127 C CA  . ASP A 22 ? 0.6239 0.5314 0.3856 -0.1692 -0.0481 0.0369  23 ASP A CA  
128 C C   . ASP A 22 ? 0.7848 0.6895 0.5384 -0.1653 -0.0372 0.0234  23 ASP A C   
129 O O   . ASP A 22 ? 0.7359 0.6315 0.4827 -0.1600 -0.0271 0.0127  23 ASP A O   
130 C CB  . ASP A 22 ? 0.5690 0.4854 0.3180 -0.1911 -0.0538 0.0436  23 ASP A CB  
131 C CG  . ASP A 22 ? 0.7360 0.6583 0.4954 -0.1964 -0.0664 0.0591  23 ASP A CG  
132 O OD1 . ASP A 22 ? 0.7492 0.6810 0.5001 -0.2138 -0.0734 0.0670  23 ASP A OD1 
133 O OD2 . ASP A 22 ? 0.7334 0.6517 0.5092 -0.1835 -0.0692 0.0637  23 ASP A OD2 
134 N N   . ARG A 23 ? 0.7943 0.7071 0.5502 -0.1685 -0.0390 0.0245  24 ARG A N   
135 C CA  . ARG A 23 ? 0.7094 0.6216 0.4603 -0.1655 -0.0289 0.0124  24 ARG A CA  
136 C C   . ARG A 23 ? 0.9782 0.8822 0.7396 -0.1449 -0.0236 0.0046  24 ARG A C   
137 O O   . ARG A 23 ? 0.7990 0.6997 0.5564 -0.1401 -0.0134 -0.0068 24 ARG A O   
138 C CB  . ARG A 23 ? 0.6261 0.5492 0.3809 -0.1720 -0.0323 0.0164  24 ARG A CB  
139 C CG  . ARG A 23 ? 0.9752 0.9060 0.7119 -0.1928 -0.0303 0.0173  24 ARG A CG  
140 C CD  . ARG A 23 ? 1.3468 1.2851 1.0843 -0.1958 -0.0253 0.0134  24 ARG A CD  
141 N NE  . ARG A 23 ? 1.2703 1.2182 1.0194 -0.1997 -0.0352 0.0260  24 ARG A NE  
142 C CZ  . ARG A 23 ? 0.9001 0.8538 0.6583 -0.1975 -0.0327 0.0241  24 ARG A CZ  
143 N NH1 . ARG A 23 ? 0.5077 0.4593 0.2646 -0.1911 -0.0210 0.0104  24 ARG A NH1 
144 N NH2 . ARG A 23 ? 0.7774 0.7391 0.5476 -0.2016 -0.0416 0.0361  24 ARG A NH2 
145 N N   . LEU A 24 ? 0.7702 0.6716 0.5452 -0.1327 -0.0304 0.0108  25 LEU A N   
146 C CA  . LEU A 24 ? 0.7977 0.6914 0.5809 -0.1129 -0.0265 0.0047  25 LEU A CA  
147 C C   . LEU A 24 ? 0.8645 0.7469 0.6400 -0.1084 -0.0191 0.0004  25 LEU A C   
148 O O   . LEU A 24 ? 0.5361 0.4114 0.3118 -0.0954 -0.0113 -0.0077 25 LEU A O   
149 C CB  . LEU A 24 ? 0.6256 0.5207 0.4248 -0.1021 -0.0360 0.0124  25 LEU A CB  
150 C CG  . LEU A 24 ? 0.5191 0.4211 0.3315 -0.0973 -0.0417 0.0132  25 LEU A CG  
151 C CD1 . LEU A 24 ? 0.5637 0.4662 0.3896 -0.0922 -0.0514 0.0226  25 LEU A CD1 
152 C CD2 . LEU A 24 ? 0.6656 0.5645 0.4815 -0.0818 -0.0364 0.0028  25 LEU A CD2 
153 N N   . MET A 25 ? 0.5968 0.4781 0.3666 -0.1192 -0.0219 0.0066  26 MET A N   
154 C CA  . MET A 25 ? 0.3985 0.2696 0.1620 -0.1179 -0.0153 0.0033  26 MET A CA  
155 C C   . MET A 25 ? 0.6969 0.5638 0.4459 -0.1261 -0.0041 -0.0082 26 MET A C   
156 O O   . MET A 25 ? 0.8936 0.7497 0.6398 -0.1192 0.0049  -0.0150 26 MET A O   
157 C CB  . MET A 25 ? 0.5993 0.4725 0.3633 -0.1285 -0.0227 0.0136  26 MET A CB  
158 C CG  . MET A 25 ? 0.5924 0.4560 0.3590 -0.1217 -0.0194 0.0150  26 MET A CG  
159 S SD  . MET A 25 ? 1.0157 0.8748 0.7977 -0.0985 -0.0207 0.0187  26 MET A SD  
160 C CE  . MET A 25 ? 0.4575 0.3034 0.2335 -0.0849 -0.0070 0.0073  26 MET A CE  
161 N N   . GLU A 26 ? 0.6921 0.5668 0.4321 -0.1404 -0.0038 -0.0107 27 GLU A N   
162 C CA  . GLU A 26 ? 0.6676 0.5382 0.3937 -0.1483 0.0080  -0.0231 27 GLU A CA  
163 C C   . GLU A 26 ? 0.5915 0.4591 0.3231 -0.1345 0.0174  -0.0331 27 GLU A C   
164 O O   . GLU A 26 ? 0.6703 0.5286 0.3976 -0.1308 0.0287  -0.0432 27 GLU A O   
165 C CB  . GLU A 26 ? 0.6170 0.4968 0.3284 -0.1702 0.0064  -0.0229 27 GLU A CB  
166 C CG  . GLU A 26 ? 1.1355 1.0220 0.8432 -0.1845 -0.0056 -0.0105 27 GLU A CG  
167 C CD  . GLU A 26 ? 1.6862 1.5682 1.3789 -0.1991 -0.0032 -0.0141 27 GLU A CD  
168 O OE1 . GLU A 26 ? 1.7312 1.6210 1.4093 -0.2179 -0.0061 -0.0129 27 GLU A OE1 
169 O OE2 . GLU A 26 ? 1.5798 1.4507 1.2753 -0.1924 0.0014  -0.0177 27 GLU A OE2 
170 N N   . ILE A 27 ? 0.6845 0.5599 0.4271 -0.1267 0.0123  -0.0301 28 ILE A N   
171 C CA  . ILE A 27 ? 0.7973 0.6709 0.5491 -0.1109 0.0186  -0.0378 28 ILE A CA  
172 C C   . ILE A 27 ? 0.4344 0.2963 0.1915 -0.0936 0.0224  -0.0396 28 ILE A C   
173 O O   . ILE A 27 ? 0.5957 0.4505 0.3516 -0.0873 0.0329  -0.0484 28 ILE A O   
174 C CB  . ILE A 27 ? 1.0101 0.8947 0.7750 -0.1057 0.0104  -0.0334 28 ILE A CB  
175 C CG1 . ILE A 27 ? 0.7444 0.6399 0.5031 -0.1236 0.0087  -0.0314 28 ILE A CG1 
176 C CG2 . ILE A 27 ? 0.4421 0.3262 0.2187 -0.0879 0.0149  -0.0408 28 ILE A CG2 
177 C CD1 . ILE A 27 ? 0.3711 0.2768 0.1419 -0.1228 -0.0007 -0.0244 28 ILE A CD1 
178 N N   . ALA A 28 ? 0.5433 0.4033 0.3065 -0.0863 0.0142  -0.0308 29 ALA A N   
179 C CA  . ALA A 28 ? 0.5392 0.3887 0.3062 -0.0704 0.0174  -0.0308 29 ALA A CA  
180 C C   . ALA A 28 ? 0.7906 0.6283 0.5489 -0.0736 0.0287  -0.0369 29 ALA A C   
181 O O   . ALA A 28 ? 0.8451 0.6748 0.6062 -0.0608 0.0366  -0.0419 29 ALA A O   
182 C CB  . ALA A 28 ? 0.5102 0.3596 0.2825 -0.0666 0.0082  -0.0202 29 ALA A CB  
183 N N   . LYS A 29 ? 0.5647 0.4016 0.3132 -0.0907 0.0292  -0.0364 30 LYS A N   
184 C CA  . LYS A 29 ? 0.6156 0.4416 0.3555 -0.0965 0.0405  -0.0446 30 LYS A CA  
185 C C   . LYS A 29 ? 0.6506 0.4742 0.3894 -0.0931 0.0519  -0.0565 30 LYS A C   
186 O O   . LYS A 29 ? 0.6349 0.4496 0.3793 -0.0793 0.0598  -0.0607 30 LYS A O   
187 C CB  . LYS A 29 ? 0.3808 0.2096 0.1085 -0.1182 0.0384  -0.0444 30 LYS A CB  
188 C CG  . LYS A 29 ? 0.6832 0.5117 0.4123 -0.1230 0.0302  -0.0343 30 LYS A CG  
189 C CD  . LYS A 29 ? 0.8691 0.7023 0.5853 -0.1457 0.0272  -0.0344 30 LYS A CD  
190 C CE  . LYS A 29 ? 0.6518 0.4731 0.3601 -0.1529 0.0363  -0.0424 30 LYS A CE  
191 N NZ  . LYS A 29 ? 0.9304 0.7411 0.6488 -0.1409 0.0380  -0.0379 30 LYS A NZ  
192 N N   . GLU A 30 ? 0.6202 0.4522 0.3523 -0.1060 0.0530  -0.0613 31 GLU A N   
193 C CA  . GLU A 30 ? 0.7611 0.5935 0.4937 -0.1041 0.0639  -0.0725 31 GLU A CA  
194 C C   . GLU A 30 ? 0.7699 0.5993 0.5167 -0.0829 0.0679  -0.0749 31 GLU A C   
195 O O   . GLU A 30 ? 0.9732 0.7983 0.7223 -0.0791 0.0795  -0.0846 31 GLU A O   
196 C CB  . GLU A 30 ? 0.6634 0.5103 0.3927 -0.1156 0.0604  -0.0727 31 GLU A CB  
197 C CG  . GLU A 30 ? 1.2318 1.0829 0.9694 -0.1077 0.0686  -0.0812 31 GLU A CG  
198 C CD  . GLU A 30 ? 1.1262 0.9927 0.8704 -0.1097 0.0611  -0.0767 31 GLU A CD  
199 O OE1 . GLU A 30 ? 0.6989 0.5735 0.4351 -0.1246 0.0540  -0.0708 31 GLU A OE1 
200 O OE2 . GLU A 30 ? 1.0048 0.8754 0.7631 -0.0966 0.0621  -0.0790 31 GLU A OE2 
201 N N   . LYS A 31 ? 0.6492 0.4816 0.4058 -0.0693 0.0585  -0.0664 32 LYS A N   
202 C CA  . LYS A 31 ? 0.7364 0.5686 0.5055 -0.0501 0.0606  -0.0685 32 LYS A CA  
203 C C   . LYS A 31 ? 0.7763 0.5964 0.5491 -0.0343 0.0629  -0.0653 32 LYS A C   
204 O O   . LYS A 31 ? 0.6141 0.4325 0.3961 -0.0181 0.0659  -0.0670 32 LYS A O   
205 C CB  . LYS A 31 ? 0.6318 0.4776 0.4101 -0.0452 0.0497  -0.0640 32 LYS A CB  
206 C CG  . LYS A 31 ? 0.8449 0.7015 0.6268 -0.0515 0.0529  -0.0705 32 LYS A CG  
207 C CD  . LYS A 31 ? 0.9657 0.8350 0.7594 -0.0457 0.0420  -0.0662 32 LYS A CD  
208 C CE  . LYS A 31 ? 1.1055 0.9818 0.9114 -0.0379 0.0471  -0.0736 32 LYS A CE  
209 N NZ  . LYS A 31 ? 0.8982 0.7661 0.7050 -0.0316 0.0608  -0.0820 32 LYS A NZ  
210 N N   . ASN A 32 ? 0.8742 0.6866 0.6403 -0.0395 0.0617  -0.0602 33 ASN A N   
211 C CA  . ASN A 32 ? 1.0381 0.8393 0.8066 -0.0266 0.0632  -0.0549 33 ASN A CA  
212 C C   . ASN A 32 ? 0.8361 0.6425 0.6111 -0.0121 0.0530  -0.0462 33 ASN A C   
213 O O   . ASN A 32 ? 0.5202 0.3212 0.2998 0.0050  0.0550  -0.0440 33 ASN A O   
214 C CB  . ASN A 32 ? 1.0856 0.8747 0.8573 -0.0172 0.0761  -0.0610 33 ASN A CB  
215 C CG  . ASN A 32 ? 0.9706 0.7507 0.7348 -0.0322 0.0867  -0.0692 33 ASN A CG  
216 O OD1 . ASN A 32 ? 0.8612 0.6392 0.6172 -0.0462 0.0846  -0.0674 33 ASN A OD1 
217 N ND2 . ASN A 32 ? 1.0604 0.8355 0.8278 -0.0295 0.0982  -0.0787 33 ASN A ND2 
218 N N   . LEU A 33 ? 0.6214 0.4381 0.3961 -0.0200 0.0423  -0.0415 34 LEU A N   
219 C CA  . LEU A 33 ? 0.5653 0.3881 0.3456 -0.0104 0.0316  -0.0341 34 LEU A CA  
220 C C   . LEU A 33 ? 0.4690 0.2916 0.2467 -0.0194 0.0256  -0.0258 34 LEU A C   
221 O O   . LEU A 33 ? 0.6665 0.4870 0.4381 -0.0346 0.0280  -0.0260 34 LEU A O   
222 C CB  . LEU A 33 ? 0.4587 0.2946 0.2451 -0.0111 0.0244  -0.0363 34 LEU A CB  
223 C CG  . LEU A 33 ? 0.5951 0.4326 0.3861 -0.0036 0.0309  -0.0446 34 LEU A CG  
224 C CD1 . LEU A 33 ? 0.4196 0.2704 0.2165 -0.0095 0.0262  -0.0481 34 LEU A CD1 
225 C CD2 . LEU A 33 ? 0.7436 0.5770 0.5395 0.0172  0.0311  -0.0436 34 LEU A CD2 
226 N N   . THR A 34 ? 0.6252 0.4502 0.4078 -0.0100 0.0179  -0.0189 35 THR A N   
227 C CA  . THR A 34 ? 0.5086 0.3364 0.2927 -0.0184 0.0106  -0.0105 35 THR A CA  
228 C C   . THR A 34 ? 0.4372 0.2773 0.2265 -0.0259 0.0006  -0.0087 35 THR A C   
229 O O   . THR A 34 ? 0.6358 0.4821 0.4275 -0.0244 -0.0005 -0.0140 35 THR A O   
230 C CB  . THR A 34 ? 0.4554 0.2774 0.2422 -0.0052 0.0101  -0.0037 35 THR A CB  
231 O OG1 . THR A 34 ? 0.7095 0.5368 0.5019 0.0070  0.0033  -0.0028 35 THR A OG1 
232 C CG2 . THR A 34 ? 0.4833 0.2940 0.2660 0.0050  0.0202  -0.0060 35 THR A CG2 
233 N N   . LEU A 35 ? 0.4393 0.2836 0.2318 -0.0347 -0.0067 -0.0008 36 LEU A N   
234 C CA  . LEU A 35 ? 0.2888 0.1441 0.0883 -0.0407 -0.0163 0.0022  36 LEU A CA  
235 C C   . LEU A 35 ? 0.4656 0.3237 0.2742 -0.0258 -0.0217 0.0017  36 LEU A C   
236 O O   . LEU A 35 ? 0.5396 0.4055 0.3538 -0.0283 -0.0269 0.0000  36 LEU A O   
237 C CB  . LEU A 35 ? 0.5822 0.4417 0.3844 -0.0541 -0.0231 0.0118  36 LEU A CB  
238 C CG  . LEU A 35 ? 0.4039 0.2729 0.2164 -0.0589 -0.0337 0.0183  36 LEU A CG  
239 C CD1 . LEU A 35 ? 0.5785 0.4550 0.3863 -0.0772 -0.0363 0.0199  36 LEU A CD1 
240 C CD2 . LEU A 35 ? 0.4331 0.3014 0.2540 -0.0579 -0.0388 0.0281  36 LEU A CD2 
241 N N   . SER A 36 ? 0.5377 0.3896 0.3474 -0.0107 -0.0203 0.0027  37 SER A N   
242 C CA  . SER A 36 ? 0.3983 0.2523 0.2139 0.0042  -0.0247 -0.0001 37 SER A CA  
243 C C   . SER A 36 ? 0.3336 0.1902 0.1479 0.0095  -0.0224 -0.0087 37 SER A C   
244 O O   . SER A 36 ? 0.4799 0.3440 0.3013 0.0105  -0.0284 -0.0117 37 SER A O   
245 C CB  . SER A 36 ? 0.4217 0.2679 0.2344 0.0191  -0.0213 0.0019  37 SER A CB  
246 O OG  . SER A 36 ? 0.7740 0.6189 0.5909 0.0149  -0.0234 0.0100  37 SER A OG  
247 N N   . ASP A 37 ? 0.5364 0.3870 0.3432 0.0123  -0.0133 -0.0127 38 ASP A N   
248 C CA  . ASP A 37 ? 0.5219 0.3749 0.3292 0.0182  -0.0098 -0.0207 38 ASP A CA  
249 C C   . ASP A 37 ? 0.5599 0.4232 0.3729 0.0069  -0.0135 -0.0241 38 ASP A C   
250 O O   . ASP A 37 ? 0.6670 0.5369 0.4869 0.0133  -0.0171 -0.0287 38 ASP A O   
251 C CB  . ASP A 37 ? 0.4521 0.2964 0.2521 0.0190  0.0015  -0.0238 38 ASP A CB  
252 C CG  . ASP A 37 ? 0.6663 0.5001 0.4616 0.0323  0.0061  -0.0201 38 ASP A CG  
253 O OD1 . ASP A 37 ? 0.5658 0.3999 0.3623 0.0473  0.0024  -0.0190 38 ASP A OD1 
254 O OD2 . ASP A 37 ? 0.5351 0.3602 0.3251 0.0270  0.0136  -0.0183 38 ASP A OD2 
255 N N   . VAL A 38 ? 0.4747 0.3397 0.2845 -0.0100 -0.0127 -0.0215 39 VAL A N   
256 C CA  . VAL A 38 ? 0.3694 0.2437 0.1823 -0.0226 -0.0145 -0.0237 39 VAL A CA  
257 C C   . VAL A 38 ? 0.4802 0.3621 0.3035 -0.0235 -0.0255 -0.0192 39 VAL A C   
258 O O   . VAL A 38 ? 0.5019 0.3924 0.3318 -0.0292 -0.0286 -0.0209 39 VAL A O   
259 C CB  . VAL A 38 ? 0.4172 0.2910 0.2215 -0.0407 -0.0115 -0.0208 39 VAL A CB  
260 C CG1 . VAL A 38 ? 0.4589 0.3423 0.2637 -0.0540 -0.0114 -0.0233 39 VAL A CG1 
261 C CG2 . VAL A 38 ? 0.5125 0.3764 0.3070 -0.0400 -0.0011 -0.0248 39 VAL A CG2 
262 N N   . CYS A 39 ? 0.5212 0.3995 0.3468 -0.0183 -0.0307 -0.0131 40 CYS A N   
263 C CA  . CYS A 39 ? 0.5523 0.4365 0.3894 -0.0185 -0.0406 -0.0092 40 CYS A CA  
264 C C   . CYS A 39 ? 0.4677 0.3546 0.3119 -0.0045 -0.0435 -0.0162 40 CYS A C   
265 O O   . CYS A 39 ? 0.5222 0.4167 0.3762 -0.0076 -0.0487 -0.0181 40 CYS A O   
266 C CB  . CYS A 39 ? 0.3725 0.2525 0.2120 -0.0174 -0.0448 -0.0009 40 CYS A CB  
267 S SG  . CYS A 39 ? 0.5811 0.4633 0.4188 -0.0372 -0.0468 0.0096  40 CYS A SG  
268 N N   . ARG A 40 ? 0.3767 0.2577 0.2160 0.0104  -0.0402 -0.0198 41 ARG A N   
269 C CA  . ARG A 40 ? 0.3942 0.2786 0.2384 0.0239  -0.0433 -0.0267 41 ARG A CA  
270 C C   . ARG A 40 ? 0.4138 0.3058 0.2627 0.0197  -0.0413 -0.0329 41 ARG A C   
271 O O   . ARG A 40 ? 0.4267 0.3255 0.2849 0.0254  -0.0464 -0.0380 41 ARG A O   
272 C CB  . ARG A 40 ? 0.4296 0.3064 0.2651 0.0394  -0.0389 -0.0282 41 ARG A CB  
273 C CG  . ARG A 40 ? 0.4889 0.3611 0.3231 0.0480  -0.0428 -0.0243 41 ARG A CG  
274 C CD  . ARG A 40 ? 0.5350 0.4010 0.3597 0.0637  -0.0385 -0.0258 41 ARG A CD  
275 N NE  . ARG A 40 ? 0.6460 0.5038 0.4646 0.0648  -0.0347 -0.0189 41 ARG A NE  
276 C CZ  . ARG A 40 ? 0.6014 0.4524 0.4135 0.0600  -0.0266 -0.0148 41 ARG A CZ  
277 N NH1 . ARG A 40 ? 0.4055 0.2564 0.2158 0.0543  -0.0211 -0.0177 41 ARG A NH1 
278 N NH2 . ARG A 40 ? 0.9341 0.7786 0.7428 0.0606  -0.0235 -0.0083 41 ARG A NH2 
279 N N   . LEU A 41 ? 0.4780 0.3695 0.3214 0.0088  -0.0337 -0.0327 42 LEU A N   
280 C CA  . LEU A 41 ? 0.4420 0.3399 0.2892 0.0054  -0.0292 -0.0391 42 LEU A CA  
281 C C   . LEU A 41 ? 0.5256 0.4338 0.3838 -0.0049 -0.0353 -0.0386 42 LEU A C   
282 O O   . LEU A 41 ? 0.5752 0.4915 0.4442 -0.0015 -0.0374 -0.0441 42 LEU A O   
283 C CB  . LEU A 41 ? 0.6271 0.5202 0.4639 -0.0040 -0.0183 -0.0399 42 LEU A CB  
284 C CG  . LEU A 41 ? 0.5457 0.4440 0.3842 -0.0100 -0.0101 -0.0467 42 LEU A CG  
285 C CD1 . LEU A 41 ? 0.5571 0.4614 0.4069 0.0030  -0.0110 -0.0530 42 LEU A CD1 
286 C CD2 . LEU A 41 ? 0.4313 0.3211 0.2579 -0.0149 0.0019  -0.0492 42 LEU A CD2 
287 N N   . ALA A 42 ? 0.3977 0.3059 0.2543 -0.0178 -0.0383 -0.0313 43 ALA A N   
288 C CA  . ALA A 42 ? 0.1972 0.1141 0.0642 -0.0284 -0.0444 -0.0284 43 ALA A CA  
289 C C   . ALA A 42 ? 0.3833 0.3032 0.2644 -0.0194 -0.0541 -0.0296 43 ALA A C   
290 O O   . ALA A 42 ? 0.3708 0.2989 0.2639 -0.0224 -0.0575 -0.0321 43 ALA A O   
291 C CB  . ALA A 42 ? 0.6433 0.5594 0.5053 -0.0434 -0.0460 -0.0190 43 ALA A CB  
292 N N   . ILE A 43 ? 0.3484 0.2615 0.2276 -0.0084 -0.0579 -0.0283 44 ILE A N   
293 C CA  . ILE A 43 ? 0.3352 0.2496 0.2252 0.0018  -0.0664 -0.0314 44 ILE A CA  
294 C C   . ILE A 43 ? 0.3474 0.2676 0.2432 0.0118  -0.0674 -0.0409 44 ILE A C   
295 O O   . ILE A 43 ? 0.5667 0.4938 0.4762 0.0109  -0.0737 -0.0442 44 ILE A O   
296 C CB  . ILE A 43 ? 0.3976 0.3033 0.2814 0.0127  -0.0680 -0.0293 44 ILE A CB  
297 C CG1 . ILE A 43 ? 0.4255 0.3276 0.3102 0.0028  -0.0698 -0.0193 44 ILE A CG1 
298 C CG2 . ILE A 43 ? 0.3407 0.2475 0.2329 0.0250  -0.0758 -0.0353 44 ILE A CG2 
299 C CD1 . ILE A 43 ? 0.6036 0.4972 0.4829 0.0127  -0.0696 -0.0165 44 ILE A CD1 
300 N N   . LYS A 44 ? 0.3787 0.2961 0.2654 0.0217  -0.0616 -0.0449 45 LYS A N   
301 C CA  . LYS A 44 ? 0.3595 0.2832 0.2525 0.0319  -0.0630 -0.0530 45 LYS A CA  
302 C C   . LYS A 44 ? 0.4013 0.3355 0.3058 0.0219  -0.0608 -0.0561 45 LYS A C   
303 O O   . LYS A 44 ? 0.5203 0.4633 0.4376 0.0264  -0.0658 -0.0621 45 LYS A O   
304 C CB  . LYS A 44 ? 0.5821 0.5004 0.4636 0.0438  -0.0562 -0.0548 45 LYS A CB  
305 C CG  . LYS A 44 ? 0.3791 0.3050 0.2677 0.0536  -0.0564 -0.0620 45 LYS A CG  
306 C CD  . LYS A 44 ? 0.6875 0.6199 0.5853 0.0636  -0.0682 -0.0672 45 LYS A CD  
307 C CE  . LYS A 44 ? 0.3549 0.2934 0.2560 0.0773  -0.0694 -0.0728 45 LYS A CE  
308 N NZ  . LYS A 44 ? 0.6686 0.6168 0.5812 0.0838  -0.0811 -0.0791 45 LYS A NZ  
309 N N   . GLU A 45 ? 0.4668 0.4006 0.3664 0.0082  -0.0534 -0.0523 46 GLU A N   
310 C CA  . GLU A 45 ? 0.3590 0.3024 0.2677 -0.0027 -0.0498 -0.0543 46 GLU A CA  
311 C C   . GLU A 45 ? 0.5810 0.5313 0.5042 -0.0109 -0.0584 -0.0519 46 GLU A C   
312 O O   . GLU A 45 ? 0.5701 0.5303 0.5074 -0.0142 -0.0594 -0.0554 46 GLU A O   
313 C CB  . GLU A 45 ? 0.5917 0.5323 0.4885 -0.0158 -0.0396 -0.0511 46 GLU A CB  
314 C CG  . GLU A 45 ? 0.6156 0.5533 0.5049 -0.0104 -0.0284 -0.0566 46 GLU A CG  
315 C CD  . GLU A 45 ? 0.5487 0.4857 0.4281 -0.0256 -0.0180 -0.0557 46 GLU A CD  
316 O OE1 . GLU A 45 ? 0.5906 0.5239 0.4637 -0.0237 -0.0075 -0.0606 46 GLU A OE1 
317 O OE2 . GLU A 45 ? 0.5414 0.4816 0.4194 -0.0400 -0.0204 -0.0502 46 GLU A OE2 
318 N N   . TYR A 46 ? 0.3278 0.2728 0.2495 -0.0140 -0.0644 -0.0454 47 TYR A N   
319 C CA  . TYR A 46 ? 0.2755 0.2255 0.2128 -0.0208 -0.0726 -0.0427 47 TYR A CA  
320 C C   . TYR A 46 ? 0.3650 0.3192 0.3159 -0.0090 -0.0801 -0.0508 47 TYR A C   
321 O O   . TYR A 46 ? 0.4655 0.4285 0.4319 -0.0127 -0.0830 -0.0542 47 TYR A O   
322 C CB  . TYR A 46 ? 0.5802 0.5226 0.5147 -0.0239 -0.0774 -0.0343 47 TYR A CB  
323 C CG  . TYR A 46 ? 0.3973 0.3429 0.3486 -0.0307 -0.0855 -0.0304 47 TYR A CG  
324 C CD1 . TYR A 46 ? 0.6156 0.5671 0.5732 -0.0464 -0.0845 -0.0236 47 TYR A CD1 
325 C CD2 . TYR A 46 ? 0.3302 0.2723 0.2911 -0.0214 -0.0937 -0.0333 47 TYR A CD2 
326 C CE1 . TYR A 46 ? 0.6169 0.5706 0.5920 -0.0526 -0.0919 -0.0188 47 TYR A CE1 
327 C CE2 . TYR A 46 ? 0.5820 0.5257 0.5606 -0.0276 -0.1009 -0.0299 47 TYR A CE2 
328 C CZ  . TYR A 46 ? 0.6209 0.5703 0.6075 -0.0431 -0.1001 -0.0222 47 TYR A CZ  
329 O OH  . TYR A 46 ? 0.4383 0.3885 0.4440 -0.0489 -0.1070 -0.0181 47 TYR A OH  
330 N N   . LEU A 47 ? 0.4294 0.3771 0.3732 0.0049  -0.0832 -0.0541 48 LEU A N   
331 C CA  . LEU A 47 ? 0.4218 0.3724 0.3744 0.0172  -0.0914 -0.0622 48 LEU A CA  
332 C C   . LEU A 47 ? 0.5450 0.5062 0.5067 0.0207  -0.0905 -0.0697 48 LEU A C   
333 O O   . LEU A 47 ? 0.6180 0.5860 0.5935 0.0254  -0.0985 -0.0765 48 LEU A O   
334 C CB  . LEU A 47 ? 0.4099 0.3517 0.3479 0.0316  -0.0920 -0.0636 48 LEU A CB  
335 C CG  . LEU A 47 ? 0.5223 0.4555 0.4579 0.0311  -0.0958 -0.0587 48 LEU A CG  
336 C CD1 . LEU A 47 ? 0.4148 0.3394 0.3340 0.0442  -0.0937 -0.0590 48 LEU A CD1 
337 C CD2 . LEU A 47 ? 0.1821 0.1182 0.1348 0.0310  -0.1059 -0.0634 48 LEU A CD2 
338 N N   . ASP A 48 ? 0.6711 0.6341 0.6263 0.0185  -0.0808 -0.0691 49 ASP A N   
339 C CA  . ASP A 48 ? 0.5373 0.5112 0.5034 0.0219  -0.0789 -0.0757 49 ASP A CA  
340 C C   . ASP A 48 ? 0.5039 0.4886 0.4892 0.0090  -0.0800 -0.0760 49 ASP A C   
341 O O   . ASP A 48 ? 0.5980 0.5933 0.6001 0.0126  -0.0844 -0.0824 49 ASP A O   
342 C CB  . ASP A 48 ? 0.2766 0.2484 0.2317 0.0251  -0.0673 -0.0759 49 ASP A CB  
343 C CG  . ASP A 48 ? 0.3868 0.3509 0.3288 0.0408  -0.0674 -0.0770 49 ASP A CG  
344 O OD1 . ASP A 48 ? 0.5596 0.5236 0.5025 0.0516  -0.0767 -0.0797 49 ASP A OD1 
345 O OD2 . ASP A 48 ? 0.4418 0.3994 0.3717 0.0422  -0.0578 -0.0750 49 ASP A OD2 
346 N N   . ASN A 49 ? 0.9217 0.9042 0.9048 -0.0061 -0.0764 -0.0685 50 ASN A N   
347 C CA  . ASN A 49 ? 0.8384 0.8297 0.8377 -0.0200 -0.0767 -0.0662 50 ASN A CA  
348 C C   . ASN A 49 ? 0.6762 0.6724 0.6958 -0.0180 -0.0883 -0.0698 50 ASN A C   
349 O O   . ASN A 49 ? 0.9387 0.9458 0.9768 -0.0227 -0.0892 -0.0728 50 ASN A O   
350 C CB  . ASN A 49 ? 0.9416 0.9280 0.9332 -0.0350 -0.0741 -0.0556 50 ASN A CB  
351 C CG  . ASN A 49 ? 1.4336 1.4141 1.4039 -0.0391 -0.0637 -0.0518 50 ASN A CG  
352 O OD1 . ASN A 49 ? 1.6919 1.6742 1.6566 -0.0345 -0.0557 -0.0572 50 ASN A OD1 
353 N ND2 . ASN A 49 ? 1.5395 1.5133 1.4990 -0.0482 -0.0640 -0.0427 50 ASN A ND2 
354 N N   . HIS A 50 ? 0.5942 0.5819 0.6101 -0.0115 -0.0965 -0.0695 51 HIS A N   
355 C CA  . HIS A 50 ? 0.5796 0.5684 0.6115 -0.0078 -0.1079 -0.0743 51 HIS A CA  
356 C C   . HIS A 50 ? 1.1603 1.1541 1.1966 0.0072  -0.1146 -0.0858 51 HIS A C   
357 O O   . HIS A 50 ? 1.1059 1.0941 1.1394 0.0165  -0.1226 -0.0901 51 HIS A O   
358 C CB  . HIS A 50 ? 0.5102 0.4867 0.5346 -0.0072 -0.1122 -0.0691 51 HIS A CB  
359 C CG  . HIS A 50 ? 0.4090 0.3820 0.4329 -0.0217 -0.1087 -0.0574 51 HIS A CG  
360 N ND1 . HIS A 50 ? 0.7786 0.7539 0.7923 -0.0316 -0.0991 -0.0507 51 HIS A ND1 
361 C CD2 . HIS A 50 ? 0.6488 0.6169 0.6814 -0.0288 -0.1134 -0.0506 51 HIS A CD2 
362 C CE1 . HIS A 50 ? 1.1571 1.1297 1.1720 -0.0439 -0.0990 -0.0401 51 HIS A CE1 
363 N NE2 . HIS A 50 ? 0.9080 0.8761 0.9353 -0.0424 -0.1076 -0.0391 51 HIS A NE2 
364 N N   . ASP A 51 ? 0.9809 0.9858 1.0244 0.0094  -0.1113 -0.0905 52 ASP A N   
365 C CA  . ASP A 51 ? 0.4856 0.4971 0.5323 0.0238  -0.1170 -0.0999 52 ASP A CA  
366 C C   . ASP A 51 ? 0.6860 0.6883 0.7172 0.0373  -0.1237 -0.1028 52 ASP A C   
367 O O   . ASP A 51 ? 0.8903 0.8822 0.9008 0.0421  -0.1182 -0.0982 52 ASP A O   
368 C CB  . ASP A 51 ? 0.5327 0.5575 0.6060 0.0212  -0.1252 -0.1069 52 ASP A CB  
369 N N   . LEU B 6  ? 0.7272 0.5277 0.5729 -0.1031 -0.1925 0.0585  7  LEU B N   
370 C CA  . LEU B 6  ? 0.7257 0.5154 0.5524 -0.1158 -0.1895 0.0626  7  LEU B CA  
371 C C   . LEU B 6  ? 1.0686 0.8514 0.8987 -0.1153 -0.1847 0.0604  7  LEU B C   
372 O O   . LEU B 6  ? 1.4463 1.2265 1.2680 -0.1245 -0.1834 0.0651  7  LEU B O   
373 C CB  . LEU B 6  ? 0.6775 0.4777 0.5023 -0.1255 -0.1944 0.0724  7  LEU B CB  
374 C CG  . LEU B 6  ? 0.9555 0.7524 0.7589 -0.1373 -0.1966 0.0786  7  LEU B CG  
375 C CD1 . LEU B 6  ? 1.2901 1.0983 1.0959 -0.1467 -0.1989 0.0890  7  LEU B CD1 
376 C CD2 . LEU B 6  ? 1.0657 0.8420 0.8453 -0.1448 -0.1916 0.0752  7  LEU B CD2 
377 N N   . LEU B 7  ? 0.7933 0.5753 0.6369 -0.1045 -0.1823 0.0542  8  LEU B N   
378 C CA  . LEU B 7  ? 0.8726 0.6443 0.7137 -0.1025 -0.1759 0.0515  8  LEU B CA  
379 C C   . LEU B 7  ? 0.9528 0.7130 0.7824 -0.0972 -0.1709 0.0451  8  LEU B C   
380 O O   . LEU B 7  ? 0.8944 0.6394 0.7023 -0.1013 -0.1654 0.0440  8  LEU B O   
381 C CB  . LEU B 7  ? 0.4675 0.2477 0.3341 -0.0941 -0.1772 0.0504  8  LEU B CB  
382 C CG  . LEU B 7  ? 0.9438 0.7150 0.8093 -0.0886 -0.1707 0.0475  8  LEU B CG  
383 C CD1 . LEU B 7  ? 0.8277 0.6051 0.7101 -0.0877 -0.1713 0.0519  8  LEU B CD1 
384 C CD2 . LEU B 7  ? 0.6931 0.4632 0.5653 -0.0781 -0.1690 0.0406  8  LEU B CD2 
385 N N   . ASN B 8  ? 0.6558 0.4243 0.5016 -0.0872 -0.1730 0.0407  9  ASN B N   
386 C CA  . ASN B 8  ? 0.7894 0.5550 0.6291 -0.0821 -0.1710 0.0360  9  ASN B CA  
387 C C   . ASN B 8  ? 1.1264 0.8906 0.9500 -0.0908 -0.1740 0.0400  9  ASN B C   
388 O O   . ASN B 8  ? 1.1386 0.8962 0.9476 -0.1016 -0.1743 0.0448  9  ASN B O   
389 C CB  . ASN B 8  ? 0.5501 0.3306 0.4129 -0.0707 -0.1753 0.0320  9  ASN B CB  
390 C CG  . ASN B 8  ? 1.0355 0.8174 0.9152 -0.0631 -0.1736 0.0287  9  ASN B CG  
391 O OD1 . ASN B 8  ? 0.8610 0.6538 0.7611 -0.0587 -0.1793 0.0284  9  ASN B OD1 
392 N ND2 . ASN B 8  ? 0.6152 0.3863 0.4863 -0.0615 -0.1659 0.0268  9  ASN B ND2 
393 N N   . GLY B 9  ? 0.8979 0.6690 0.7238 -0.0865 -0.1767 0.0390  10 GLY B N   
394 C CA  . GLY B 9  ? 0.6434 0.4117 0.4528 -0.0953 -0.1792 0.0437  10 GLY B CA  
395 C C   . GLY B 9  ? 0.9350 0.7007 0.7391 -0.0904 -0.1768 0.0406  10 GLY B C   
396 O O   . GLY B 9  ? 0.8808 0.6618 0.6975 -0.0832 -0.1809 0.0410  10 GLY B O   
397 N N   . ILE B 10 ? 0.7098 0.4573 0.4960 -0.0934 -0.1703 0.0379  11 ILE B N   
398 C CA  . ILE B 10 ? 0.6985 0.4445 0.4805 -0.0895 -0.1682 0.0362  11 ILE B CA  
399 C C   . ILE B 10 ? 0.8017 0.5628 0.6048 -0.0749 -0.1668 0.0313  11 ILE B C   
400 O O   . ILE B 10 ? 1.1210 0.8843 0.9359 -0.0676 -0.1636 0.0267  11 ILE B O   
401 C CB  . ILE B 10 ? 0.5633 0.2858 0.3230 -0.0937 -0.1605 0.0334  11 ILE B CB  
402 C CG1 . ILE B 10 ? 1.0815 0.7870 0.8214 -0.1054 -0.1598 0.0354  11 ILE B CG1 
403 C CG2 . ILE B 10 ? 0.6139 0.3337 0.3649 -0.0960 -0.1615 0.0356  11 ILE B CG2 
404 C CD1 . ILE B 10 ? 1.4903 1.1712 1.2034 -0.1118 -0.1549 0.0338  11 ILE B CD1 
405 N N   . LYS B 11 ? 0.6051 0.3774 0.4132 -0.0706 -0.1693 0.0328  12 LYS B N   
406 C CA  . LYS B 11 ? 0.7420 0.5301 0.5689 -0.0566 -0.1680 0.0282  12 LYS B CA  
407 C C   . LYS B 11 ? 0.7483 0.5283 0.5695 -0.0522 -0.1592 0.0244  12 LYS B C   
408 O O   . LYS B 11 ? 0.7203 0.4873 0.5250 -0.0588 -0.1564 0.0268  12 LYS B O   
409 C CB  . LYS B 11 ? 0.6844 0.4940 0.5243 -0.0520 -0.1750 0.0327  12 LYS B CB  
410 C CG  . LYS B 11 ? 0.7687 0.5958 0.6295 -0.0369 -0.1724 0.0275  12 LYS B CG  
411 C CD  . LYS B 11 ? 0.8221 0.6684 0.6989 -0.0318 -0.1746 0.0314  12 LYS B CD  
412 C CE  . LYS B 11 ? 0.7503 0.6128 0.6411 -0.0195 -0.1709 0.0279  12 LYS B CE  
413 N NZ  . LYS B 11 ? 0.8562 0.7263 0.7622 -0.0076 -0.1688 0.0190  12 LYS B NZ  
414 N N   . LEU B 12 ? 0.5829 0.3709 0.4185 -0.0409 -0.1547 0.0188  13 LEU B N   
415 C CA  . LEU B 12 ? 0.5720 0.3582 0.4065 -0.0348 -0.1463 0.0160  13 LEU B CA  
416 C C   . LEU B 12 ? 0.8221 0.6337 0.6770 -0.0231 -0.1493 0.0147  13 LEU B C   
417 O O   . LEU B 12 ? 0.5179 0.3456 0.3889 -0.0172 -0.1559 0.0132  13 LEU B O   
418 C CB  . LEU B 12 ? 0.6230 0.3985 0.4560 -0.0310 -0.1372 0.0113  13 LEU B CB  
419 C CG  . LEU B 12 ? 0.9043 0.6580 0.7192 -0.0406 -0.1349 0.0126  13 LEU B CG  
420 C CD1 . LEU B 12 ? 0.8283 0.5720 0.6392 -0.0356 -0.1244 0.0097  13 LEU B CD1 
421 C CD2 . LEU B 12 ? 1.0334 0.7708 0.8261 -0.0520 -0.1359 0.0165  13 LEU B CD2 
422 N N   . GLY B 13 ? 0.7587 0.5738 0.6129 -0.0194 -0.1445 0.0155  14 GLY B N   
423 C CA  . GLY B 13 ? 0.7750 0.6148 0.6487 -0.0068 -0.1447 0.0138  14 GLY B CA  
424 C C   . GLY B 13 ? 0.6959 0.5277 0.5656 -0.0032 -0.1327 0.0110  14 GLY B C   
425 O O   . GLY B 13 ? 0.8893 0.7060 0.7436 -0.0093 -0.1278 0.0141  14 GLY B O   
426 N N   . VAL B 14 ? 0.4980 0.3381 0.3802 0.0060  -0.1279 0.0056  15 VAL B N   
427 C CA  . VAL B 14 ? 0.6073 0.4410 0.4858 0.0099  -0.1155 0.0039  15 VAL B CA  
428 C C   . VAL B 14 ? 0.8224 0.6830 0.7237 0.0232  -0.1143 0.0003  15 VAL B C   
429 O O   . VAL B 14 ? 0.5914 0.4627 0.5060 0.0283  -0.1195 -0.0039 15 VAL B O   
430 C CB  . VAL B 14 ? 0.4848 0.2983 0.3525 0.0058  -0.1103 0.0019  15 VAL B CB  
431 C CG1 . VAL B 14 ? 0.5995 0.4084 0.4644 0.0114  -0.0968 0.0009  15 VAL B CG1 
432 C CG2 . VAL B 14 ? 0.7732 0.5622 0.6186 -0.0070 -0.1124 0.0051  15 VAL B CG2 
433 N N   . TYR B 15 ? 0.7182 0.5901 0.6241 0.0289  -0.1083 0.0021  16 TYR B N   
434 C CA  . TYR B 15 ? 0.5451 0.4453 0.4729 0.0419  -0.1071 -0.0009 16 TYR B CA  
435 C C   . TYR B 15 ? 0.6602 0.5567 0.5884 0.0461  -0.0950 -0.0035 16 TYR B C   
436 O O   . TYR B 15 ? 0.6414 0.5253 0.5581 0.0441  -0.0840 -0.0007 16 TYR B O   
437 C CB  . TYR B 15 ? 0.4616 0.3821 0.3982 0.0471  -0.1077 0.0034  16 TYR B CB  
438 C CG  . TYR B 15 ? 0.4278 0.3657 0.3738 0.0488  -0.1203 0.0053  16 TYR B CG  
439 C CD1 . TYR B 15 ? 0.7816 0.7437 0.7486 0.0579  -0.1192 -0.0016 16 TYR B CD1 
440 C CD2 . TYR B 15 ? 0.4325 0.3586 0.3664 0.0385  -0.1268 0.0111  16 TYR B CD2 
441 C CE1 . TYR B 15 ? 0.6353 0.6082 0.6092 0.0581  -0.1238 -0.0018 16 TYR B CE1 
442 C CE2 . TYR B 15 ? 0.7650 0.7038 0.7089 0.0382  -0.1317 0.0116  16 TYR B CE2 
443 C CZ  . TYR B 15 ? 0.7035 0.6654 0.6669 0.0486  -0.1299 0.0055  16 TYR B CZ  
444 O OH  . TYR B 15 ? 0.6976 0.6707 0.6675 0.0491  -0.1339 0.0073  16 TYR B OH  
445 N N   . ILE B 16 ? 0.6587 0.5646 0.5992 0.0514  -0.0976 -0.0085 17 ILE B N   
446 C CA  . ILE B 16 ? 0.7348 0.6368 0.6758 0.0542  -0.0880 -0.0100 17 ILE B CA  
447 C C   . ILE B 16 ? 0.8549 0.7861 0.8182 0.0661  -0.0878 -0.0140 17 ILE B C   
448 O O   . ILE B 16 ? 0.7798 0.7310 0.7572 0.0719  -0.0972 -0.0169 17 ILE B O   
449 C CB  . ILE B 16 ? 0.3753 0.2619 0.3119 0.0487  -0.0925 -0.0117 17 ILE B CB  
450 C CG1 . ILE B 16 ? 0.4278 0.3310 0.3828 0.0533  -0.1052 -0.0171 17 ILE B CG1 
451 C CG2 . ILE B 16 ? 0.5703 0.4300 0.4855 0.0369  -0.0941 -0.0081 17 ILE B CG2 
452 C CD1 . ILE B 16 ? 0.4729 0.3658 0.4290 0.0498  -0.1096 -0.0186 17 ILE B CD1 
453 N N   . PRO B 17 ? 0.7202 0.6550 0.6863 0.0704  -0.0771 -0.0137 18 PRO B N   
454 C CA  . PRO B 17 ? 0.4184 0.3823 0.4058 0.0814  -0.0769 -0.0176 18 PRO B CA  
455 C C   . PRO B 17 ? 0.4803 0.4527 0.4806 0.0839  -0.0903 -0.0241 18 PRO B C   
456 O O   . PRO B 17 ? 0.4957 0.4494 0.4879 0.0765  -0.0971 -0.0244 18 PRO B O   
457 C CB  . PRO B 17 ? 0.4189 0.3789 0.4035 0.0825  -0.0642 -0.0151 18 PRO B CB  
458 C CG  . PRO B 17 ? 0.4750 0.4100 0.4372 0.0754  -0.0538 -0.0087 18 PRO B CG  
459 C CD  . PRO B 17 ? 0.4852 0.4002 0.4346 0.0663  -0.0637 -0.0089 18 PRO B CD  
460 N N   . GLN B 18 ? 0.5769 0.5733 0.5922 0.0904  -0.0910 -0.0313 19 GLN B N   
461 C CA  . GLN B 18 ? 0.4900 0.4903 0.5143 0.0911  -0.1006 -0.0401 19 GLN B CA  
462 C C   . GLN B 18 ? 0.6073 0.5987 0.6342 0.0898  -0.1018 -0.0392 19 GLN B C   
463 O O   . GLN B 18 ? 0.4611 0.4440 0.4911 0.0872  -0.1120 -0.0427 19 GLN B O   
464 C CB  . GLN B 18 ? 0.6119 0.6359 0.6465 0.0979  -0.0978 -0.0481 19 GLN B CB  
465 C CG  . GLN B 18 ? 0.4544 0.4876 0.4895 0.1009  -0.1016 -0.0524 19 GLN B CG  
466 C CD  . GLN B 18 ? 0.5730 0.6105 0.6150 0.1053  -0.1104 -0.0626 19 GLN B CD  
467 O OE1 . GLN B 18 ? 0.6127 0.6353 0.6554 0.1024  -0.1200 -0.0649 19 GLN B OE1 
468 N NE2 . GLN B 18 ? 0.8934 0.9512 0.9401 0.1126  -0.1074 -0.0689 19 GLN B NE2 
469 N N   . GLU B 19 ? 0.4633 0.4573 0.4895 0.0917  -0.0907 -0.0339 20 GLU B N   
470 C CA  . GLU B 19 ? 0.6010 0.5906 0.6314 0.0913  -0.0900 -0.0322 20 GLU B CA  
471 C C   . GLU B 19 ? 0.2307 0.1926 0.2481 0.0816  -0.0935 -0.0284 20 GLU B C   
472 O O   . GLU B 19 ? 0.4983 0.4555 0.5218 0.0791  -0.1006 -0.0296 20 GLU B O   
473 C CB  . GLU B 19 ? 0.9680 0.9657 0.9976 0.0949  -0.0744 -0.0262 20 GLU B CB  
474 C CG  . GLU B 19 ? 0.9391 0.9249 0.9636 0.0903  -0.0689 -0.0205 20 GLU B CG  
475 C CD  . GLU B 19 ? 1.3486 1.3440 1.3892 0.0917  -0.0789 -0.0248 20 GLU B CD  
476 O OE1 . GLU B 19 ? 1.5049 1.5100 1.5563 0.0938  -0.0905 -0.0343 20 GLU B OE1 
477 O OE2 . GLU B 19 ? 1.4729 1.4643 1.5125 0.0893  -0.0741 -0.0190 20 GLU B OE2 
478 N N   . TRP B 20 ? 0.5636 0.5079 0.5634 0.0755  -0.0886 -0.0235 21 TRP B N   
479 C CA  . TRP B 20 ? 0.4615 0.3804 0.4471 0.0660  -0.0906 -0.0198 21 TRP B CA  
480 C C   . TRP B 20 ? 0.6659 0.5841 0.6587 0.0639  -0.1060 -0.0248 21 TRP B C   
481 O O   . TRP B 20 ? 0.6323 0.5382 0.6245 0.0584  -0.1123 -0.0241 21 TRP B O   
482 C CB  . TRP B 20 ? 0.3249 0.2271 0.2899 0.0608  -0.0830 -0.0150 21 TRP B CB  
483 C CG  . TRP B 20 ? 0.4280 0.3284 0.3832 0.0632  -0.0667 -0.0097 21 TRP B CG  
484 C CD1 . TRP B 20 ? 0.4674 0.3847 0.4321 0.0705  -0.0579 -0.0086 21 TRP B CD1 
485 C CD2 . TRP B 20 ? 0.6163 0.4973 0.5501 0.0586  -0.0575 -0.0049 21 TRP B CD2 
486 N NE1 . TRP B 20 ? 0.3116 0.2212 0.2626 0.0710  -0.0432 -0.0028 21 TRP B NE1 
487 C CE2 . TRP B 20 ? 0.7259 0.6126 0.6576 0.0640  -0.0430 -0.0009 21 TRP B CE2 
488 C CE3 . TRP B 20 ? 0.5277 0.3875 0.4440 0.0504  -0.0604 -0.0035 21 TRP B CE3 
489 C CZ2 . TRP B 20 ? 0.4151 0.2846 0.3272 0.0618  -0.0315 0.0039  21 TRP B CZ2 
490 C CZ3 . TRP B 20 ? 0.2871 0.1298 0.1837 0.0478  -0.0496 0.0007  21 TRP B CZ3 
491 C CH2 . TRP B 20 ? 0.4992 0.3462 0.3936 0.0537  -0.0354 0.0042  21 TRP B CH2 
492 N N   . HIS B 21 ? 0.7214 0.6542 0.7212 0.0690  -0.1117 -0.0293 22 HIS B N   
493 C CA  . HIS B 21 ? 0.4158 0.3497 0.4213 0.0684  -0.1256 -0.0335 22 HIS B CA  
494 C C   . HIS B 21 ? 0.5629 0.5040 0.5849 0.0723  -0.1355 -0.0395 22 HIS B C   
495 O O   . HIS B 21 ? 0.5326 0.4600 0.5542 0.0663  -0.1420 -0.0390 22 HIS B O   
496 C CB  . HIS B 21 ? 0.4347 0.3844 0.4436 0.0739  -0.1281 -0.0359 22 HIS B CB  
497 C CG  . HIS B 21 ? 0.7453 0.6947 0.7585 0.0732  -0.1379 -0.0416 22 HIS B CG  
498 N ND1 . HIS B 21 ? 0.5313 0.4932 0.5573 0.0801  -0.1413 -0.0511 22 HIS B ND1 
499 C CD2 . HIS B 21 ? 0.5717 0.5088 0.5775 0.0669  -0.1447 -0.0388 22 HIS B CD2 
500 C CE1 . HIS B 21 ? 0.4334 0.3902 0.4595 0.0792  -0.1492 -0.0534 22 HIS B CE1 
501 N NE2 . HIS B 21 ? 0.6041 0.5466 0.6190 0.0709  -0.1511 -0.0456 22 HIS B NE2 
502 N N   . ASP B 22 ? 0.4735 0.4329 0.5077 0.0798  -0.1337 -0.0465 23 ASP B N   
503 C CA  . ASP B 22 ? 0.6939 0.6572 0.7414 0.0821  -0.1412 -0.0540 23 ASP B CA  
504 C C   . ASP B 22 ? 0.2300 0.1823 0.2800 0.0776  -0.1438 -0.0479 23 ASP B C   
505 O O   . ASP B 22 ? 0.3256 0.2724 0.3840 0.0757  -0.1539 -0.0511 23 ASP B O   
506 C CB  . ASP B 22 ? 0.4655 0.4495 0.5220 0.0900  -0.1367 -0.0619 23 ASP B CB  
507 C CG  . ASP B 22 ? 0.7565 0.7530 0.8103 0.0954  -0.1339 -0.0670 23 ASP B CG  
508 O OD1 . ASP B 22 ? 0.9738 0.9884 1.0318 0.1014  -0.1280 -0.0714 23 ASP B OD1 
509 O OD2 . ASP B 22 ? 0.5507 0.5407 0.5983 0.0937  -0.1373 -0.0657 23 ASP B OD2 
510 N N   . ARG B 23 ? 0.4889 0.4343 0.5289 0.0740  -0.1322 -0.0396 24 ARG B N   
511 C CA  . ARG B 23 ? 0.3048 0.2387 0.3439 0.0683  -0.1298 -0.0338 24 ARG B CA  
512 C C   . ARG B 23 ? 0.5754 0.4873 0.6048 0.0588  -0.1336 -0.0287 24 ARG B C   
513 O O   . ARG B 23 ? 0.3822 0.2875 0.4186 0.0550  -0.1400 -0.0267 24 ARG B O   
514 C CB  . ARG B 23 ? 0.4080 0.3438 0.4385 0.0691  -0.1139 -0.0265 24 ARG B CB  
515 C CG  . ARG B 23 ? 0.5410 0.4790 0.5776 0.0683  -0.1107 -0.0213 24 ARG B CG  
516 C CD  . ARG B 23 ? 0.7806 0.7093 0.8004 0.0660  -0.0945 -0.0104 24 ARG B CD  
517 N NE  . ARG B 23 ? 0.6105 0.5470 0.6225 0.0709  -0.0818 -0.0101 24 ARG B NE  
518 C CZ  . ARG B 23 ? 0.5663 0.4955 0.5630 0.0706  -0.0668 -0.0020 24 ARG B CZ  
519 N NH1 . ARG B 23 ? 0.5913 0.5061 0.5774 0.0664  -0.0618 0.0070  24 ARG B NH1 
520 N NH2 . ARG B 23 ? 0.7984 0.7352 0.7903 0.0752  -0.0564 -0.0021 24 ARG B NH2 
521 N N   . LEU B 24 ? 0.3604 0.2616 0.3743 0.0548  -0.1299 -0.0262 25 LEU B N   
522 C CA  . LEU B 24 ? 0.3918 0.2751 0.3980 0.0462  -0.1350 -0.0227 25 LEU B CA  
523 C C   . LEU B 24 ? 0.6161 0.5022 0.6375 0.0464  -0.1502 -0.0281 25 LEU B C   
524 O O   . LEU B 24 ? 0.6466 0.5229 0.6716 0.0410  -0.1559 -0.0250 25 LEU B O   
525 C CB  . LEU B 24 ? 0.4045 0.2791 0.3939 0.0423  -0.1315 -0.0209 25 LEU B CB  
526 C CG  . LEU B 24 ? 0.3171 0.1816 0.2875 0.0399  -0.1177 -0.0151 25 LEU B CG  
527 C CD1 . LEU B 24 ? 0.4302 0.2941 0.3919 0.0386  -0.1185 -0.0166 25 LEU B CD1 
528 C CD2 . LEU B 24 ? 0.4130 0.2587 0.3715 0.0321  -0.1153 -0.0083 25 LEU B CD2 
529 N N   . MET B 25 ? 0.3644 0.2641 0.3944 0.0534  -0.1567 -0.0358 26 MET B N   
530 C CA  . MET B 25 ? 0.4403 0.3435 0.4843 0.0558  -0.1707 -0.0420 26 MET B CA  
531 C C   . MET B 25 ? 1.1897 1.0902 1.2476 0.0544  -0.1767 -0.0422 26 MET B C   
532 O O   . MET B 25 ? 1.2345 1.1269 1.2992 0.0507  -0.1864 -0.0422 26 MET B O   
533 C CB  . MET B 25 ? 0.3794 0.2996 0.4303 0.0656  -0.1728 -0.0510 26 MET B CB  
534 C CG  . MET B 25 ? 0.4345 0.3546 0.4768 0.0659  -0.1724 -0.0521 26 MET B CG  
535 S SD  . MET B 25 ? 0.8539 0.7688 0.9034 0.0673  -0.1843 -0.0580 26 MET B SD  
536 C CE  . MET B 25 ? 0.5959 0.5203 0.6365 0.0718  -0.1789 -0.0590 26 MET B CE  
537 N N   . GLU B 26 ? 1.0413 0.9488 1.1034 0.0570  -0.1708 -0.0411 27 GLU B N   
538 C CA  . GLU B 26 ? 0.9042 0.8122 0.9809 0.0563  -0.1772 -0.0411 27 GLU B CA  
539 C C   . GLU B 26 ? 0.6761 0.5690 0.7501 0.0472  -0.1764 -0.0309 27 GLU B C   
540 O O   . GLU B 26 ? 0.6128 0.5018 0.7000 0.0444  -0.1861 -0.0301 27 GLU B O   
541 C CB  . GLU B 26 ? 0.9069 0.8299 0.9891 0.0621  -0.1711 -0.0425 27 GLU B CB  
542 C CG  . GLU B 26 ? 1.1600 1.1006 1.2447 0.0719  -0.1707 -0.0516 27 GLU B CG  
543 C CD  . GLU B 26 ? 1.3428 1.2976 1.4395 0.0774  -0.1718 -0.0589 27 GLU B CD  
544 O OE1 . GLU B 26 ? 1.0810 1.0440 1.1810 0.0837  -0.1745 -0.0701 27 GLU B OE1 
545 O OE2 . GLU B 26 ? 1.6555 1.6137 1.7576 0.0759  -0.1696 -0.0529 27 GLU B OE2 
546 N N   . ILE B 27 ? 0.4008 0.2856 0.4578 0.0430  -0.1648 -0.0232 28 ILE B N   
547 C CA  . ILE B 27 ? 0.4408 0.3120 0.4927 0.0352  -0.1635 -0.0133 28 ILE B CA  
548 C C   . ILE B 27 ? 0.8155 0.6783 0.8720 0.0304  -0.1744 -0.0145 28 ILE B C   
549 O O   . ILE B 27 ? 0.9270 0.7848 0.9936 0.0260  -0.1811 -0.0096 28 ILE B O   
550 C CB  . ILE B 27 ? 0.2822 0.1457 0.3125 0.0329  -0.1489 -0.0061 28 ILE B CB  
551 C CG1 . ILE B 27 ? 0.5413 0.4122 0.5698 0.0369  -0.1383 -0.0017 28 ILE B CG1 
552 C CG2 . ILE B 27 ? 0.4494 0.2983 0.4714 0.0251  -0.1487 0.0026  28 ILE B CG2 
553 C CD1 . ILE B 27 ? 0.6136 0.4778 0.6204 0.0369  -0.1228 0.0040  28 ILE B CD1 
554 N N   . ALA B 28 ? 1.0217 0.8843 1.0716 0.0314  -0.1763 -0.0199 29 ALA B N   
555 C CA  . ALA B 28 ? 0.7237 0.5805 0.7772 0.0275  -0.1858 -0.0209 29 ALA B CA  
556 C C   . ALA B 28 ? 0.4749 0.3338 0.5496 0.0289  -0.1990 -0.0245 29 ALA B C   
557 O O   . ALA B 28 ? 0.5186 0.3703 0.6005 0.0232  -0.2042 -0.0191 29 ALA B O   
558 C CB  . ALA B 28 ? 0.4624 0.3236 0.5086 0.0309  -0.1869 -0.0269 29 ALA B CB  
559 N N   . LYS B 29 ? 0.8555 0.7247 0.9405 0.0369  -0.2045 -0.0338 30 LYS B N   
560 C CA  . LYS B 29 ? 0.9359 0.8062 1.0404 0.0391  -0.2178 -0.0390 30 LYS B CA  
561 C C   . LYS B 29 ? 0.6980 0.5633 0.8139 0.0337  -0.2204 -0.0316 30 LYS B C   
562 O O   . LYS B 29 ? 0.6427 0.5041 0.7743 0.0322  -0.2323 -0.0328 30 LYS B O   
563 C CB  . LYS B 29 ? 0.9892 0.8723 1.1007 0.0494  -0.2223 -0.0507 30 LYS B CB  
564 C CG  . LYS B 29 ? 1.0872 0.9733 1.1936 0.0556  -0.2244 -0.0586 30 LYS B CG  
565 C CD  . LYS B 29 ? 0.9820 0.8586 1.0951 0.0539  -0.2351 -0.0599 30 LYS B CD  
566 C CE  . LYS B 29 ? 0.7154 0.5932 0.8187 0.0584  -0.2331 -0.0638 30 LYS B CE  
567 N NZ  . LYS B 29 ? 0.9316 0.8155 1.0400 0.0697  -0.2377 -0.0761 30 LYS B NZ  
568 N N   . GLU B 30 ? 0.8389 0.7047 0.9470 0.0308  -0.2096 -0.0230 31 GLU B N   
569 C CA  . GLU B 30 ? 1.1652 1.0279 1.2828 0.0257  -0.2113 -0.0130 31 GLU B CA  
570 C C   . GLU B 30 ? 1.0719 0.9247 1.1841 0.0179  -0.2084 -0.0013 31 GLU B C   
571 O O   . GLU B 30 ? 0.9481 0.7994 1.0707 0.0136  -0.2117 0.0082  31 GLU B O   
572 C CB  . GLU B 30 ? 1.3426 1.2128 1.4564 0.0278  -0.2016 -0.0084 31 GLU B CB  
573 C CG  . GLU B 30 ? 1.3157 1.1829 1.4334 0.0221  -0.1997 0.0062  31 GLU B CG  
574 C CD  . GLU B 30 ? 1.2947 1.1715 1.4149 0.0245  -0.1943 0.0108  31 GLU B CD  
575 O OE1 . GLU B 30 ? 1.4420 1.3250 1.5496 0.0292  -0.1828 0.0086  31 GLU B OE1 
576 O OE2 . GLU B 30 ? 1.0827 0.9616 1.2182 0.0217  -0.2017 0.0176  31 GLU B OE2 
577 N N   . LYS B 31 ? 0.7673 0.6151 0.8635 0.0161  -0.2023 -0.0012 32 LYS B N   
578 C CA  . LYS B 31 ? 0.7509 0.5907 0.8423 0.0090  -0.2006 0.0086  32 LYS B CA  
579 C C   . LYS B 31 ? 0.8554 0.6922 0.9547 0.0071  -0.2108 0.0040  32 LYS B C   
580 O O   . LYS B 31 ? 0.9601 0.7919 1.0586 0.0012  -0.2116 0.0107  32 LYS B O   
581 C CB  . LYS B 31 ? 0.8075 0.6425 0.8742 0.0074  -0.1869 0.0125  32 LYS B CB  
582 C CG  . LYS B 31 ? 0.6837 0.5219 0.7391 0.0117  -0.1753 0.0139  32 LYS B CG  
583 C CD  . LYS B 31 ? 0.5377 0.3679 0.5724 0.0087  -0.1630 0.0231  32 LYS B CD  
584 C CE  . LYS B 31 ? 0.4963 0.3267 0.5374 0.0066  -0.1624 0.0356  32 LYS B CE  
585 N NZ  . LYS B 31 ? 0.5107 0.3494 0.5593 0.0110  -0.1598 0.0390  32 LYS B NZ  
586 N N   . ASN B 32 ? 0.5088 0.3500 0.6159 0.0128  -0.2183 -0.0072 33 ASN B N   
587 C CA  . ASN B 32 ? 0.8184 0.6579 0.9271 0.0130  -0.2252 -0.0123 33 ASN B CA  
588 C C   . ASN B 32 ? 0.8301 0.6660 0.9189 0.0088  -0.2166 -0.0083 33 ASN B C   
589 O O   . ASN B 32 ? 1.0541 0.8848 1.1416 0.0019  -0.2166 -0.0006 33 ASN B O   
590 C CB  . ASN B 32 ? 0.8467 0.6823 0.9747 0.0095  -0.2369 -0.0095 33 ASN B CB  
591 C CG  . ASN B 32 ? 1.4312 1.2690 1.5749 0.0161  -0.2491 -0.0203 33 ASN B CG  
592 O OD1 . ASN B 32 ? 1.4388 1.2790 1.5787 0.0216  -0.2522 -0.0286 33 ASN B OD1 
593 N ND2 . ASN B 32 ? 1.6312 1.4685 1.7921 0.0161  -0.2566 -0.0198 33 ASN B ND2 
594 N N   . LEU B 33 ? 0.6185 0.4579 0.6925 0.0128  -0.2096 -0.0130 34 LEU B N   
595 C CA  . LEU B 33 ? 0.7409 0.5770 0.7960 0.0092  -0.2031 -0.0107 34 LEU B CA  
596 C C   . LEU B 33 ? 0.8585 0.7022 0.9078 0.0159  -0.2036 -0.0188 34 LEU B C   
597 O O   . LEU B 33 ? 0.9059 0.7582 0.9640 0.0240  -0.2065 -0.0262 34 LEU B O   
598 C CB  . LEU B 33 ? 0.6657 0.4957 0.7037 0.0049  -0.1908 -0.0036 34 LEU B CB  
599 C CG  . LEU B 33 ? 0.4999 0.3244 0.5434 -0.0008 -0.1908 0.0059  34 LEU B CG  
600 C CD1 . LEU B 33 ? 0.4404 0.2612 0.4706 -0.0011 -0.1792 0.0118  34 LEU B CD1 
601 C CD2 . LEU B 33 ? 0.4659 0.2855 0.5073 -0.0083 -0.1937 0.0116  34 LEU B CD2 
602 N N   . THR B 34 ? 0.9589 0.8009 0.9945 0.0125  -0.2012 -0.0168 35 THR B N   
603 C CA  . THR B 34 ? 0.6941 0.5443 0.7219 0.0181  -0.2000 -0.0216 35 THR B CA  
604 C C   . THR B 34 ? 1.0442 0.8953 1.0610 0.0199  -0.1889 -0.0216 35 THR B C   
605 O O   . THR B 34 ? 1.0494 0.8920 1.0592 0.0153  -0.1814 -0.0164 35 THR B O   
606 C CB  . THR B 34 ? 0.6871 0.5349 0.7023 0.0124  -0.2001 -0.0171 35 THR B CB  
607 O OG1 . THR B 34 ? 0.5938 0.4302 0.5940 0.0029  -0.1923 -0.0098 35 THR B OG1 
608 C CG2 . THR B 34 ? 0.7557 0.6040 0.7816 0.0111  -0.2100 -0.0161 35 THR B CG2 
609 N N   . LEU B 35 ? 0.8488 0.7108 0.8643 0.0275  -0.1876 -0.0267 36 LEU B N   
610 C CA  . LEU B 35 ? 0.5765 0.4396 0.5812 0.0289  -0.1765 -0.0259 36 LEU B CA  
611 C C   . LEU B 35 ? 0.5831 0.4319 0.5680 0.0193  -0.1689 -0.0184 36 LEU B C   
612 O O   . LEU B 35 ? 0.6757 0.5170 0.6516 0.0171  -0.1596 -0.0152 36 LEU B O   
613 C CB  . LEU B 35 ? 0.4450 0.3235 0.4507 0.0374  -0.1768 -0.0306 36 LEU B CB  
614 C CG  . LEU B 35 ? 0.6387 0.5208 0.6327 0.0389  -0.1666 -0.0289 36 LEU B CG  
615 C CD1 . LEU B 35 ? 0.3865 0.2654 0.3786 0.0395  -0.1563 -0.0278 36 LEU B CD1 
616 C CD2 . LEU B 35 ? 0.4883 0.3886 0.4894 0.0488  -0.1675 -0.0342 36 LEU B CD2 
617 N N   . SER B 36 ? 0.6321 0.4770 0.6103 0.0136  -0.1734 -0.0156 37 SER B N   
618 C CA  . SER B 36 ? 0.7299 0.5614 0.6886 0.0035  -0.1685 -0.0091 37 SER B CA  
619 C C   . SER B 36 ? 0.6009 0.4184 0.5532 -0.0040 -0.1645 -0.0036 37 SER B C   
620 O O   . SER B 36 ? 0.6390 0.4450 0.5730 -0.0094 -0.1568 0.0003  37 SER B O   
621 C CB  . SER B 36 ? 0.4329 0.2673 0.3902 -0.0002 -0.1763 -0.0071 37 SER B CB  
622 O OG  . SER B 36 ? 0.6030 0.4528 0.5747 0.0091  -0.1836 -0.0123 37 SER B OG  
623 N N   . ASP B 37 ? 0.3508 0.1694 0.3181 -0.0040 -0.1703 -0.0029 38 ASP B N   
624 C CA  . ASP B 37 ? 0.4992 0.3086 0.4645 -0.0089 -0.1666 0.0031  38 ASP B CA  
625 C C   . ASP B 37 ? 0.5344 0.3404 0.4923 -0.0055 -0.1565 0.0040  38 ASP B C   
626 O O   . ASP B 37 ? 0.4919 0.2873 0.4353 -0.0094 -0.1489 0.0095  38 ASP B O   
627 C CB  . ASP B 37 ? 0.4674 0.2817 0.4549 -0.0076 -0.1752 0.0035  38 ASP B CB  
628 C CG  . ASP B 37 ? 0.5110 0.3286 0.5075 -0.0101 -0.1849 0.0031  38 ASP B CG  
629 O OD1 . ASP B 37 ? 0.3835 0.1967 0.3678 -0.0171 -0.1840 0.0072  38 ASP B OD1 
630 O OD2 . ASP B 37 ? 0.4333 0.2579 0.4490 -0.0051 -0.1935 -0.0011 38 ASP B OD2 
631 N N   . VAL B 38 ? 0.5968 0.4125 0.5652 0.0025  -0.1563 -0.0011 39 VAL B N   
632 C CA  . VAL B 38 ? 0.6582 0.4731 0.6226 0.0063  -0.1468 0.0008  39 VAL B CA  
633 C C   . VAL B 38 ? 0.5499 0.3551 0.4906 0.0046  -0.1353 0.0029  39 VAL B C   
634 O O   . VAL B 38 ? 0.4425 0.2406 0.3726 0.0049  -0.1258 0.0075  39 VAL B O   
635 C CB  . VAL B 38 ? 0.5383 0.3678 0.5190 0.0151  -0.1490 -0.0054 39 VAL B CB  
636 C CG1 . VAL B 38 ? 0.5573 0.3879 0.5326 0.0192  -0.1376 -0.0027 39 VAL B CG1 
637 C CG2 . VAL B 38 ? 0.5046 0.3399 0.5068 0.0162  -0.1600 -0.0070 39 VAL B CG2 
638 N N   . CYS B 39 ? 0.4467 0.2517 0.3792 0.0029  -0.1365 0.0000  40 CYS B N   
639 C CA  . CYS B 39 ? 0.6162 0.4110 0.5270 0.0009  -0.1267 0.0015  40 CYS B CA  
640 C C   . CYS B 39 ? 0.8222 0.6006 0.7155 -0.0078 -0.1249 0.0067  40 CYS B C   
641 O O   . CYS B 39 ? 0.8658 0.6319 0.7423 -0.0087 -0.1155 0.0101  40 CYS B O   
642 C CB  . CYS B 39 ? 0.8188 0.6201 0.7278 0.0018  -0.1294 -0.0021 40 CYS B CB  
643 S SG  . CYS B 39 ? 0.9244 0.7464 0.8517 0.0132  -0.1298 -0.0080 40 CYS B SG  
644 N N   . ARG B 40 ? 0.5952 0.3737 0.4918 -0.0137 -0.1338 0.0074  41 ARG B N   
645 C CA  . ARG B 40 ? 0.5939 0.3593 0.4756 -0.0223 -0.1328 0.0124  41 ARG B CA  
646 C C   . ARG B 40 ? 0.5602 0.3174 0.4353 -0.0208 -0.1249 0.0172  41 ARG B C   
647 O O   . ARG B 40 ? 0.6358 0.3787 0.4894 -0.0243 -0.1180 0.0200  41 ARG B O   
648 C CB  . ARG B 40 ? 0.5165 0.2873 0.4100 -0.0271 -0.1433 0.0140  41 ARG B CB  
649 C CG  . ARG B 40 ? 0.4958 0.2690 0.3844 -0.0317 -0.1487 0.0128  41 ARG B CG  
650 C CD  . ARG B 40 ? 0.4743 0.2553 0.3777 -0.0347 -0.1583 0.0145  41 ARG B CD  
651 N NE  . ARG B 40 ? 0.6333 0.4263 0.5460 -0.0313 -0.1654 0.0112  41 ARG B NE  
652 C CZ  . ARG B 40 ? 0.6957 0.4990 0.6266 -0.0288 -0.1741 0.0104  41 ARG B CZ  
653 N NH1 . ARG B 40 ? 0.6408 0.4437 0.5838 -0.0302 -0.1770 0.0127  41 ARG B NH1 
654 N NH2 . ARG B 40 ? 0.9284 0.7426 0.8659 -0.0244 -0.1800 0.0076  41 ARG B NH2 
655 N N   . LEU B 41 ? 0.4704 0.2362 0.3628 -0.0154 -0.1258 0.0185  42 LEU B N   
656 C CA  . LEU B 41 ? 0.5564 0.3156 0.4414 -0.0137 -0.1180 0.0250  42 LEU B CA  
657 C C   . LEU B 41 ? 0.7431 0.4986 0.6170 -0.0073 -0.1063 0.0254  42 LEU B C   
658 O O   . LEU B 41 ? 0.6499 0.3961 0.5092 -0.0062 -0.0979 0.0314  42 LEU B O   
659 C CB  . LEU B 41 ? 0.8593 0.6281 0.7659 -0.0120 -0.1238 0.0296  42 LEU B CB  
660 C CG  . LEU B 41 ? 0.8591 0.6421 0.7896 -0.0063 -0.1295 0.0258  42 LEU B CG  
661 C CD1 . LEU B 41 ? 1.0773 0.8652 1.0172 -0.0018 -0.1266 0.0322  42 LEU B CD1 
662 C CD2 . LEU B 41 ? 0.5606 0.3501 0.5089 -0.0097 -0.1422 0.0233  42 LEU B CD2 
663 N N   . ALA B 42 ? 0.6888 0.4532 0.5703 -0.0022 -0.1054 0.0198  43 ALA B N   
664 C CA  . ALA B 42 ? 0.7281 0.4890 0.5969 0.0032  -0.0936 0.0196  43 ALA B CA  
665 C C   . ALA B 42 ? 0.7458 0.4874 0.5864 -0.0012 -0.0863 0.0206  43 ALA B C   
666 O O   . ALA B 42 ? 0.8470 0.5783 0.6710 0.0020  -0.0752 0.0241  43 ALA B O   
667 C CB  . ALA B 42 ? 0.3326 0.1071 0.2138 0.0079  -0.0955 0.0129  43 ALA B CB  
668 N N   . ILE B 43 ? 0.6964 0.4333 0.5316 -0.0082 -0.0931 0.0175  44 ILE B N   
669 C CA  . ILE B 43 ? 0.6597 0.3783 0.4694 -0.0144 -0.0896 0.0176  44 ILE B CA  
670 C C   . ILE B 43 ? 0.7052 0.4095 0.4987 -0.0187 -0.0873 0.0225  44 ILE B C   
671 O O   . ILE B 43 ? 0.5180 0.2059 0.2882 -0.0187 -0.0787 0.0240  44 ILE B O   
672 C CB  . ILE B 43 ? 0.4912 0.2135 0.3045 -0.0213 -0.0999 0.0143  44 ILE B CB  
673 C CG1 . ILE B 43 ? 0.5389 0.2720 0.3606 -0.0167 -0.1001 0.0099  44 ILE B CG1 
674 C CG2 . ILE B 43 ? 0.6518 0.3556 0.4409 -0.0307 -0.1000 0.0157  44 ILE B CG2 
675 C CD1 . ILE B 43 ? 0.5136 0.2524 0.3385 -0.0222 -0.1097 0.0082  44 ILE B CD1 
676 N N   . LYS B 44 ? 0.6819 0.3934 0.4882 -0.0220 -0.0953 0.0253  45 LYS B N   
677 C CA  . LYS B 44 ? 0.9265 0.6286 0.7207 -0.0257 -0.0941 0.0309  45 LYS B CA  
678 C C   . LYS B 44 ? 0.8627 0.5601 0.6484 -0.0182 -0.0837 0.0365  45 LYS B C   
679 O O   . LYS B 44 ? 0.7290 0.4119 0.4920 -0.0188 -0.0774 0.0396  45 LYS B O   
680 C CB  . LYS B 44 ? 0.4593 0.1740 0.2743 -0.0293 -0.1044 0.0340  45 LYS B CB  
681 C CG  . LYS B 44 ? 0.4362 0.1466 0.2442 -0.0312 -0.1029 0.0414  45 LYS B CG  
682 C CD  . LYS B 44 ? 0.3893 0.0837 0.1704 -0.0384 -0.1009 0.0412  45 LYS B CD  
683 C CE  . LYS B 44 ? 0.4693 0.1644 0.2476 -0.0395 -0.1007 0.0491  45 LYS B CE  
684 N NZ  . LYS B 44 ? 0.8857 0.5720 0.6459 -0.0475 -0.1020 0.0500  45 LYS B NZ  
685 N N   . GLU B 45 ? 0.7563 0.4665 0.5599 -0.0111 -0.0823 0.0381  46 GLU B N   
686 C CA  . GLU B 45 ? 0.5807 0.2890 0.3777 -0.0037 -0.0724 0.0451  46 GLU B CA  
687 C C   . GLU B 45 ? 0.6131 0.3054 0.3840 -0.0006 -0.0608 0.0430  46 GLU B C   
688 O O   . GLU B 45 ? 0.7371 0.4165 0.4867 0.0022  -0.0525 0.0478  46 GLU B O   
689 C CB  . GLU B 45 ? 0.4428 0.1685 0.2637 0.0026  -0.0733 0.0469  46 GLU B CB  
690 C CG  . GLU B 45 ? 0.5996 0.3381 0.4437 0.0005  -0.0836 0.0512  46 GLU B CG  
691 C CD  . GLU B 45 ? 0.5322 0.2868 0.4002 0.0054  -0.0866 0.0519  46 GLU B CD  
692 O OE1 . GLU B 45 ? 0.5143 0.2796 0.4040 0.0038  -0.0960 0.0550  46 GLU B OE1 
693 O OE2 . GLU B 45 ? 1.0249 0.7819 0.8906 0.0108  -0.0795 0.0495  46 GLU B OE2 
694 N N   . TYR B 46 ? 0.5829 0.2763 0.3556 -0.0006 -0.0602 0.0362  47 TYR B N   
695 C CA  . TYR B 46 ? 0.6587 0.3371 0.4089 0.0019  -0.0496 0.0340  47 TYR B CA  
696 C C   . TYR B 46 ? 0.7066 0.3628 0.4291 -0.0040 -0.0485 0.0333  47 TYR B C   
697 O O   . TYR B 46 ? 0.6211 0.2614 0.3205 -0.0002 -0.0383 0.0353  47 TYR B O   
698 C CB  . TYR B 46 ? 0.6787 0.3643 0.4384 0.0015  -0.0517 0.0272  47 TYR B CB  
699 C CG  . TYR B 46 ? 0.6578 0.3271 0.3954 0.0024  -0.0426 0.0248  47 TYR B CG  
700 C CD1 . TYR B 46 ? 0.6446 0.3080 0.3709 0.0103  -0.0291 0.0283  47 TYR B CD1 
701 C CD2 . TYR B 46 ? 0.6887 0.3494 0.4179 -0.0050 -0.0477 0.0199  47 TYR B CD2 
702 C CE1 . TYR B 46 ? 0.7754 0.4225 0.4818 0.0112  -0.0207 0.0261  47 TYR B CE1 
703 C CE2 . TYR B 46 ? 0.7291 0.3742 0.4392 -0.0050 -0.0403 0.0181  47 TYR B CE2 
704 C CZ  . TYR B 46 ? 0.8551 0.4929 0.5542 0.0033  -0.0268 0.0208  47 TYR B CZ  
705 O OH  . TYR B 46 ? 1.2320 0.8532 0.9127 0.0033  -0.0196 0.0190  47 TYR B OH  
706 N N   . LEU B 47 ? 0.7155 0.3707 0.4394 -0.0132 -0.0588 0.0306  48 LEU B N   
707 C CA  . LEU B 47 ? 0.6972 0.3318 0.3943 -0.0198 -0.0584 0.0296  48 LEU B CA  
708 C C   . LEU B 47 ? 0.7949 0.4236 0.4801 -0.0171 -0.0545 0.0361  48 LEU B C   
709 O O   . LEU B 47 ? 0.7379 0.3467 0.3952 -0.0178 -0.0491 0.0361  48 LEU B O   
710 C CB  . LEU B 47 ? 0.6113 0.2488 0.3137 -0.0308 -0.0705 0.0263  48 LEU B CB  
711 C CG  . LEU B 47 ? 0.6015 0.2435 0.3112 -0.0360 -0.0770 0.0212  48 LEU B CG  
712 C CD1 . LEU B 47 ? 0.7291 0.3777 0.4464 -0.0456 -0.0888 0.0212  48 LEU B CD1 
713 C CD2 . LEU B 47 ? 0.6115 0.2347 0.2982 -0.0383 -0.0720 0.0176  48 LEU B CD2 
714 N N   . ASP B 48 ? 0.7588 0.4048 0.4652 -0.0137 -0.0577 0.0420  49 ASP B N   
715 C CA  . ASP B 48 ? 0.8089 0.4536 0.5079 -0.0094 -0.0538 0.0502  49 ASP B CA  
716 C C   . ASP B 48 ? 0.7315 0.3652 0.4105 0.0007  -0.0399 0.0539  49 ASP B C   
717 O O   . ASP B 48 ? 1.1258 0.7441 0.7791 0.0031  -0.0338 0.0565  49 ASP B O   
718 C CB  . ASP B 48 ? 0.8354 0.5029 0.5649 -0.0073 -0.0602 0.0571  49 ASP B CB  
719 C CG  . ASP B 48 ? 0.5765 0.2542 0.3240 -0.0163 -0.0730 0.0555  49 ASP B CG  
720 O OD1 . ASP B 48 ? 0.6237 0.2917 0.3582 -0.0242 -0.0764 0.0507  49 ASP B OD1 
721 O OD2 . ASP B 48 ? 0.7139 0.4093 0.4888 -0.0156 -0.0796 0.0590  49 ASP B OD2 
722 N N   . ASN B 49 ? 0.6381 0.2806 0.3292 0.0071  -0.0350 0.0545  50 ASN B N   
723 C CA  . ASN B 49 ? 1.0089 0.6418 0.6822 0.0168  -0.0208 0.0576  50 ASN B CA  
724 C C   . ASN B 49 ? 0.8551 0.4644 0.5006 0.0157  -0.0139 0.0506  50 ASN B C   
725 O O   . ASN B 49 ? 0.9708 0.5761 0.6099 0.0223  -0.0038 0.0507  50 ASN B O   
726 C CB  . ASN B 49 ? 0.8607 0.5117 0.5560 0.0232  -0.0175 0.0602  50 ASN B CB  
727 C CG  . ASN B 49 ? 1.4676 1.1416 1.1936 0.0225  -0.0268 0.0653  50 ASN B CG  
728 O OD1 . ASN B 49 ? 1.6420 1.3190 1.3727 0.0188  -0.0341 0.0691  50 ASN B OD1 
729 N ND2 . ASN B 49 ? 1.7058 1.3965 1.4536 0.0258  -0.0271 0.0655  50 ASN B ND2 
730 N N   . HIS B 50 ? 1.1276 0.7222 0.7582 0.0070  -0.0197 0.0448  51 HIS B N   
731 C CA  . HIS B 50 ? 1.2001 0.7676 0.7984 0.0060  -0.0134 0.0399  51 HIS B CA  
732 C C   . HIS B 50 ? 1.3963 0.9510 0.9742 0.0021  -0.0166 0.0409  51 HIS B C   
733 O O   . HIS B 50 ? 1.6162 1.1550 1.1775 -0.0066 -0.0214 0.0348  51 HIS B O   
734 C CB  . HIS B 50 ? 1.0728 0.6358 0.6742 -0.0023 -0.0188 0.0313  51 HIS B CB  
735 C CG  . HIS B 50 ? 1.4446 1.0138 1.0556 0.0037  -0.0117 0.0303  51 HIS B CG  
736 N ND1 . HIS B 50 ? 1.7217 1.2754 1.3189 0.0019  -0.0078 0.0252  51 HIS B ND1 
737 C CD2 . HIS B 50 ? 1.7237 1.3134 1.3568 0.0113  -0.0076 0.0342  51 HIS B CD2 
738 C CE1 . HIS B 50 ? 1.8298 1.3959 1.4414 0.0087  -0.0013 0.0263  51 HIS B CE1 
739 N NE2 . HIS B 50 ? 1.7516 1.3397 1.3846 0.0144  -0.0011 0.0314  51 HIS B NE2 
740 N N   . ASP B 51 ? 1.3043 0.8685 0.8851 0.0090  -0.0141 0.0496  52 ASP B N   
741 C CA  . ASP B 51 ? 1.2177 0.7758 0.7828 0.0083  -0.0160 0.0531  52 ASP B CA  
742 C C   . ASP B 51 ? 1.3044 0.8622 0.8718 -0.0050 -0.0282 0.0478  52 ASP B C   
743 O O   . ASP B 51 ? 1.4661 1.0424 1.0612 -0.0117 -0.0380 0.0476  52 ASP B O   
744 C CB  . ASP B 51 ? 1.0530 0.5853 0.5799 0.0161  -0.0045 0.0531  52 ASP B CB  
# 
loop_
_pdbx_poly_seq_scheme.asym_id 
_pdbx_poly_seq_scheme.entity_id 
_pdbx_poly_seq_scheme.seq_id 
_pdbx_poly_seq_scheme.mon_id 
_pdbx_poly_seq_scheme.ndb_seq_num 
_pdbx_poly_seq_scheme.pdb_seq_num 
_pdbx_poly_seq_scheme.auth_seq_num 
_pdbx_poly_seq_scheme.pdb_mon_id 
_pdbx_poly_seq_scheme.auth_mon_id 
_pdbx_poly_seq_scheme.pdb_strand_id 
_pdbx_poly_seq_scheme.pdb_ins_code 
_pdbx_poly_seq_scheme.hetero 
A 1 1  GLY 1  2  ?  ?   ?   A . n 
A 1 2  ARG 2  3  ?  ?   ?   A . n 
A 1 3  PRO 3  4  ?  ?   ?   A . n 
A 1 4  TYR 4  5  ?  ?   ?   A . n 
A 1 5  LYS 5  6  ?  ?   ?   A . n 
A 1 6  LEU 6  7  ?  ?   ?   A . n 
A 1 7  LEU 7  8  8  LEU LEU A . n 
A 1 8  ASN 8  9  9  ASN ASN A . n 
A 1 9  GLY 9  10 10 GLY GLY A . n 
A 1 10 ILE 10 11 11 ILE ILE A . n 
A 1 11 LYS 11 12 12 LYS LYS A . n 
A 1 12 LEU 12 13 13 LEU LEU A . n 
A 1 13 GLY 13 14 14 GLY GLY A . n 
A 1 14 VAL 14 15 15 VAL VAL A . n 
A 1 15 TYR 15 16 16 TYR TYR A . n 
A 1 16 ILE 16 17 17 ILE ILE A . n 
A 1 17 PRO 17 18 18 PRO PRO A . n 
A 1 18 GLN 18 19 19 GLN GLN A . n 
A 1 19 GLU 19 20 20 GLU GLU A . n 
A 1 20 TRP 20 21 21 TRP TRP A . n 
A 1 21 HIS 21 22 22 HIS HIS A . n 
A 1 22 ASP 22 23 23 ASP ASP A . n 
A 1 23 ARG 23 24 24 ARG ARG A . n 
A 1 24 LEU 24 25 25 LEU LEU A . n 
A 1 25 MET 25 26 26 MET MET A . n 
A 1 26 GLU 26 27 27 GLU GLU A . n 
A 1 27 ILE 27 28 28 ILE ILE A . n 
A 1 28 ALA 28 29 29 ALA ALA A . n 
A 1 29 LYS 29 30 30 LYS LYS A . n 
A 1 30 GLU 30 31 31 GLU GLU A . n 
A 1 31 LYS 31 32 32 LYS LYS A . n 
A 1 32 ASN 32 33 33 ASN ASN A . n 
A 1 33 LEU 33 34 34 LEU LEU A . n 
A 1 34 THR 34 35 35 THR THR A . n 
A 1 35 LEU 35 36 36 LEU LEU A . n 
A 1 36 SER 36 37 37 SER SER A . n 
A 1 37 ASP 37 38 38 ASP ASP A . n 
A 1 38 VAL 38 39 39 VAL VAL A . n 
A 1 39 CYS 39 40 40 CYS CYS A . n 
A 1 40 ARG 40 41 41 ARG ARG A . n 
A 1 41 LEU 41 42 42 LEU LEU A . n 
A 1 42 ALA 42 43 43 ALA ALA A . n 
A 1 43 ILE 43 44 44 ILE ILE A . n 
A 1 44 LYS 44 45 45 LYS LYS A . n 
A 1 45 GLU 45 46 46 GLU GLU A . n 
A 1 46 TYR 46 47 47 TYR TYR A . n 
A 1 47 LEU 47 48 48 LEU LEU A . n 
A 1 48 ASP 48 49 49 ASP ASP A . n 
A 1 49 ASN 49 50 50 ASN ASN A . n 
A 1 50 HIS 50 51 51 HIS HIS A . n 
A 1 51 ASP 51 52 52 ASP ASP A . n 
A 1 52 LYS 52 53 ?  ?   ?   A . n 
A 1 53 GLN 53 54 ?  ?   ?   A . n 
A 1 54 LYS 54 55 ?  ?   ?   A . n 
A 1 55 LYS 55 56 ?  ?   ?   A . n 
B 1 1  GLY 1  2  ?  ?   ?   B . n 
B 1 2  ARG 2  3  ?  ?   ?   B . n 
B 1 3  PRO 3  4  ?  ?   ?   B . n 
B 1 4  TYR 4  5  ?  ?   ?   B . n 
B 1 5  LYS 5  6  ?  ?   ?   B . n 
B 1 6  LEU 6  7  7  LEU LEU B . n 
B 1 7  LEU 7  8  8  LEU LEU B . n 
B 1 8  ASN 8  9  9  ASN ASN B . n 
B 1 9  GLY 9  10 10 GLY GLY B . n 
B 1 10 ILE 10 11 11 ILE ILE B . n 
B 1 11 LYS 11 12 12 LYS LYS B . n 
B 1 12 LEU 12 13 13 LEU LEU B . n 
B 1 13 GLY 13 14 14 GLY GLY B . n 
B 1 14 VAL 14 15 15 VAL VAL B . n 
B 1 15 TYR 15 16 16 TYR TYR B . n 
B 1 16 ILE 16 17 17 ILE ILE B . n 
B 1 17 PRO 17 18 18 PRO PRO B . n 
B 1 18 GLN 18 19 19 GLN GLN B . n 
B 1 19 GLU 19 20 20 GLU GLU B . n 
B 1 20 TRP 20 21 21 TRP TRP B . n 
B 1 21 HIS 21 22 22 HIS HIS B . n 
B 1 22 ASP 22 23 23 ASP ASP B . n 
B 1 23 ARG 23 24 24 ARG ARG B . n 
B 1 24 LEU 24 25 25 LEU LEU B . n 
B 1 25 MET 25 26 26 MET MET B . n 
B 1 26 GLU 26 27 27 GLU GLU B . n 
B 1 27 ILE 27 28 28 ILE ILE B . n 
B 1 28 ALA 28 29 29 ALA ALA B . n 
B 1 29 LYS 29 30 30 LYS LYS B . n 
B 1 30 GLU 30 31 31 GLU GLU B . n 
B 1 31 LYS 31 32 32 LYS LYS B . n 
B 1 32 ASN 32 33 33 ASN ASN B . n 
B 1 33 LEU 33 34 34 LEU LEU B . n 
B 1 34 THR 34 35 35 THR THR B . n 
B 1 35 LEU 35 36 36 LEU LEU B . n 
B 1 36 SER 36 37 37 SER SER B . n 
B 1 37 ASP 37 38 38 ASP ASP B . n 
B 1 38 VAL 38 39 39 VAL VAL B . n 
B 1 39 CYS 39 40 40 CYS CYS B . n 
B 1 40 ARG 40 41 41 ARG ARG B . n 
B 1 41 LEU 41 42 42 LEU LEU B . n 
B 1 42 ALA 42 43 43 ALA ALA B . n 
B 1 43 ILE 43 44 44 ILE ILE B . n 
B 1 44 LYS 44 45 45 LYS LYS B . n 
B 1 45 GLU 45 46 46 GLU GLU B . n 
B 1 46 TYR 46 47 47 TYR TYR B . n 
B 1 47 LEU 47 48 48 LEU LEU B . n 
B 1 48 ASP 48 49 49 ASP ASP B . n 
B 1 49 ASN 49 50 50 ASN ASN B . n 
B 1 50 HIS 50 51 51 HIS HIS B . n 
B 1 51 ASP 51 52 52 ASP ASP B . n 
B 1 52 LYS 52 53 ?  ?   ?   B . n 
B 1 53 GLN 53 54 ?  ?   ?   B . n 
B 1 54 LYS 54 55 ?  ?   ?   B . n 
B 1 55 LYS 55 56 ?  ?   ?   B . n 
# 
loop_
_pdbx_nonpoly_scheme.asym_id 
_pdbx_nonpoly_scheme.entity_id 
_pdbx_nonpoly_scheme.mon_id 
_pdbx_nonpoly_scheme.ndb_seq_num 
_pdbx_nonpoly_scheme.pdb_seq_num 
_pdbx_nonpoly_scheme.auth_seq_num 
_pdbx_nonpoly_scheme.pdb_mon_id 
_pdbx_nonpoly_scheme.auth_mon_id 
_pdbx_nonpoly_scheme.pdb_strand_id 
_pdbx_nonpoly_scheme.pdb_ins_code 
C 2 GOL 1  57 57 GOL GOL A . 
D 3 HOH 1  58 58 HOH HOH A . 
D 3 HOH 2  59 59 HOH HOH A . 
D 3 HOH 3  60 60 HOH HOH A . 
D 3 HOH 4  61 61 HOH HOH A . 
D 3 HOH 5  62 62 HOH HOH A . 
D 3 HOH 6  63 63 HOH HOH A . 
D 3 HOH 7  64 64 HOH HOH A . 
D 3 HOH 8  65 65 HOH HOH A . 
D 3 HOH 9  66 66 HOH HOH A . 
D 3 HOH 10 67 67 HOH HOH A . 
D 3 HOH 11 68 68 HOH HOH A . 
D 3 HOH 12 69 69 HOH HOH A . 
D 3 HOH 13 70 70 HOH HOH A . 
D 3 HOH 14 71 71 HOH HOH A . 
D 3 HOH 15 72 72 HOH HOH A . 
D 3 HOH 16 73 73 HOH HOH A . 
D 3 HOH 17 74 74 HOH HOH A . 
D 3 HOH 18 75 75 HOH HOH A . 
D 3 HOH 19 76 76 HOH HOH A . 
D 3 HOH 20 77 77 HOH HOH A . 
D 3 HOH 21 78 78 HOH HOH A . 
D 3 HOH 22 79 79 HOH HOH A . 
D 3 HOH 23 80 80 HOH HOH A . 
D 3 HOH 24 91 91 HOH HOH A . 
E 3 HOH 1  57 57 HOH HOH B . 
E 3 HOH 2  58 58 HOH HOH B . 
E 3 HOH 3  59 59 HOH HOH B . 
E 3 HOH 4  60 60 HOH HOH B . 
E 3 HOH 5  61 61 HOH HOH B . 
E 3 HOH 6  62 62 HOH HOH B . 
E 3 HOH 7  63 63 HOH HOH B . 
E 3 HOH 8  64 64 HOH HOH B . 
E 3 HOH 9  65 65 HOH HOH B . 
E 3 HOH 10 66 66 HOH HOH B . 
E 3 HOH 11 67 67 HOH HOH B . 
E 3 HOH 12 68 68 HOH HOH B . 
E 3 HOH 13 69 69 HOH HOH B . 
E 3 HOH 14 70 70 HOH HOH B . 
E 3 HOH 15 71 71 HOH HOH B . 
E 3 HOH 16 72 72 HOH HOH B . 
E 3 HOH 17 73 73 HOH HOH B . 
# 
_pdbx_struct_assembly.id                   1 
_pdbx_struct_assembly.details              author_and_software_defined_assembly 
_pdbx_struct_assembly.method_details       PISA 
_pdbx_struct_assembly.oligomeric_details   dimeric 
_pdbx_struct_assembly.oligomeric_count     2 
# 
_pdbx_struct_assembly_gen.assembly_id       1 
_pdbx_struct_assembly_gen.oper_expression   1 
_pdbx_struct_assembly_gen.asym_id_list      A,B,C,D,E 
# 
loop_
_pdbx_struct_assembly_prop.biol_id 
_pdbx_struct_assembly_prop.type 
_pdbx_struct_assembly_prop.value 
_pdbx_struct_assembly_prop.details 
1 'ABSA (A^2)' 3660 ? 
1 MORE         -27  ? 
1 'SSA (A^2)'  5540 ? 
# 
_pdbx_struct_oper_list.id                   1 
_pdbx_struct_oper_list.type                 'identity operation' 
_pdbx_struct_oper_list.name                 1_555 
_pdbx_struct_oper_list.symmetry_operation   x,y,z 
_pdbx_struct_oper_list.matrix[1][1]         1.0000000000 
_pdbx_struct_oper_list.matrix[1][2]         0.0000000000 
_pdbx_struct_oper_list.matrix[1][3]         0.0000000000 
_pdbx_struct_oper_list.vector[1]            0.0000000000 
_pdbx_struct_oper_list.matrix[2][1]         0.0000000000 
_pdbx_struct_oper_list.matrix[2][2]         1.0000000000 
_pdbx_struct_oper_list.matrix[2][3]         0.0000000000 
_pdbx_struct_oper_list.vector[2]            0.0000000000 
_pdbx_struct_oper_list.matrix[3][1]         0.0000000000 
_pdbx_struct_oper_list.matrix[3][2]         0.0000000000 
_pdbx_struct_oper_list.matrix[3][3]         1.0000000000 
_pdbx_struct_oper_list.vector[3]            0.0000000000 
# 
loop_
_pdbx_audit_revision_history.ordinal 
_pdbx_audit_revision_history.data_content_type 
_pdbx_audit_revision_history.major_revision 
_pdbx_audit_revision_history.minor_revision 
_pdbx_audit_revision_history.revision_date 
1 'Structure model' 1 0 2009-10-20 
2 'Structure model' 1 1 2011-07-13 
3 'Structure model' 1 2 2016-12-14 
4 'Structure model' 1 3 2017-11-01 
5 'Structure model' 1 4 2023-11-01 
# 
_pdbx_audit_revision_details.ordinal             1 
_pdbx_audit_revision_details.revision_ordinal    1 
_pdbx_audit_revision_details.data_content_type   'Structure model' 
_pdbx_audit_revision_details.provider            repository 
_pdbx_audit_revision_details.type                'Initial release' 
_pdbx_audit_revision_details.description         ? 
_pdbx_audit_revision_details.details             ? 
# 
loop_
_pdbx_audit_revision_group.ordinal 
_pdbx_audit_revision_group.revision_ordinal 
_pdbx_audit_revision_group.data_content_type 
_pdbx_audit_revision_group.group 
1  2 'Structure model' 'Non-polymer description'   
2  2 'Structure model' 'Version format compliance' 
3  3 'Structure model' 'Structure summary'         
4  4 'Structure model' Advisory                    
5  4 'Structure model' 'Refinement description'    
6  5 'Structure model' Advisory                    
7  5 'Structure model' 'Data collection'           
8  5 'Structure model' 'Database references'       
9  5 'Structure model' 'Derived calculations'      
10 5 'Structure model' 'Refinement description'    
# 
loop_
_pdbx_audit_revision_category.ordinal 
_pdbx_audit_revision_category.revision_ordinal 
_pdbx_audit_revision_category.data_content_type 
_pdbx_audit_revision_category.category 
1 4 'Structure model' pdbx_unobs_or_zero_occ_atoms  
2 4 'Structure model' software                      
3 5 'Structure model' chem_comp_atom                
4 5 'Structure model' chem_comp_bond                
5 5 'Structure model' database_2                    
6 5 'Structure model' pdbx_initial_refinement_model 
7 5 'Structure model' pdbx_unobs_or_zero_occ_atoms  
8 5 'Structure model' struct_site                   
# 
loop_
_pdbx_audit_revision_item.ordinal 
_pdbx_audit_revision_item.revision_ordinal 
_pdbx_audit_revision_item.data_content_type 
_pdbx_audit_revision_item.item 
1 4 'Structure model' '_software.name'                      
2 5 'Structure model' '_database_2.pdbx_DOI'                
3 5 'Structure model' '_database_2.pdbx_database_accession' 
4 5 'Structure model' '_struct_site.pdbx_auth_asym_id'      
5 5 'Structure model' '_struct_site.pdbx_auth_comp_id'      
6 5 'Structure model' '_struct_site.pdbx_auth_seq_id'       
# 
loop_
_pdbx_refine_tls.id 
_pdbx_refine_tls.details 
_pdbx_refine_tls.method 
_pdbx_refine_tls.origin_x 
_pdbx_refine_tls.origin_y 
_pdbx_refine_tls.origin_z 
_pdbx_refine_tls.T[1][1] 
_pdbx_refine_tls.T[2][2] 
_pdbx_refine_tls.T[3][3] 
_pdbx_refine_tls.T[1][2] 
_pdbx_refine_tls.T[1][3] 
_pdbx_refine_tls.T[2][3] 
_pdbx_refine_tls.L[1][1] 
_pdbx_refine_tls.L[2][2] 
_pdbx_refine_tls.L[3][3] 
_pdbx_refine_tls.L[1][2] 
_pdbx_refine_tls.L[1][3] 
_pdbx_refine_tls.L[2][3] 
_pdbx_refine_tls.S[1][1] 
_pdbx_refine_tls.S[2][2] 
_pdbx_refine_tls.S[3][3] 
_pdbx_refine_tls.S[1][2] 
_pdbx_refine_tls.S[1][3] 
_pdbx_refine_tls.S[2][3] 
_pdbx_refine_tls.S[2][1] 
_pdbx_refine_tls.S[3][1] 
_pdbx_refine_tls.S[3][2] 
_pdbx_refine_tls.pdbx_refine_id 
1 ? refined -0.5014 -4.3611 -1.2568 0.2048 0.0944 0.0391 -0.0397 -0.0408 -0.0041 1.5267 1.2616  0.5995 0.2069  -0.2326 -0.1649 -0.3648 0.3614 0.0173 0.1858  0.1146 -0.0520 -0.0912 0.1322 0.0893 'X-RAY DIFFRACTION' 
2 ? refined 0.7419  4.3264  1.1673  0.2318 0.0397 0.1542 0.0080  -0.1271 -0.0027 0.9148 -0.0858 0.7588 -0.3655 0.1419  -0.8813 -0.2494 0.0168 0.1589 -0.0474 0.2161 -0.0359 -0.2706 0.1489 0.0057 'X-RAY DIFFRACTION' 
# 
loop_
_pdbx_refine_tls_group.id 
_pdbx_refine_tls_group.refine_tls_id 
_pdbx_refine_tls_group.beg_auth_asym_id 
_pdbx_refine_tls_group.beg_auth_seq_id 
_pdbx_refine_tls_group.beg_label_asym_id 
_pdbx_refine_tls_group.beg_label_seq_id 
_pdbx_refine_tls_group.end_auth_asym_id 
_pdbx_refine_tls_group.end_auth_seq_id 
_pdbx_refine_tls_group.end_label_asym_id 
_pdbx_refine_tls_group.end_label_seq_id 
_pdbx_refine_tls_group.selection 
_pdbx_refine_tls_group.selection_details 
_pdbx_refine_tls_group.pdbx_refine_id 
1 1 ? ? ? ? ? ? ? ? ? 'chain A' 'X-RAY DIFFRACTION' 
2 2 ? ? ? ? ? ? ? ? ? 'chain B' 'X-RAY DIFFRACTION' 
# 
_phasing.method   MR 
# 
loop_
_software.name 
_software.version 
_software.date 
_software.type 
_software.contact_author 
_software.contact_author_email 
_software.classification 
_software.location 
_software.language 
_software.citation_id 
_software.pdbx_ordinal 
MOSFLM      .      ?               package 'Andrew G.W. Leslie' andrew@mrc-lmb.cam.ac.uk    'data reduction'  
http://www.mrc-lmb.cam.ac.uk/harry/mosflm/  ?          ? 1 
SCALA       3.2.25 21/9/2006       other   'Phil R. Evans'      pre@mrc-lmb.cam.ac.uk       'data scaling'    
http://www.ccp4.ac.uk/dist/html/scala.html  Fortran_77 ? 2 
PHASER      .      ?               program 'Randy J. Read'      cimr-phaser@lists.cam.ac.uk phasing           
http://www-structmed.cimr.cam.ac.uk/phaser/ ?          ? 3 
PHENIX      .      ?               package 'Paul D. Adams'      PDAdams@lbl.gov             refinement        
http://www.phenix-online.org/               C++        ? 4 
PDB_EXTRACT 3.006  'June 11, 2008' package PDB                  help@deposit.rcsb.org       'data extraction' 
http://sw-tools.pdb.org/apps/PDB_EXTRACT/   C++        ? 5 
MAR345      225    ?               ?       ?                    ?                           'data collection' ? ?          ? 6 
# 
_pdbx_validate_symm_contact.id                1 
_pdbx_validate_symm_contact.PDB_model_num     1 
_pdbx_validate_symm_contact.auth_atom_id_1    ND2 
_pdbx_validate_symm_contact.auth_asym_id_1    A 
_pdbx_validate_symm_contact.auth_comp_id_1    ASN 
_pdbx_validate_symm_contact.auth_seq_id_1     9 
_pdbx_validate_symm_contact.PDB_ins_code_1    ? 
_pdbx_validate_symm_contact.label_alt_id_1    ? 
_pdbx_validate_symm_contact.site_symmetry_1   1_555 
_pdbx_validate_symm_contact.auth_atom_id_2    O 
_pdbx_validate_symm_contact.auth_asym_id_2    B 
_pdbx_validate_symm_contact.auth_comp_id_2    LEU 
_pdbx_validate_symm_contact.auth_seq_id_2     7 
_pdbx_validate_symm_contact.PDB_ins_code_2    ? 
_pdbx_validate_symm_contact.label_alt_id_2    ? 
_pdbx_validate_symm_contact.site_symmetry_2   3_554 
_pdbx_validate_symm_contact.dist              2.15 
# 
loop_
_pdbx_validate_torsion.id 
_pdbx_validate_torsion.PDB_model_num 
_pdbx_validate_torsion.auth_comp_id 
_pdbx_validate_torsion.auth_asym_id 
_pdbx_validate_torsion.auth_seq_id 
_pdbx_validate_torsion.PDB_ins_code 
_pdbx_validate_torsion.label_alt_id 
_pdbx_validate_torsion.phi 
_pdbx_validate_torsion.psi 
1 1 ASN A 9  ? ? -110.89 -157.24 
2 1 HIS A 22 ? ? -29.00  -64.05  
3 1 LYS A 30 ? ? -51.52  -75.40  
4 1 GLU A 31 ? ? -32.23  -29.66  
5 1 ASN B 9  ? ? -51.92  -147.30 
6 1 ASN B 33 ? ? 46.16   78.40   
7 1 ASN B 50 ? ? -66.37  29.46   
# 
loop_
_pdbx_unobs_or_zero_occ_atoms.id 
_pdbx_unobs_or_zero_occ_atoms.PDB_model_num 
_pdbx_unobs_or_zero_occ_atoms.polymer_flag 
_pdbx_unobs_or_zero_occ_atoms.occupancy_flag 
_pdbx_unobs_or_zero_occ_atoms.auth_asym_id 
_pdbx_unobs_or_zero_occ_atoms.auth_comp_id 
_pdbx_unobs_or_zero_occ_atoms.auth_seq_id 
_pdbx_unobs_or_zero_occ_atoms.PDB_ins_code 
_pdbx_unobs_or_zero_occ_atoms.auth_atom_id 
_pdbx_unobs_or_zero_occ_atoms.label_alt_id 
_pdbx_unobs_or_zero_occ_atoms.label_asym_id 
_pdbx_unobs_or_zero_occ_atoms.label_comp_id 
_pdbx_unobs_or_zero_occ_atoms.label_seq_id 
_pdbx_unobs_or_zero_occ_atoms.label_atom_id 
1 1 Y 1 A ASP 52 ? CG  ? A ASP 51 CG  
2 1 Y 1 A ASP 52 ? OD1 ? A ASP 51 OD1 
3 1 Y 1 A ASP 52 ? OD2 ? A ASP 51 OD2 
4 1 Y 0 A ASP 52 ? C   ? A ASP 51 C   
5 1 Y 1 B ASP 52 ? CG  ? B ASP 51 CG  
6 1 Y 1 B ASP 52 ? OD1 ? B ASP 51 OD1 
7 1 Y 1 B ASP 52 ? OD2 ? B ASP 51 OD2 
8 1 Y 0 B ASP 52 ? N   ? B ASP 51 N   
# 
loop_
_pdbx_unobs_or_zero_occ_residues.id 
_pdbx_unobs_or_zero_occ_residues.PDB_model_num 
_pdbx_unobs_or_zero_occ_residues.polymer_flag 
_pdbx_unobs_or_zero_occ_residues.occupancy_flag 
_pdbx_unobs_or_zero_occ_residues.auth_asym_id 
_pdbx_unobs_or_zero_occ_residues.auth_comp_id 
_pdbx_unobs_or_zero_occ_residues.auth_seq_id 
_pdbx_unobs_or_zero_occ_residues.PDB_ins_code 
_pdbx_unobs_or_zero_occ_residues.label_asym_id 
_pdbx_unobs_or_zero_occ_residues.label_comp_id 
_pdbx_unobs_or_zero_occ_residues.label_seq_id 
1  1 Y 1 A GLY 2  ? A GLY 1  
2  1 Y 1 A ARG 3  ? A ARG 2  
3  1 Y 1 A PRO 4  ? A PRO 3  
4  1 Y 1 A TYR 5  ? A TYR 4  
5  1 Y 1 A LYS 6  ? A LYS 5  
6  1 Y 1 A LEU 7  ? A LEU 6  
7  1 Y 1 A LYS 53 ? A LYS 52 
8  1 Y 1 A GLN 54 ? A GLN 53 
9  1 Y 1 A LYS 55 ? A LYS 54 
10 1 Y 1 A LYS 56 ? A LYS 55 
11 1 Y 1 B GLY 2  ? B GLY 1  
12 1 Y 1 B ARG 3  ? B ARG 2  
13 1 Y 1 B PRO 4  ? B PRO 3  
14 1 Y 1 B TYR 5  ? B TYR 4  
15 1 Y 1 B LYS 6  ? B LYS 5  
16 1 Y 1 B LYS 53 ? B LYS 52 
17 1 Y 1 B GLN 54 ? B GLN 53 
18 1 Y 1 B LYS 55 ? B LYS 54 
19 1 Y 1 B LYS 56 ? B LYS 55 
# 
loop_
_chem_comp_atom.comp_id 
_chem_comp_atom.atom_id 
_chem_comp_atom.type_symbol 
_chem_comp_atom.pdbx_aromatic_flag 
_chem_comp_atom.pdbx_stereo_config 
_chem_comp_atom.pdbx_ordinal 
ALA N    N N N 1   
ALA CA   C N S 2   
ALA C    C N N 3   
ALA O    O N N 4   
ALA CB   C N N 5   
ALA OXT  O N N 6   
ALA H    H N N 7   
ALA H2   H N N 8   
ALA HA   H N N 9   
ALA HB1  H N N 10  
ALA HB2  H N N 11  
ALA HB3  H N N 12  
ALA HXT  H N N 13  
ARG N    N N N 14  
ARG CA   C N S 15  
ARG C    C N N 16  
ARG O    O N N 17  
ARG CB   C N N 18  
ARG CG   C N N 19  
ARG CD   C N N 20  
ARG NE   N N N 21  
ARG CZ   C N N 22  
ARG NH1  N N N 23  
ARG NH2  N N N 24  
ARG OXT  O N N 25  
ARG H    H N N 26  
ARG H2   H N N 27  
ARG HA   H N N 28  
ARG HB2  H N N 29  
ARG HB3  H N N 30  
ARG HG2  H N N 31  
ARG HG3  H N N 32  
ARG HD2  H N N 33  
ARG HD3  H N N 34  
ARG HE   H N N 35  
ARG HH11 H N N 36  
ARG HH12 H N N 37  
ARG HH21 H N N 38  
ARG HH22 H N N 39  
ARG HXT  H N N 40  
ASN N    N N N 41  
ASN CA   C N S 42  
ASN C    C N N 43  
ASN O    O N N 44  
ASN CB   C N N 45  
ASN CG   C N N 46  
ASN OD1  O N N 47  
ASN ND2  N N N 48  
ASN OXT  O N N 49  
ASN H    H N N 50  
ASN H2   H N N 51  
ASN HA   H N N 52  
ASN HB2  H N N 53  
ASN HB3  H N N 54  
ASN HD21 H N N 55  
ASN HD22 H N N 56  
ASN HXT  H N N 57  
ASP N    N N N 58  
ASP CA   C N S 59  
ASP C    C N N 60  
ASP O    O N N 61  
ASP CB   C N N 62  
ASP CG   C N N 63  
ASP OD1  O N N 64  
ASP OD2  O N N 65  
ASP OXT  O N N 66  
ASP H    H N N 67  
ASP H2   H N N 68  
ASP HA   H N N 69  
ASP HB2  H N N 70  
ASP HB3  H N N 71  
ASP HD2  H N N 72  
ASP HXT  H N N 73  
CYS N    N N N 74  
CYS CA   C N R 75  
CYS C    C N N 76  
CYS O    O N N 77  
CYS CB   C N N 78  
CYS SG   S N N 79  
CYS OXT  O N N 80  
CYS H    H N N 81  
CYS H2   H N N 82  
CYS HA   H N N 83  
CYS HB2  H N N 84  
CYS HB3  H N N 85  
CYS HG   H N N 86  
CYS HXT  H N N 87  
GLN N    N N N 88  
GLN CA   C N S 89  
GLN C    C N N 90  
GLN O    O N N 91  
GLN CB   C N N 92  
GLN CG   C N N 93  
GLN CD   C N N 94  
GLN OE1  O N N 95  
GLN NE2  N N N 96  
GLN OXT  O N N 97  
GLN H    H N N 98  
GLN H2   H N N 99  
GLN HA   H N N 100 
GLN HB2  H N N 101 
GLN HB3  H N N 102 
GLN HG2  H N N 103 
GLN HG3  H N N 104 
GLN HE21 H N N 105 
GLN HE22 H N N 106 
GLN HXT  H N N 107 
GLU N    N N N 108 
GLU CA   C N S 109 
GLU C    C N N 110 
GLU O    O N N 111 
GLU CB   C N N 112 
GLU CG   C N N 113 
GLU CD   C N N 114 
GLU OE1  O N N 115 
GLU OE2  O N N 116 
GLU OXT  O N N 117 
GLU H    H N N 118 
GLU H2   H N N 119 
GLU HA   H N N 120 
GLU HB2  H N N 121 
GLU HB3  H N N 122 
GLU HG2  H N N 123 
GLU HG3  H N N 124 
GLU HE2  H N N 125 
GLU HXT  H N N 126 
GLY N    N N N 127 
GLY CA   C N N 128 
GLY C    C N N 129 
GLY O    O N N 130 
GLY OXT  O N N 131 
GLY H    H N N 132 
GLY H2   H N N 133 
GLY HA2  H N N 134 
GLY HA3  H N N 135 
GLY HXT  H N N 136 
GOL C1   C N N 137 
GOL O1   O N N 138 
GOL C2   C N N 139 
GOL O2   O N N 140 
GOL C3   C N N 141 
GOL O3   O N N 142 
GOL H11  H N N 143 
GOL H12  H N N 144 
GOL HO1  H N N 145 
GOL H2   H N N 146 
GOL HO2  H N N 147 
GOL H31  H N N 148 
GOL H32  H N N 149 
GOL HO3  H N N 150 
HIS N    N N N 151 
HIS CA   C N S 152 
HIS C    C N N 153 
HIS O    O N N 154 
HIS CB   C N N 155 
HIS CG   C Y N 156 
HIS ND1  N Y N 157 
HIS CD2  C Y N 158 
HIS CE1  C Y N 159 
HIS NE2  N Y N 160 
HIS OXT  O N N 161 
HIS H    H N N 162 
HIS H2   H N N 163 
HIS HA   H N N 164 
HIS HB2  H N N 165 
HIS HB3  H N N 166 
HIS HD1  H N N 167 
HIS HD2  H N N 168 
HIS HE1  H N N 169 
HIS HE2  H N N 170 
HIS HXT  H N N 171 
HOH O    O N N 172 
HOH H1   H N N 173 
HOH H2   H N N 174 
ILE N    N N N 175 
ILE CA   C N S 176 
ILE C    C N N 177 
ILE O    O N N 178 
ILE CB   C N S 179 
ILE CG1  C N N 180 
ILE CG2  C N N 181 
ILE CD1  C N N 182 
ILE OXT  O N N 183 
ILE H    H N N 184 
ILE H2   H N N 185 
ILE HA   H N N 186 
ILE HB   H N N 187 
ILE HG12 H N N 188 
ILE HG13 H N N 189 
ILE HG21 H N N 190 
ILE HG22 H N N 191 
ILE HG23 H N N 192 
ILE HD11 H N N 193 
ILE HD12 H N N 194 
ILE HD13 H N N 195 
ILE HXT  H N N 196 
LEU N    N N N 197 
LEU CA   C N S 198 
LEU C    C N N 199 
LEU O    O N N 200 
LEU CB   C N N 201 
LEU CG   C N N 202 
LEU CD1  C N N 203 
LEU CD2  C N N 204 
LEU OXT  O N N 205 
LEU H    H N N 206 
LEU H2   H N N 207 
LEU HA   H N N 208 
LEU HB2  H N N 209 
LEU HB3  H N N 210 
LEU HG   H N N 211 
LEU HD11 H N N 212 
LEU HD12 H N N 213 
LEU HD13 H N N 214 
LEU HD21 H N N 215 
LEU HD22 H N N 216 
LEU HD23 H N N 217 
LEU HXT  H N N 218 
LYS N    N N N 219 
LYS CA   C N S 220 
LYS C    C N N 221 
LYS O    O N N 222 
LYS CB   C N N 223 
LYS CG   C N N 224 
LYS CD   C N N 225 
LYS CE   C N N 226 
LYS NZ   N N N 227 
LYS OXT  O N N 228 
LYS H    H N N 229 
LYS H2   H N N 230 
LYS HA   H N N 231 
LYS HB2  H N N 232 
LYS HB3  H N N 233 
LYS HG2  H N N 234 
LYS HG3  H N N 235 
LYS HD2  H N N 236 
LYS HD3  H N N 237 
LYS HE2  H N N 238 
LYS HE3  H N N 239 
LYS HZ1  H N N 240 
LYS HZ2  H N N 241 
LYS HZ3  H N N 242 
LYS HXT  H N N 243 
MET N    N N N 244 
MET CA   C N S 245 
MET C    C N N 246 
MET O    O N N 247 
MET CB   C N N 248 
MET CG   C N N 249 
MET SD   S N N 250 
MET CE   C N N 251 
MET OXT  O N N 252 
MET H    H N N 253 
MET H2   H N N 254 
MET HA   H N N 255 
MET HB2  H N N 256 
MET HB3  H N N 257 
MET HG2  H N N 258 
MET HG3  H N N 259 
MET HE1  H N N 260 
MET HE2  H N N 261 
MET HE3  H N N 262 
MET HXT  H N N 263 
PRO N    N N N 264 
PRO CA   C N S 265 
PRO C    C N N 266 
PRO O    O N N 267 
PRO CB   C N N 268 
PRO CG   C N N 269 
PRO CD   C N N 270 
PRO OXT  O N N 271 
PRO H    H N N 272 
PRO HA   H N N 273 
PRO HB2  H N N 274 
PRO HB3  H N N 275 
PRO HG2  H N N 276 
PRO HG3  H N N 277 
PRO HD2  H N N 278 
PRO HD3  H N N 279 
PRO HXT  H N N 280 
SER N    N N N 281 
SER CA   C N S 282 
SER C    C N N 283 
SER O    O N N 284 
SER CB   C N N 285 
SER OG   O N N 286 
SER OXT  O N N 287 
SER H    H N N 288 
SER H2   H N N 289 
SER HA   H N N 290 
SER HB2  H N N 291 
SER HB3  H N N 292 
SER HG   H N N 293 
SER HXT  H N N 294 
THR N    N N N 295 
THR CA   C N S 296 
THR C    C N N 297 
THR O    O N N 298 
THR CB   C N R 299 
THR OG1  O N N 300 
THR CG2  C N N 301 
THR OXT  O N N 302 
THR H    H N N 303 
THR H2   H N N 304 
THR HA   H N N 305 
THR HB   H N N 306 
THR HG1  H N N 307 
THR HG21 H N N 308 
THR HG22 H N N 309 
THR HG23 H N N 310 
THR HXT  H N N 311 
TRP N    N N N 312 
TRP CA   C N S 313 
TRP C    C N N 314 
TRP O    O N N 315 
TRP CB   C N N 316 
TRP CG   C Y N 317 
TRP CD1  C Y N 318 
TRP CD2  C Y N 319 
TRP NE1  N Y N 320 
TRP CE2  C Y N 321 
TRP CE3  C Y N 322 
TRP CZ2  C Y N 323 
TRP CZ3  C Y N 324 
TRP CH2  C Y N 325 
TRP OXT  O N N 326 
TRP H    H N N 327 
TRP H2   H N N 328 
TRP HA   H N N 329 
TRP HB2  H N N 330 
TRP HB3  H N N 331 
TRP HD1  H N N 332 
TRP HE1  H N N 333 
TRP HE3  H N N 334 
TRP HZ2  H N N 335 
TRP HZ3  H N N 336 
TRP HH2  H N N 337 
TRP HXT  H N N 338 
TYR N    N N N 339 
TYR CA   C N S 340 
TYR C    C N N 341 
TYR O    O N N 342 
TYR CB   C N N 343 
TYR CG   C Y N 344 
TYR CD1  C Y N 345 
TYR CD2  C Y N 346 
TYR CE1  C Y N 347 
TYR CE2  C Y N 348 
TYR CZ   C Y N 349 
TYR OH   O N N 350 
TYR OXT  O N N 351 
TYR H    H N N 352 
TYR H2   H N N 353 
TYR HA   H N N 354 
TYR HB2  H N N 355 
TYR HB3  H N N 356 
TYR HD1  H N N 357 
TYR HD2  H N N 358 
TYR HE1  H N N 359 
TYR HE2  H N N 360 
TYR HH   H N N 361 
TYR HXT  H N N 362 
VAL N    N N N 363 
VAL CA   C N S 364 
VAL C    C N N 365 
VAL O    O N N 366 
VAL CB   C N N 367 
VAL CG1  C N N 368 
VAL CG2  C N N 369 
VAL OXT  O N N 370 
VAL H    H N N 371 
VAL H2   H N N 372 
VAL HA   H N N 373 
VAL HB   H N N 374 
VAL HG11 H N N 375 
VAL HG12 H N N 376 
VAL HG13 H N N 377 
VAL HG21 H N N 378 
VAL HG22 H N N 379 
VAL HG23 H N N 380 
VAL HXT  H N N 381 
# 
loop_
_chem_comp_bond.comp_id 
_chem_comp_bond.atom_id_1 
_chem_comp_bond.atom_id_2 
_chem_comp_bond.value_order 
_chem_comp_bond.pdbx_aromatic_flag 
_chem_comp_bond.pdbx_stereo_config 
_chem_comp_bond.pdbx_ordinal 
ALA N   CA   sing N N 1   
ALA N   H    sing N N 2   
ALA N   H2   sing N N 3   
ALA CA  C    sing N N 4   
ALA CA  CB   sing N N 5   
ALA CA  HA   sing N N 6   
ALA C   O    doub N N 7   
ALA C   OXT  sing N N 8   
ALA CB  HB1  sing N N 9   
ALA CB  HB2  sing N N 10  
ALA CB  HB3  sing N N 11  
ALA OXT HXT  sing N N 12  
ARG N   CA   sing N N 13  
ARG N   H    sing N N 14  
ARG N   H2   sing N N 15  
ARG CA  C    sing N N 16  
ARG CA  CB   sing N N 17  
ARG CA  HA   sing N N 18  
ARG C   O    doub N N 19  
ARG C   OXT  sing N N 20  
ARG CB  CG   sing N N 21  
ARG CB  HB2  sing N N 22  
ARG CB  HB3  sing N N 23  
ARG CG  CD   sing N N 24  
ARG CG  HG2  sing N N 25  
ARG CG  HG3  sing N N 26  
ARG CD  NE   sing N N 27  
ARG CD  HD2  sing N N 28  
ARG CD  HD3  sing N N 29  
ARG NE  CZ   sing N N 30  
ARG NE  HE   sing N N 31  
ARG CZ  NH1  sing N N 32  
ARG CZ  NH2  doub N N 33  
ARG NH1 HH11 sing N N 34  
ARG NH1 HH12 sing N N 35  
ARG NH2 HH21 sing N N 36  
ARG NH2 HH22 sing N N 37  
ARG OXT HXT  sing N N 38  
ASN N   CA   sing N N 39  
ASN N   H    sing N N 40  
ASN N   H2   sing N N 41  
ASN CA  C    sing N N 42  
ASN CA  CB   sing N N 43  
ASN CA  HA   sing N N 44  
ASN C   O    doub N N 45  
ASN C   OXT  sing N N 46  
ASN CB  CG   sing N N 47  
ASN CB  HB2  sing N N 48  
ASN CB  HB3  sing N N 49  
ASN CG  OD1  doub N N 50  
ASN CG  ND2  sing N N 51  
ASN ND2 HD21 sing N N 52  
ASN ND2 HD22 sing N N 53  
ASN OXT HXT  sing N N 54  
ASP N   CA   sing N N 55  
ASP N   H    sing N N 56  
ASP N   H2   sing N N 57  
ASP CA  C    sing N N 58  
ASP CA  CB   sing N N 59  
ASP CA  HA   sing N N 60  
ASP C   O    doub N N 61  
ASP C   OXT  sing N N 62  
ASP CB  CG   sing N N 63  
ASP CB  HB2  sing N N 64  
ASP CB  HB3  sing N N 65  
ASP CG  OD1  doub N N 66  
ASP CG  OD2  sing N N 67  
ASP OD2 HD2  sing N N 68  
ASP OXT HXT  sing N N 69  
CYS N   CA   sing N N 70  
CYS N   H    sing N N 71  
CYS N   H2   sing N N 72  
CYS CA  C    sing N N 73  
CYS CA  CB   sing N N 74  
CYS CA  HA   sing N N 75  
CYS C   O    doub N N 76  
CYS C   OXT  sing N N 77  
CYS CB  SG   sing N N 78  
CYS CB  HB2  sing N N 79  
CYS CB  HB3  sing N N 80  
CYS SG  HG   sing N N 81  
CYS OXT HXT  sing N N 82  
GLN N   CA   sing N N 83  
GLN N   H    sing N N 84  
GLN N   H2   sing N N 85  
GLN CA  C    sing N N 86  
GLN CA  CB   sing N N 87  
GLN CA  HA   sing N N 88  
GLN C   O    doub N N 89  
GLN C   OXT  sing N N 90  
GLN CB  CG   sing N N 91  
GLN CB  HB2  sing N N 92  
GLN CB  HB3  sing N N 93  
GLN CG  CD   sing N N 94  
GLN CG  HG2  sing N N 95  
GLN CG  HG3  sing N N 96  
GLN CD  OE1  doub N N 97  
GLN CD  NE2  sing N N 98  
GLN NE2 HE21 sing N N 99  
GLN NE2 HE22 sing N N 100 
GLN OXT HXT  sing N N 101 
GLU N   CA   sing N N 102 
GLU N   H    sing N N 103 
GLU N   H2   sing N N 104 
GLU CA  C    sing N N 105 
GLU CA  CB   sing N N 106 
GLU CA  HA   sing N N 107 
GLU C   O    doub N N 108 
GLU C   OXT  sing N N 109 
GLU CB  CG   sing N N 110 
GLU CB  HB2  sing N N 111 
GLU CB  HB3  sing N N 112 
GLU CG  CD   sing N N 113 
GLU CG  HG2  sing N N 114 
GLU CG  HG3  sing N N 115 
GLU CD  OE1  doub N N 116 
GLU CD  OE2  sing N N 117 
GLU OE2 HE2  sing N N 118 
GLU OXT HXT  sing N N 119 
GLY N   CA   sing N N 120 
GLY N   H    sing N N 121 
GLY N   H2   sing N N 122 
GLY CA  C    sing N N 123 
GLY CA  HA2  sing N N 124 
GLY CA  HA3  sing N N 125 
GLY C   O    doub N N 126 
GLY C   OXT  sing N N 127 
GLY OXT HXT  sing N N 128 
GOL C1  O1   sing N N 129 
GOL C1  C2   sing N N 130 
GOL C1  H11  sing N N 131 
GOL C1  H12  sing N N 132 
GOL O1  HO1  sing N N 133 
GOL C2  O2   sing N N 134 
GOL C2  C3   sing N N 135 
GOL C2  H2   sing N N 136 
GOL O2  HO2  sing N N 137 
GOL C3  O3   sing N N 138 
GOL C3  H31  sing N N 139 
GOL C3  H32  sing N N 140 
GOL O3  HO3  sing N N 141 
HIS N   CA   sing N N 142 
HIS N   H    sing N N 143 
HIS N   H2   sing N N 144 
HIS CA  C    sing N N 145 
HIS CA  CB   sing N N 146 
HIS CA  HA   sing N N 147 
HIS C   O    doub N N 148 
HIS C   OXT  sing N N 149 
HIS CB  CG   sing N N 150 
HIS CB  HB2  sing N N 151 
HIS CB  HB3  sing N N 152 
HIS CG  ND1  sing Y N 153 
HIS CG  CD2  doub Y N 154 
HIS ND1 CE1  doub Y N 155 
HIS ND1 HD1  sing N N 156 
HIS CD2 NE2  sing Y N 157 
HIS CD2 HD2  sing N N 158 
HIS CE1 NE2  sing Y N 159 
HIS CE1 HE1  sing N N 160 
HIS NE2 HE2  sing N N 161 
HIS OXT HXT  sing N N 162 
HOH O   H1   sing N N 163 
HOH O   H2   sing N N 164 
ILE N   CA   sing N N 165 
ILE N   H    sing N N 166 
ILE N   H2   sing N N 167 
ILE CA  C    sing N N 168 
ILE CA  CB   sing N N 169 
ILE CA  HA   sing N N 170 
ILE C   O    doub N N 171 
ILE C   OXT  sing N N 172 
ILE CB  CG1  sing N N 173 
ILE CB  CG2  sing N N 174 
ILE CB  HB   sing N N 175 
ILE CG1 CD1  sing N N 176 
ILE CG1 HG12 sing N N 177 
ILE CG1 HG13 sing N N 178 
ILE CG2 HG21 sing N N 179 
ILE CG2 HG22 sing N N 180 
ILE CG2 HG23 sing N N 181 
ILE CD1 HD11 sing N N 182 
ILE CD1 HD12 sing N N 183 
ILE CD1 HD13 sing N N 184 
ILE OXT HXT  sing N N 185 
LEU N   CA   sing N N 186 
LEU N   H    sing N N 187 
LEU N   H2   sing N N 188 
LEU CA  C    sing N N 189 
LEU CA  CB   sing N N 190 
LEU CA  HA   sing N N 191 
LEU C   O    doub N N 192 
LEU C   OXT  sing N N 193 
LEU CB  CG   sing N N 194 
LEU CB  HB2  sing N N 195 
LEU CB  HB3  sing N N 196 
LEU CG  CD1  sing N N 197 
LEU CG  CD2  sing N N 198 
LEU CG  HG   sing N N 199 
LEU CD1 HD11 sing N N 200 
LEU CD1 HD12 sing N N 201 
LEU CD1 HD13 sing N N 202 
LEU CD2 HD21 sing N N 203 
LEU CD2 HD22 sing N N 204 
LEU CD2 HD23 sing N N 205 
LEU OXT HXT  sing N N 206 
LYS N   CA   sing N N 207 
LYS N   H    sing N N 208 
LYS N   H2   sing N N 209 
LYS CA  C    sing N N 210 
LYS CA  CB   sing N N 211 
LYS CA  HA   sing N N 212 
LYS C   O    doub N N 213 
LYS C   OXT  sing N N 214 
LYS CB  CG   sing N N 215 
LYS CB  HB2  sing N N 216 
LYS CB  HB3  sing N N 217 
LYS CG  CD   sing N N 218 
LYS CG  HG2  sing N N 219 
LYS CG  HG3  sing N N 220 
LYS CD  CE   sing N N 221 
LYS CD  HD2  sing N N 222 
LYS CD  HD3  sing N N 223 
LYS CE  NZ   sing N N 224 
LYS CE  HE2  sing N N 225 
LYS CE  HE3  sing N N 226 
LYS NZ  HZ1  sing N N 227 
LYS NZ  HZ2  sing N N 228 
LYS NZ  HZ3  sing N N 229 
LYS OXT HXT  sing N N 230 
MET N   CA   sing N N 231 
MET N   H    sing N N 232 
MET N   H2   sing N N 233 
MET CA  C    sing N N 234 
MET CA  CB   sing N N 235 
MET CA  HA   sing N N 236 
MET C   O    doub N N 237 
MET C   OXT  sing N N 238 
MET CB  CG   sing N N 239 
MET CB  HB2  sing N N 240 
MET CB  HB3  sing N N 241 
MET CG  SD   sing N N 242 
MET CG  HG2  sing N N 243 
MET CG  HG3  sing N N 244 
MET SD  CE   sing N N 245 
MET CE  HE1  sing N N 246 
MET CE  HE2  sing N N 247 
MET CE  HE3  sing N N 248 
MET OXT HXT  sing N N 249 
PRO N   CA   sing N N 250 
PRO N   CD   sing N N 251 
PRO N   H    sing N N 252 
PRO CA  C    sing N N 253 
PRO CA  CB   sing N N 254 
PRO CA  HA   sing N N 255 
PRO C   O    doub N N 256 
PRO C   OXT  sing N N 257 
PRO CB  CG   sing N N 258 
PRO CB  HB2  sing N N 259 
PRO CB  HB3  sing N N 260 
PRO CG  CD   sing N N 261 
PRO CG  HG2  sing N N 262 
PRO CG  HG3  sing N N 263 
PRO CD  HD2  sing N N 264 
PRO CD  HD3  sing N N 265 
PRO OXT HXT  sing N N 266 
SER N   CA   sing N N 267 
SER N   H    sing N N 268 
SER N   H2   sing N N 269 
SER CA  C    sing N N 270 
SER CA  CB   sing N N 271 
SER CA  HA   sing N N 272 
SER C   O    doub N N 273 
SER C   OXT  sing N N 274 
SER CB  OG   sing N N 275 
SER CB  HB2  sing N N 276 
SER CB  HB3  sing N N 277 
SER OG  HG   sing N N 278 
SER OXT HXT  sing N N 279 
THR N   CA   sing N N 280 
THR N   H    sing N N 281 
THR N   H2   sing N N 282 
THR CA  C    sing N N 283 
THR CA  CB   sing N N 284 
THR CA  HA   sing N N 285 
THR C   O    doub N N 286 
THR C   OXT  sing N N 287 
THR CB  OG1  sing N N 288 
THR CB  CG2  sing N N 289 
THR CB  HB   sing N N 290 
THR OG1 HG1  sing N N 291 
THR CG2 HG21 sing N N 292 
THR CG2 HG22 sing N N 293 
THR CG2 HG23 sing N N 294 
THR OXT HXT  sing N N 295 
TRP N   CA   sing N N 296 
TRP N   H    sing N N 297 
TRP N   H2   sing N N 298 
TRP CA  C    sing N N 299 
TRP CA  CB   sing N N 300 
TRP CA  HA   sing N N 301 
TRP C   O    doub N N 302 
TRP C   OXT  sing N N 303 
TRP CB  CG   sing N N 304 
TRP CB  HB2  sing N N 305 
TRP CB  HB3  sing N N 306 
TRP CG  CD1  doub Y N 307 
TRP CG  CD2  sing Y N 308 
TRP CD1 NE1  sing Y N 309 
TRP CD1 HD1  sing N N 310 
TRP CD2 CE2  doub Y N 311 
TRP CD2 CE3  sing Y N 312 
TRP NE1 CE2  sing Y N 313 
TRP NE1 HE1  sing N N 314 
TRP CE2 CZ2  sing Y N 315 
TRP CE3 CZ3  doub Y N 316 
TRP CE3 HE3  sing N N 317 
TRP CZ2 CH2  doub Y N 318 
TRP CZ2 HZ2  sing N N 319 
TRP CZ3 CH2  sing Y N 320 
TRP CZ3 HZ3  sing N N 321 
TRP CH2 HH2  sing N N 322 
TRP OXT HXT  sing N N 323 
TYR N   CA   sing N N 324 
TYR N   H    sing N N 325 
TYR N   H2   sing N N 326 
TYR CA  C    sing N N 327 
TYR CA  CB   sing N N 328 
TYR CA  HA   sing N N 329 
TYR C   O    doub N N 330 
TYR C   OXT  sing N N 331 
TYR CB  CG   sing N N 332 
TYR CB  HB2  sing N N 333 
TYR CB  HB3  sing N N 334 
TYR CG  CD1  doub Y N 335 
TYR CG  CD2  sing Y N 336 
TYR CD1 CE1  sing Y N 337 
TYR CD1 HD1  sing N N 338 
TYR CD2 CE2  doub Y N 339 
TYR CD2 HD2  sing N N 340 
TYR CE1 CZ   doub Y N 341 
TYR CE1 HE1  sing N N 342 
TYR CE2 CZ   sing Y N 343 
TYR CE2 HE2  sing N N 344 
TYR CZ  OH   sing N N 345 
TYR OH  HH   sing N N 346 
TYR OXT HXT  sing N N 347 
VAL N   CA   sing N N 348 
VAL N   H    sing N N 349 
VAL N   H2   sing N N 350 
VAL CA  C    sing N N 351 
VAL CA  CB   sing N N 352 
VAL CA  HA   sing N N 353 
VAL C   O    doub N N 354 
VAL C   OXT  sing N N 355 
VAL CB  CG1  sing N N 356 
VAL CB  CG2  sing N N 357 
VAL CB  HB   sing N N 358 
VAL CG1 HG11 sing N N 359 
VAL CG1 HG12 sing N N 360 
VAL CG1 HG13 sing N N 361 
VAL CG2 HG21 sing N N 362 
VAL CG2 HG22 sing N N 363 
VAL CG2 HG23 sing N N 364 
VAL OXT HXT  sing N N 365 
# 
loop_
_pdbx_entity_nonpoly.entity_id 
_pdbx_entity_nonpoly.name 
_pdbx_entity_nonpoly.comp_id 
2 GLYCEROL GOL 
3 water    HOH 
# 
loop_
_pdbx_initial_refinement_model.id 
_pdbx_initial_refinement_model.entity_id_list 
_pdbx_initial_refinement_model.type 
_pdbx_initial_refinement_model.source_name 
_pdbx_initial_refinement_model.accession_code 
_pdbx_initial_refinement_model.details 
1 ? 'experimental model' PDB 1MYK 'PDB ENTRY 1MYK, 1PAR' 
2 ? 'experimental model' PDB 1PAR 'PDB ENTRY 1MYK, 1PAR' 
# 
_pdbx_reflns_twin.type         ? 
_pdbx_reflns_twin.operator     h,-k,-l 
_pdbx_reflns_twin.fraction     0.481 
_pdbx_reflns_twin.diffrn_id    1 
_pdbx_reflns_twin.crystal_id   1 
_pdbx_reflns_twin.domain_id    ? 
# 
